data_2N00
#
_entry.id   2N00
#
_entity_poly.entity_id   1
_entity_poly.type   'polypeptide(L)'
_entity_poly.pdbx_seq_one_letter_code
;MESEYREMLLLTGLDHITEEELKRFKYFALTEFQIARSTLDVADRTELADHLIQSAGAASAVTKAINIFQKLNYMHIANA
LEEKKKEAERKLMTN
;
_entity_poly.pdbx_strand_id   A
#
# COMPACT_ATOMS: atom_id res chain seq x y z
N MET A 1 -15.12 5.11 -1.85
CA MET A 1 -15.19 4.00 -0.86
C MET A 1 -13.79 3.62 -0.38
N GLU A 2 -13.72 2.60 0.47
CA GLU A 2 -12.45 2.13 1.02
C GLU A 2 -11.55 1.60 -0.08
N SER A 3 -12.16 1.06 -1.14
CA SER A 3 -11.42 0.51 -2.26
C SER A 3 -10.54 1.58 -2.93
N GLU A 4 -11.04 2.81 -2.94
CA GLU A 4 -10.31 3.92 -3.56
C GLU A 4 -9.16 4.37 -2.66
N TYR A 5 -9.33 4.22 -1.36
CA TYR A 5 -8.31 4.62 -0.39
C TYR A 5 -7.11 3.68 -0.42
N ARG A 6 -7.37 2.40 -0.64
CA ARG A 6 -6.30 1.40 -0.68
C ARG A 6 -5.61 1.36 -2.04
N GLU A 7 -6.40 1.38 -3.11
CA GLU A 7 -5.85 1.32 -4.47
C GLU A 7 -4.98 2.53 -4.77
N MET A 8 -5.52 3.72 -4.55
CA MET A 8 -4.80 4.97 -4.83
C MET A 8 -3.57 5.13 -3.95
N LEU A 9 -3.74 4.94 -2.64
CA LEU A 9 -2.64 5.09 -1.69
C LEU A 9 -1.46 4.20 -2.03
N LEU A 10 -1.74 3.02 -2.58
CA LEU A 10 -0.70 2.07 -2.93
C LEU A 10 0.01 2.46 -4.23
N LEU A 11 -0.76 2.56 -5.31
CA LEU A 11 -0.20 2.89 -6.62
C LEU A 11 0.61 4.19 -6.56
N THR A 12 0.31 5.05 -5.60
CA THR A 12 1.03 6.31 -5.45
C THR A 12 2.52 6.07 -5.23
N GLY A 13 2.84 4.97 -4.54
CA GLY A 13 4.22 4.65 -4.27
C GLY A 13 4.83 3.72 -5.31
N LEU A 14 4.06 2.72 -5.73
CA LEU A 14 4.53 1.76 -6.73
C LEU A 14 4.92 2.46 -8.02
N ASP A 15 4.18 3.50 -8.38
CA ASP A 15 4.43 4.25 -9.60
C ASP A 15 5.55 5.27 -9.42
N HIS A 16 6.07 5.39 -8.20
CA HIS A 16 7.13 6.35 -7.90
C HIS A 16 8.43 5.64 -7.49
N ILE A 17 8.36 4.33 -7.32
CA ILE A 17 9.54 3.56 -6.92
C ILE A 17 10.10 2.75 -8.08
N THR A 18 11.36 2.36 -7.97
CA THR A 18 12.02 1.58 -9.01
C THR A 18 11.81 0.08 -8.80
N GLU A 19 12.19 -0.71 -9.81
CA GLU A 19 12.04 -2.16 -9.74
C GLU A 19 12.99 -2.75 -8.70
N GLU A 20 14.17 -2.17 -8.58
CA GLU A 20 15.17 -2.65 -7.63
C GLU A 20 14.69 -2.46 -6.18
N GLU A 21 14.16 -1.27 -5.90
CA GLU A 21 13.67 -0.96 -4.56
C GLU A 21 12.35 -1.69 -4.30
N LEU A 22 11.60 -1.94 -5.35
CA LEU A 22 10.32 -2.62 -5.25
C LEU A 22 10.48 -3.98 -4.57
N LYS A 23 11.55 -4.68 -4.92
CA LYS A 23 11.82 -5.99 -4.34
C LYS A 23 11.95 -5.92 -2.82
N ARG A 24 12.41 -4.77 -2.31
CA ARG A 24 12.58 -4.60 -0.88
C ARG A 24 11.24 -4.45 -0.18
N PHE A 25 10.33 -3.69 -0.76
CA PHE A 25 9.01 -3.47 -0.18
C PHE A 25 8.26 -4.79 -0.02
N LYS A 26 8.17 -5.57 -1.08
CA LYS A 26 7.47 -6.85 -1.06
C LYS A 26 8.10 -7.80 -0.05
N TYR A 27 9.43 -7.82 0.01
CA TYR A 27 10.15 -8.69 0.92
C TYR A 27 9.98 -8.26 2.37
N PHE A 28 9.74 -6.96 2.58
CA PHE A 28 9.59 -6.44 3.94
C PHE A 28 8.19 -6.71 4.49
N ALA A 29 7.17 -6.24 3.79
CA ALA A 29 5.79 -6.43 4.23
C ALA A 29 5.34 -7.88 4.06
N LEU A 30 5.51 -8.41 2.86
CA LEU A 30 5.11 -9.79 2.58
C LEU A 30 6.30 -10.73 2.66
N THR A 31 6.52 -11.31 3.84
CA THR A 31 7.63 -12.23 4.04
C THR A 31 7.22 -13.68 3.75
N GLU A 32 6.11 -14.11 4.33
CA GLU A 32 5.63 -15.47 4.14
C GLU A 32 4.57 -15.55 3.04
N PHE A 33 4.24 -14.41 2.45
CA PHE A 33 3.24 -14.37 1.38
C PHE A 33 3.89 -14.51 0.01
N GLN A 34 5.15 -14.13 -0.09
CA GLN A 34 5.90 -14.21 -1.35
C GLN A 34 5.06 -13.77 -2.54
N ILE A 35 4.73 -12.48 -2.61
CA ILE A 35 3.93 -11.96 -3.71
C ILE A 35 4.60 -12.25 -5.06
N ALA A 36 3.79 -12.66 -6.03
CA ALA A 36 4.27 -13.00 -7.37
C ALA A 36 4.96 -11.82 -8.05
N ARG A 37 6.16 -12.05 -8.55
CA ARG A 37 6.93 -11.03 -9.24
C ARG A 37 6.28 -10.62 -10.56
N SER A 38 5.57 -11.56 -11.18
CA SER A 38 4.93 -11.30 -12.47
C SER A 38 3.74 -10.35 -12.31
N THR A 39 2.98 -10.53 -11.23
CA THR A 39 1.81 -9.70 -10.95
C THR A 39 2.20 -8.25 -10.65
N LEU A 40 3.46 -8.04 -10.32
CA LEU A 40 3.96 -6.70 -9.98
C LEU A 40 3.50 -5.64 -11.00
N ASP A 41 3.21 -6.09 -12.22
CA ASP A 41 2.77 -5.18 -13.27
C ASP A 41 1.55 -4.37 -12.84
N VAL A 42 0.48 -5.08 -12.45
CA VAL A 42 -0.75 -4.42 -12.00
C VAL A 42 -0.92 -4.55 -10.50
N ALA A 43 0.14 -4.93 -9.82
CA ALA A 43 0.10 -5.11 -8.37
C ALA A 43 -0.29 -3.84 -7.65
N ASP A 44 0.05 -2.71 -8.21
CA ASP A 44 -0.26 -1.45 -7.56
C ASP A 44 -1.76 -1.31 -7.31
N ARG A 45 -2.56 -1.46 -8.36
CA ARG A 45 -4.01 -1.33 -8.22
C ARG A 45 -4.72 -2.59 -7.69
N THR A 46 -4.62 -3.69 -8.45
CA THR A 46 -5.31 -4.94 -8.12
C THR A 46 -4.65 -5.87 -7.09
N GLU A 47 -3.42 -6.29 -7.36
CA GLU A 47 -2.76 -7.29 -6.51
C GLU A 47 -2.44 -6.83 -5.09
N LEU A 48 -1.64 -5.78 -4.96
CA LEU A 48 -1.26 -5.28 -3.63
C LEU A 48 -2.47 -4.90 -2.80
N ALA A 49 -3.45 -4.28 -3.44
CA ALA A 49 -4.64 -3.84 -2.72
C ALA A 49 -5.41 -5.01 -2.10
N ASP A 50 -5.78 -5.98 -2.93
CA ASP A 50 -6.52 -7.16 -2.45
C ASP A 50 -5.67 -8.07 -1.58
N HIS A 51 -4.38 -8.17 -1.87
CA HIS A 51 -3.47 -9.05 -1.14
C HIS A 51 -3.38 -8.70 0.34
N LEU A 52 -2.97 -7.47 0.65
CA LEU A 52 -2.82 -7.03 2.04
C LEU A 52 -4.10 -7.21 2.84
N ILE A 53 -5.25 -7.06 2.18
CA ILE A 53 -6.54 -7.21 2.86
C ILE A 53 -6.67 -8.57 3.54
N GLN A 54 -6.11 -9.60 2.90
CA GLN A 54 -6.17 -10.95 3.44
C GLN A 54 -5.24 -11.13 4.63
N SER A 55 -4.17 -10.33 4.68
CA SER A 55 -3.20 -10.43 5.77
C SER A 55 -3.75 -9.86 7.07
N ALA A 56 -4.13 -8.59 7.06
CA ALA A 56 -4.65 -7.94 8.26
C ALA A 56 -6.04 -7.33 8.02
N GLY A 57 -6.24 -6.81 6.81
CA GLY A 57 -7.52 -6.20 6.48
C GLY A 57 -7.36 -5.05 5.50
N ALA A 58 -8.47 -4.41 5.15
CA ALA A 58 -8.44 -3.30 4.21
C ALA A 58 -7.79 -2.06 4.83
N ALA A 59 -8.48 -1.45 5.78
CA ALA A 59 -7.98 -0.25 6.44
C ALA A 59 -6.77 -0.54 7.32
N SER A 60 -6.83 -1.64 8.07
CA SER A 60 -5.74 -2.02 8.98
C SER A 60 -4.41 -2.14 8.26
N ALA A 61 -4.41 -2.80 7.10
CA ALA A 61 -3.19 -3.01 6.33
C ALA A 61 -2.66 -1.71 5.73
N VAL A 62 -3.53 -0.98 5.04
CA VAL A 62 -3.14 0.29 4.41
C VAL A 62 -2.59 1.26 5.43
N THR A 63 -3.08 1.19 6.66
CA THR A 63 -2.62 2.08 7.73
C THR A 63 -1.15 1.84 8.05
N LYS A 64 -0.80 0.59 8.35
CA LYS A 64 0.57 0.25 8.68
C LYS A 64 1.46 0.30 7.44
N ALA A 65 0.85 0.11 6.27
CA ALA A 65 1.58 0.14 5.01
C ALA A 65 2.40 1.42 4.87
N ILE A 66 1.90 2.49 5.47
CA ILE A 66 2.58 3.79 5.42
C ILE A 66 3.88 3.77 6.20
N ASN A 67 3.82 3.26 7.43
CA ASN A 67 5.01 3.20 8.29
C ASN A 67 6.13 2.39 7.65
N ILE A 68 5.77 1.30 6.97
CA ILE A 68 6.76 0.44 6.32
C ILE A 68 7.33 1.07 5.06
N PHE A 69 6.44 1.51 4.17
CA PHE A 69 6.86 2.12 2.91
C PHE A 69 7.71 3.38 3.12
N GLN A 70 7.30 4.22 4.06
CA GLN A 70 8.02 5.46 4.33
C GLN A 70 9.44 5.20 4.84
N LYS A 71 9.55 4.40 5.88
CA LYS A 71 10.85 4.09 6.49
C LYS A 71 11.74 3.25 5.57
N LEU A 72 11.21 2.78 4.45
CA LEU A 72 12.01 1.92 3.57
C LEU A 72 12.50 2.59 2.28
N ASN A 73 11.66 3.38 1.63
CA ASN A 73 12.07 4.00 0.37
C ASN A 73 11.94 5.51 0.33
N TYR A 74 10.77 6.02 0.69
CA TYR A 74 10.52 7.47 0.59
C TYR A 74 9.77 8.05 1.78
N MET A 75 10.38 7.99 2.96
CA MET A 75 9.76 8.53 4.17
C MET A 75 9.27 9.97 3.94
N HIS A 76 9.82 10.62 2.92
CA HIS A 76 9.45 11.98 2.59
C HIS A 76 8.14 12.02 1.79
N ILE A 77 8.07 11.20 0.75
CA ILE A 77 6.89 11.15 -0.11
C ILE A 77 5.67 10.58 0.62
N ALA A 78 5.88 9.50 1.37
CA ALA A 78 4.80 8.87 2.12
C ALA A 78 4.08 9.86 3.02
N ASN A 79 4.81 10.85 3.50
CA ASN A 79 4.24 11.87 4.39
C ASN A 79 2.99 12.50 3.79
N ALA A 80 2.97 12.62 2.46
CA ALA A 80 1.83 13.19 1.76
C ALA A 80 0.63 12.25 1.77
N LEU A 81 0.90 10.95 1.71
CA LEU A 81 -0.17 9.94 1.69
C LEU A 81 -0.84 9.81 3.06
N GLU A 82 -0.04 9.74 4.12
CA GLU A 82 -0.57 9.58 5.47
C GLU A 82 -1.57 10.70 5.81
N GLU A 83 -1.43 11.84 5.16
CA GLU A 83 -2.32 12.97 5.39
C GLU A 83 -3.72 12.66 4.86
N LYS A 84 -3.78 11.90 3.77
CA LYS A 84 -5.05 11.53 3.16
C LYS A 84 -5.88 10.67 4.11
N LYS A 85 -5.20 9.91 4.96
CA LYS A 85 -5.87 9.03 5.92
C LYS A 85 -6.91 9.81 6.73
N LYS A 86 -6.60 11.07 7.03
CA LYS A 86 -7.50 11.93 7.79
C LYS A 86 -8.88 11.97 7.16
N GLU A 87 -8.94 12.32 5.89
CA GLU A 87 -10.21 12.39 5.15
C GLU A 87 -10.83 11.01 5.02
N ALA A 88 -9.99 9.99 4.98
CA ALA A 88 -10.45 8.61 4.84
C ALA A 88 -11.27 8.18 6.06
N GLU A 89 -10.95 8.76 7.21
CA GLU A 89 -11.65 8.43 8.45
C GLU A 89 -13.16 8.55 8.30
N ARG A 90 -13.62 9.70 7.81
CA ARG A 90 -15.05 9.93 7.62
C ARG A 90 -15.59 9.11 6.46
N LYS A 91 -14.70 8.66 5.58
CA LYS A 91 -15.10 7.86 4.43
C LYS A 91 -15.50 6.45 4.85
N LEU A 92 -15.11 6.08 6.07
CA LEU A 92 -15.43 4.75 6.60
C LEU A 92 -16.69 4.78 7.46
N MET A 93 -17.23 5.99 7.65
CA MET A 93 -18.45 6.16 8.45
C MET A 93 -19.68 6.21 7.56
N THR A 94 -19.50 5.87 6.29
CA THR A 94 -20.60 5.88 5.33
C THR A 94 -20.64 4.58 4.53
N ASN A 95 -21.80 4.31 3.92
CA ASN A 95 -21.98 3.10 3.12
C ASN A 95 -21.65 3.37 1.65
N MET A 1 -15.13 4.83 -2.01
CA MET A 1 -15.17 3.56 -1.25
C MET A 1 -13.77 3.17 -0.77
N GLU A 2 -13.69 2.08 -0.02
CA GLU A 2 -12.42 1.58 0.50
C GLU A 2 -11.52 1.10 -0.62
N SER A 3 -12.13 0.60 -1.70
CA SER A 3 -11.39 0.10 -2.84
C SER A 3 -10.57 1.20 -3.50
N GLU A 4 -11.13 2.40 -3.51
CA GLU A 4 -10.45 3.56 -4.10
C GLU A 4 -9.34 4.07 -3.19
N TYR A 5 -9.53 3.89 -1.88
CA TYR A 5 -8.55 4.35 -0.91
C TYR A 5 -7.31 3.45 -0.90
N ARG A 6 -7.51 2.16 -1.12
CA ARG A 6 -6.41 1.20 -1.13
C ARG A 6 -5.67 1.21 -2.46
N GLU A 7 -6.42 1.24 -3.55
CA GLU A 7 -5.84 1.23 -4.89
C GLU A 7 -5.01 2.48 -5.14
N MET A 8 -5.60 3.64 -4.88
CA MET A 8 -4.91 4.92 -5.10
C MET A 8 -3.72 5.10 -4.17
N LEU A 9 -3.92 4.87 -2.88
CA LEU A 9 -2.86 5.04 -1.90
C LEU A 9 -1.63 4.19 -2.23
N LEU A 10 -1.86 2.94 -2.62
CA LEU A 10 -0.76 2.04 -2.95
C LEU A 10 -0.03 2.45 -4.22
N LEU A 11 -0.75 2.48 -5.34
CA LEU A 11 -0.16 2.83 -6.62
C LEU A 11 0.61 4.15 -6.57
N THR A 12 0.26 5.01 -5.60
CA THR A 12 0.93 6.30 -5.45
C THR A 12 2.44 6.13 -5.31
N GLY A 13 2.85 5.02 -4.69
CA GLY A 13 4.26 4.77 -4.50
C GLY A 13 4.81 3.70 -5.44
N LEU A 14 3.99 2.69 -5.73
CA LEU A 14 4.42 1.60 -6.61
C LEU A 14 4.92 2.14 -7.94
N ASP A 15 4.11 2.97 -8.60
CA ASP A 15 4.48 3.54 -9.89
C ASP A 15 5.40 4.74 -9.72
N HIS A 16 5.90 4.96 -8.51
CA HIS A 16 6.78 6.08 -8.24
C HIS A 16 8.07 5.63 -7.54
N ILE A 17 8.50 4.42 -7.82
CA ILE A 17 9.72 3.88 -7.22
C ILE A 17 10.53 3.08 -8.23
N THR A 18 11.83 2.98 -8.00
CA THR A 18 12.72 2.25 -8.90
C THR A 18 12.38 0.76 -8.92
N GLU A 19 12.97 0.05 -9.86
CA GLU A 19 12.74 -1.38 -10.00
C GLU A 19 13.35 -2.16 -8.84
N GLU A 20 14.55 -1.75 -8.43
CA GLU A 20 15.24 -2.42 -7.33
C GLU A 20 14.45 -2.29 -6.03
N GLU A 21 13.92 -1.11 -5.78
CA GLU A 21 13.14 -0.86 -4.56
C GLU A 21 11.75 -1.50 -4.67
N LEU A 22 11.25 -1.61 -5.89
CA LEU A 22 9.95 -2.20 -6.14
C LEU A 22 9.84 -3.60 -5.56
N LYS A 23 10.87 -4.41 -5.78
CA LYS A 23 10.90 -5.78 -5.28
C LYS A 23 11.21 -5.82 -3.80
N ARG A 24 11.98 -4.84 -3.32
CA ARG A 24 12.36 -4.77 -1.92
C ARG A 24 11.14 -4.63 -1.02
N PHE A 25 10.21 -3.77 -1.43
CA PHE A 25 9.00 -3.53 -0.67
C PHE A 25 8.22 -4.81 -0.42
N LYS A 26 7.92 -5.54 -1.49
CA LYS A 26 7.17 -6.79 -1.40
C LYS A 26 7.89 -7.81 -0.51
N TYR A 27 9.22 -7.74 -0.49
CA TYR A 27 10.01 -8.66 0.31
C TYR A 27 9.90 -8.36 1.81
N PHE A 28 9.78 -7.08 2.14
CA PHE A 28 9.68 -6.66 3.53
C PHE A 28 8.26 -6.86 4.07
N ALA A 29 7.27 -6.33 3.35
CA ALA A 29 5.88 -6.46 3.78
C ALA A 29 5.44 -7.92 3.80
N LEU A 30 5.64 -8.61 2.68
CA LEU A 30 5.27 -10.02 2.60
C LEU A 30 6.48 -10.92 2.85
N THR A 31 6.69 -11.30 4.10
CA THR A 31 7.81 -12.15 4.46
C THR A 31 7.44 -13.63 4.40
N GLU A 32 6.33 -13.96 5.05
CA GLU A 32 5.86 -15.35 5.08
C GLU A 32 4.79 -15.58 4.01
N PHE A 33 4.24 -14.49 3.47
CA PHE A 33 3.21 -14.60 2.45
C PHE A 33 3.80 -14.90 1.08
N GLN A 34 5.08 -14.54 0.91
CA GLN A 34 5.78 -14.77 -0.36
C GLN A 34 4.91 -14.38 -1.55
N ILE A 35 4.62 -13.09 -1.65
CA ILE A 35 3.79 -12.58 -2.74
C ILE A 35 4.52 -12.75 -4.08
N ALA A 36 3.79 -13.21 -5.09
CA ALA A 36 4.36 -13.43 -6.42
C ALA A 36 4.88 -12.13 -7.03
N ARG A 37 6.16 -12.12 -7.38
CA ARG A 37 6.79 -10.94 -7.98
C ARG A 37 6.22 -10.66 -9.37
N SER A 38 5.68 -11.70 -10.00
CA SER A 38 5.11 -11.56 -11.34
C SER A 38 3.90 -10.63 -11.32
N THR A 39 3.21 -10.59 -10.18
CA THR A 39 2.02 -9.74 -10.03
C THR A 39 2.34 -8.27 -10.26
N LEU A 40 3.63 -7.92 -10.18
CA LEU A 40 4.08 -6.54 -10.36
C LEU A 40 3.48 -5.90 -11.62
N ASP A 41 3.00 -6.71 -12.54
CA ASP A 41 2.41 -6.20 -13.78
C ASP A 41 1.31 -5.19 -13.47
N VAL A 42 0.48 -5.50 -12.48
CA VAL A 42 -0.62 -4.63 -12.08
C VAL A 42 -0.79 -4.67 -10.57
N ALA A 43 0.23 -5.19 -9.89
CA ALA A 43 0.22 -5.31 -8.43
C ALA A 43 -0.24 -4.05 -7.73
N ASP A 44 0.16 -2.90 -8.24
CA ASP A 44 -0.19 -1.65 -7.58
C ASP A 44 -1.70 -1.49 -7.43
N ARG A 45 -2.45 -1.57 -8.52
CA ARG A 45 -3.90 -1.41 -8.44
C ARG A 45 -4.68 -2.66 -8.00
N THR A 46 -4.60 -3.74 -8.79
CA THR A 46 -5.37 -4.96 -8.52
C THR A 46 -4.81 -5.97 -7.52
N GLU A 47 -3.61 -6.48 -7.80
CA GLU A 47 -3.02 -7.56 -6.98
C GLU A 47 -2.58 -7.17 -5.56
N LEU A 48 -1.67 -6.23 -5.43
CA LEU A 48 -1.17 -5.84 -4.11
C LEU A 48 -2.29 -5.33 -3.21
N ALA A 49 -3.25 -4.64 -3.79
CA ALA A 49 -4.36 -4.09 -3.01
C ALA A 49 -5.19 -5.18 -2.36
N ASP A 50 -5.68 -6.12 -3.17
CA ASP A 50 -6.50 -7.22 -2.67
C ASP A 50 -5.69 -8.19 -1.81
N HIS A 51 -4.43 -8.40 -2.18
CA HIS A 51 -3.56 -9.32 -1.46
C HIS A 51 -3.39 -8.94 0.01
N LEU A 52 -2.93 -7.72 0.27
CA LEU A 52 -2.71 -7.26 1.64
C LEU A 52 -3.97 -7.42 2.49
N ILE A 53 -5.15 -7.28 1.87
CA ILE A 53 -6.41 -7.40 2.58
C ILE A 53 -6.54 -8.80 3.20
N GLN A 54 -5.95 -9.79 2.54
CA GLN A 54 -6.00 -11.16 3.00
C GLN A 54 -5.09 -11.36 4.23
N SER A 55 -4.05 -10.55 4.33
CA SER A 55 -3.12 -10.65 5.45
C SER A 55 -3.65 -9.96 6.71
N ALA A 56 -3.97 -8.67 6.60
CA ALA A 56 -4.49 -7.92 7.74
C ALA A 56 -5.86 -7.32 7.47
N GLY A 57 -6.09 -6.90 6.23
CA GLY A 57 -7.38 -6.31 5.88
C GLY A 57 -7.23 -5.09 4.99
N ALA A 58 -8.34 -4.48 4.64
CA ALA A 58 -8.32 -3.30 3.77
C ALA A 58 -7.77 -2.08 4.49
N ALA A 59 -8.54 -1.54 5.43
CA ALA A 59 -8.14 -0.36 6.18
C ALA A 59 -6.95 -0.65 7.09
N SER A 60 -6.89 -1.86 7.62
CA SER A 60 -5.82 -2.25 8.53
C SER A 60 -4.45 -2.30 7.83
N ALA A 61 -4.38 -3.02 6.70
CA ALA A 61 -3.13 -3.16 5.98
C ALA A 61 -2.70 -1.87 5.27
N VAL A 62 -3.65 -1.20 4.61
CA VAL A 62 -3.34 0.03 3.89
C VAL A 62 -2.76 1.10 4.81
N THR A 63 -3.18 1.12 6.07
CA THR A 63 -2.69 2.10 7.03
C THR A 63 -1.26 1.79 7.47
N LYS A 64 -1.03 0.54 7.88
CA LYS A 64 0.30 0.13 8.34
C LYS A 64 1.29 0.08 7.16
N ALA A 65 0.76 -0.05 5.95
CA ALA A 65 1.60 -0.11 4.76
C ALA A 65 2.44 1.16 4.61
N ILE A 66 1.90 2.28 5.07
CA ILE A 66 2.58 3.56 4.99
C ILE A 66 3.85 3.56 5.85
N ASN A 67 3.72 3.03 7.07
CA ASN A 67 4.85 2.99 8.00
C ASN A 67 6.04 2.22 7.42
N ILE A 68 5.75 1.15 6.70
CA ILE A 68 6.80 0.32 6.11
C ILE A 68 7.41 1.00 4.88
N PHE A 69 6.56 1.39 3.95
CA PHE A 69 7.00 2.03 2.71
C PHE A 69 7.84 3.27 2.97
N GLN A 70 7.48 4.05 3.99
CA GLN A 70 8.20 5.26 4.31
C GLN A 70 9.60 4.97 4.83
N LYS A 71 9.68 4.16 5.88
CA LYS A 71 10.94 3.81 6.50
C LYS A 71 11.82 2.96 5.59
N LEU A 72 11.29 2.52 4.45
CA LEU A 72 12.06 1.66 3.56
C LEU A 72 12.53 2.33 2.26
N ASN A 73 11.67 3.13 1.65
CA ASN A 73 12.05 3.76 0.38
C ASN A 73 11.95 5.28 0.36
N TYR A 74 10.81 5.82 0.78
CA TYR A 74 10.60 7.27 0.73
C TYR A 74 9.95 7.85 1.98
N MET A 75 10.63 7.74 3.12
CA MET A 75 10.10 8.28 4.37
C MET A 75 9.68 9.73 4.20
N HIS A 76 10.23 10.39 3.18
CA HIS A 76 9.92 11.79 2.91
C HIS A 76 8.60 11.94 2.15
N ILE A 77 8.46 11.20 1.04
CA ILE A 77 7.26 11.26 0.21
C ILE A 77 6.04 10.73 0.95
N ALA A 78 6.18 9.57 1.57
CA ALA A 78 5.08 8.95 2.30
C ALA A 78 4.47 9.90 3.32
N ASN A 79 5.30 10.79 3.87
CA ASN A 79 4.83 11.75 4.86
C ASN A 79 3.65 12.57 4.33
N ALA A 80 3.73 12.93 3.06
CA ALA A 80 2.66 13.71 2.42
C ALA A 80 1.42 12.85 2.18
N LEU A 81 1.64 11.58 1.90
CA LEU A 81 0.54 10.65 1.63
C LEU A 81 -0.24 10.30 2.89
N GLU A 82 0.46 10.05 3.98
CA GLU A 82 -0.19 9.70 5.25
C GLU A 82 -1.13 10.80 5.72
N GLU A 83 -0.86 12.03 5.29
CA GLU A 83 -1.70 13.17 5.67
C GLU A 83 -3.13 12.97 5.20
N LYS A 84 -3.29 12.34 4.05
CA LYS A 84 -4.60 12.09 3.46
C LYS A 84 -5.47 11.25 4.40
N LYS A 85 -4.83 10.42 5.23
CA LYS A 85 -5.53 9.56 6.17
C LYS A 85 -6.55 10.33 6.99
N LYS A 86 -6.24 11.58 7.33
CA LYS A 86 -7.15 12.41 8.12
C LYS A 86 -8.54 12.44 7.49
N GLU A 87 -8.59 12.48 6.15
CA GLU A 87 -9.85 12.51 5.43
C GLU A 87 -10.48 11.13 5.38
N ALA A 88 -9.64 10.10 5.39
CA ALA A 88 -10.13 8.72 5.34
C ALA A 88 -11.05 8.40 6.51
N GLU A 89 -10.83 9.09 7.63
CA GLU A 89 -11.64 8.88 8.83
C GLU A 89 -13.14 9.01 8.53
N ARG A 90 -13.53 10.14 7.95
CA ARG A 90 -14.93 10.38 7.62
C ARG A 90 -15.39 9.49 6.48
N LYS A 91 -14.46 9.11 5.61
CA LYS A 91 -14.77 8.25 4.47
C LYS A 91 -15.26 6.89 4.94
N LEU A 92 -14.88 6.50 6.15
CA LEU A 92 -15.29 5.22 6.71
C LEU A 92 -16.30 5.41 7.83
N MET A 93 -16.50 6.66 8.26
CA MET A 93 -17.43 6.96 9.33
C MET A 93 -18.84 7.17 8.77
N THR A 94 -18.92 7.54 7.49
CA THR A 94 -20.20 7.77 6.84
C THR A 94 -21.07 6.52 6.87
N ASN A 95 -22.37 6.72 7.03
CA ASN A 95 -23.32 5.61 7.08
C ASN A 95 -24.13 5.52 5.79
N MET A 1 -15.50 5.25 -1.63
CA MET A 1 -15.44 3.81 -1.24
C MET A 1 -14.08 3.46 -0.65
N GLU A 2 -14.08 2.50 0.27
CA GLU A 2 -12.83 2.07 0.92
C GLU A 2 -11.89 1.46 -0.10
N SER A 3 -12.45 0.86 -1.15
CA SER A 3 -11.65 0.23 -2.19
C SER A 3 -10.74 1.24 -2.85
N GLU A 4 -11.21 2.48 -2.99
CA GLU A 4 -10.43 3.54 -3.60
C GLU A 4 -9.33 4.03 -2.65
N TYR A 5 -9.60 3.94 -1.35
CA TYR A 5 -8.63 4.37 -0.35
C TYR A 5 -7.42 3.45 -0.31
N ARG A 6 -7.66 2.15 -0.47
CA ARG A 6 -6.59 1.17 -0.46
C ARG A 6 -5.90 1.08 -1.82
N GLU A 7 -6.67 1.28 -2.88
CA GLU A 7 -6.14 1.21 -4.25
C GLU A 7 -5.24 2.40 -4.57
N MET A 8 -5.73 3.60 -4.27
CA MET A 8 -4.99 4.83 -4.53
C MET A 8 -3.76 4.96 -3.64
N LEU A 9 -3.95 4.77 -2.34
CA LEU A 9 -2.85 4.89 -1.37
C LEU A 9 -1.69 3.97 -1.71
N LEU A 10 -2.00 2.77 -2.19
CA LEU A 10 -0.96 1.80 -2.53
C LEU A 10 -0.26 2.16 -3.83
N LEU A 11 -1.04 2.37 -4.89
CA LEU A 11 -0.48 2.69 -6.20
C LEU A 11 0.29 4.02 -6.18
N THR A 12 -0.02 4.88 -5.22
CA THR A 12 0.65 6.16 -5.10
C THR A 12 2.17 5.99 -5.01
N GLY A 13 2.61 4.94 -4.33
CA GLY A 13 4.03 4.69 -4.18
C GLY A 13 4.59 3.73 -5.22
N LEU A 14 3.81 2.71 -5.57
CA LEU A 14 4.25 1.72 -6.57
C LEU A 14 4.60 2.38 -7.89
N ASP A 15 3.73 3.29 -8.34
CA ASP A 15 3.94 3.98 -9.61
C ASP A 15 4.93 5.15 -9.45
N HIS A 16 5.59 5.22 -8.30
CA HIS A 16 6.55 6.29 -8.04
C HIS A 16 7.93 5.73 -7.69
N ILE A 17 7.97 4.47 -7.29
CA ILE A 17 9.24 3.83 -6.93
C ILE A 17 9.84 3.09 -8.11
N THR A 18 11.15 2.84 -8.04
CA THR A 18 11.86 2.14 -9.10
C THR A 18 11.62 0.64 -9.03
N GLU A 19 12.04 -0.07 -10.07
CA GLU A 19 11.86 -1.53 -10.14
C GLU A 19 12.74 -2.23 -9.11
N GLU A 20 13.98 -1.75 -8.94
CA GLU A 20 14.91 -2.35 -8.00
C GLU A 20 14.39 -2.23 -6.56
N GLU A 21 13.89 -1.05 -6.22
CA GLU A 21 13.36 -0.80 -4.88
C GLU A 21 12.01 -1.48 -4.71
N LEU A 22 11.28 -1.63 -5.82
CA LEU A 22 9.96 -2.24 -5.79
C LEU A 22 10.02 -3.64 -5.17
N LYS A 23 10.98 -4.45 -5.61
CA LYS A 23 11.14 -5.81 -5.10
C LYS A 23 11.46 -5.79 -3.60
N ARG A 24 12.17 -4.76 -3.16
CA ARG A 24 12.55 -4.63 -1.76
C ARG A 24 11.32 -4.46 -0.87
N PHE A 25 10.33 -3.73 -1.38
CA PHE A 25 9.09 -3.48 -0.63
C PHE A 25 8.38 -4.79 -0.31
N LYS A 26 8.07 -5.57 -1.35
CA LYS A 26 7.38 -6.84 -1.16
C LYS A 26 8.19 -7.79 -0.30
N TYR A 27 9.50 -7.69 -0.38
CA TYR A 27 10.38 -8.55 0.41
C TYR A 27 10.28 -8.23 1.90
N PHE A 28 10.06 -6.96 2.21
CA PHE A 28 9.96 -6.51 3.59
C PHE A 28 8.58 -6.78 4.18
N ALA A 29 7.54 -6.30 3.50
CA ALA A 29 6.17 -6.48 3.97
C ALA A 29 5.71 -7.93 3.81
N LEU A 30 5.87 -8.47 2.61
CA LEU A 30 5.46 -9.84 2.33
C LEU A 30 6.64 -10.79 2.44
N THR A 31 6.84 -11.33 3.64
CA THR A 31 7.93 -12.26 3.88
C THR A 31 7.49 -13.71 3.67
N GLU A 32 6.37 -14.06 4.29
CA GLU A 32 5.82 -15.41 4.17
C GLU A 32 4.77 -15.50 3.08
N PHE A 33 4.34 -14.36 2.56
CA PHE A 33 3.31 -14.34 1.51
C PHE A 33 3.93 -14.57 0.14
N GLN A 34 5.21 -14.21 0.00
CA GLN A 34 5.95 -14.39 -1.26
C GLN A 34 5.10 -14.03 -2.48
N ILE A 35 4.80 -12.73 -2.62
CA ILE A 35 4.00 -12.27 -3.75
C ILE A 35 4.75 -12.47 -5.07
N ALA A 36 4.02 -12.97 -6.09
CA ALA A 36 4.60 -13.22 -7.40
C ALA A 36 5.14 -11.94 -8.05
N ARG A 37 6.36 -12.03 -8.57
CA ARG A 37 7.00 -10.90 -9.23
C ARG A 37 6.29 -10.53 -10.53
N SER A 38 5.53 -11.48 -11.07
CA SER A 38 4.81 -11.26 -12.32
C SER A 38 3.61 -10.32 -12.11
N THR A 39 2.99 -10.41 -10.94
CA THR A 39 1.83 -9.59 -10.62
C THR A 39 2.21 -8.12 -10.42
N LEU A 40 3.50 -7.88 -10.20
CA LEU A 40 4.00 -6.52 -9.96
C LEU A 40 3.52 -5.55 -11.05
N ASP A 41 3.08 -6.08 -12.19
CA ASP A 41 2.59 -5.25 -13.28
C ASP A 41 1.40 -4.41 -12.85
N VAL A 42 0.43 -5.06 -12.21
CA VAL A 42 -0.76 -4.38 -11.73
C VAL A 42 -0.94 -4.57 -10.22
N ALA A 43 0.12 -5.03 -9.58
CA ALA A 43 0.09 -5.28 -8.15
C ALA A 43 -0.34 -4.06 -7.35
N ASP A 44 -0.04 -2.89 -7.86
CA ASP A 44 -0.37 -1.67 -7.13
C ASP A 44 -1.87 -1.56 -6.84
N ARG A 45 -2.70 -1.64 -7.88
CA ARG A 45 -4.14 -1.51 -7.68
C ARG A 45 -4.86 -2.79 -7.19
N THR A 46 -4.79 -3.85 -7.99
CA THR A 46 -5.50 -5.10 -7.70
C THR A 46 -4.83 -6.08 -6.72
N GLU A 47 -3.60 -6.49 -7.03
CA GLU A 47 -2.91 -7.51 -6.23
C GLU A 47 -2.50 -7.09 -4.82
N LEU A 48 -1.64 -6.08 -4.71
CA LEU A 48 -1.16 -5.62 -3.41
C LEU A 48 -2.30 -5.16 -2.51
N ALA A 49 -3.13 -4.27 -3.02
CA ALA A 49 -4.25 -3.74 -2.25
C ALA A 49 -5.10 -4.85 -1.63
N ASP A 50 -5.58 -5.77 -2.47
CA ASP A 50 -6.42 -6.87 -2.01
C ASP A 50 -5.65 -7.87 -1.13
N HIS A 51 -4.38 -8.08 -1.43
CA HIS A 51 -3.56 -9.04 -0.69
C HIS A 51 -3.33 -8.61 0.76
N LEU A 52 -2.76 -7.42 0.95
CA LEU A 52 -2.46 -6.91 2.29
C LEU A 52 -3.66 -7.01 3.22
N ILE A 53 -4.87 -6.86 2.67
CA ILE A 53 -6.09 -6.93 3.47
C ILE A 53 -6.17 -8.25 4.24
N GLN A 54 -5.76 -9.34 3.60
CA GLN A 54 -5.80 -10.66 4.23
C GLN A 54 -4.86 -10.73 5.42
N SER A 55 -3.80 -9.93 5.40
CA SER A 55 -2.81 -9.93 6.47
C SER A 55 -3.39 -9.39 7.77
N ALA A 56 -3.88 -8.15 7.75
CA ALA A 56 -4.45 -7.52 8.94
C ALA A 56 -5.87 -7.05 8.70
N GLY A 57 -6.14 -6.59 7.49
CA GLY A 57 -7.48 -6.11 7.15
C GLY A 57 -7.42 -4.96 6.17
N ALA A 58 -8.58 -4.41 5.84
CA ALA A 58 -8.66 -3.29 4.90
C ALA A 58 -8.03 -2.03 5.50
N ALA A 59 -8.69 -1.45 6.49
CA ALA A 59 -8.20 -0.24 7.15
C ALA A 59 -6.94 -0.51 7.96
N SER A 60 -6.85 -1.71 8.53
CA SER A 60 -5.71 -2.08 9.37
C SER A 60 -4.40 -2.17 8.57
N ALA A 61 -4.44 -2.84 7.43
CA ALA A 61 -3.25 -3.02 6.60
C ALA A 61 -2.82 -1.74 5.90
N VAL A 62 -3.78 -1.03 5.30
CA VAL A 62 -3.48 0.21 4.58
C VAL A 62 -2.80 1.24 5.48
N THR A 63 -3.16 1.26 6.75
CA THR A 63 -2.57 2.22 7.69
C THR A 63 -1.12 1.89 8.01
N LYS A 64 -0.88 0.67 8.48
CA LYS A 64 0.48 0.24 8.81
C LYS A 64 1.38 0.18 7.59
N ALA A 65 0.76 0.04 6.42
CA ALA A 65 1.51 -0.04 5.16
C ALA A 65 2.34 1.22 4.93
N ILE A 66 1.83 2.35 5.43
CA ILE A 66 2.52 3.62 5.27
C ILE A 66 3.87 3.63 6.01
N ASN A 67 3.87 3.10 7.22
CA ASN A 67 5.09 3.05 8.03
C ASN A 67 6.17 2.18 7.40
N ILE A 68 5.75 1.08 6.77
CA ILE A 68 6.69 0.16 6.13
C ILE A 68 7.27 0.74 4.84
N PHE A 69 6.39 1.21 3.97
CA PHE A 69 6.79 1.78 2.68
C PHE A 69 7.67 3.01 2.84
N GLN A 70 7.33 3.88 3.78
CA GLN A 70 8.08 5.12 3.99
C GLN A 70 9.51 4.85 4.48
N LYS A 71 9.63 4.19 5.61
CA LYS A 71 10.94 3.92 6.21
C LYS A 71 11.81 3.01 5.35
N LEU A 72 11.25 2.46 4.27
CA LEU A 72 12.02 1.54 3.44
C LEU A 72 12.60 2.17 2.17
N ASN A 73 11.84 3.03 1.50
CA ASN A 73 12.34 3.62 0.26
C ASN A 73 12.32 5.15 0.24
N TYR A 74 11.16 5.73 0.56
CA TYR A 74 11.02 7.19 0.50
C TYR A 74 10.23 7.76 1.68
N MET A 75 10.76 7.60 2.88
CA MET A 75 10.10 8.11 4.09
C MET A 75 9.73 9.59 3.96
N HIS A 76 10.26 10.26 2.93
CA HIS A 76 9.98 11.68 2.72
C HIS A 76 8.64 11.91 2.02
N ILE A 77 8.41 11.23 0.90
CA ILE A 77 7.17 11.38 0.15
C ILE A 77 5.98 10.73 0.86
N ALA A 78 6.17 9.51 1.32
CA ALA A 78 5.11 8.77 2.01
C ALA A 78 4.64 9.51 3.26
N ASN A 79 5.54 10.26 3.88
CA ASN A 79 5.20 11.01 5.08
C ASN A 79 3.99 11.91 4.86
N ALA A 80 3.97 12.61 3.74
CA ALA A 80 2.87 13.50 3.40
C ALA A 80 1.61 12.72 3.02
N LEU A 81 1.81 11.55 2.40
CA LEU A 81 0.70 10.71 1.95
C LEU A 81 -0.20 10.27 3.11
N GLU A 82 0.39 10.04 4.28
CA GLU A 82 -0.38 9.59 5.45
C GLU A 82 -1.48 10.58 5.81
N GLU A 83 -1.29 11.84 5.45
CA GLU A 83 -2.27 12.89 5.75
C GLU A 83 -3.63 12.55 5.12
N LYS A 84 -3.60 11.89 3.97
CA LYS A 84 -4.82 11.52 3.27
C LYS A 84 -5.78 10.75 4.18
N LYS A 85 -5.22 10.02 5.15
CA LYS A 85 -6.02 9.24 6.09
C LYS A 85 -7.04 10.13 6.81
N LYS A 86 -6.65 11.36 7.07
CA LYS A 86 -7.53 12.31 7.76
C LYS A 86 -8.86 12.46 7.03
N GLU A 87 -8.79 12.59 5.71
CA GLU A 87 -9.98 12.73 4.89
C GLU A 87 -10.69 11.39 4.71
N ALA A 88 -9.92 10.31 4.77
CA ALA A 88 -10.45 8.96 4.61
C ALA A 88 -11.47 8.62 5.69
N GLU A 89 -11.33 9.25 6.86
CA GLU A 89 -12.23 9.00 7.98
C GLU A 89 -13.70 9.11 7.58
N ARG A 90 -14.04 10.17 6.85
CA ARG A 90 -15.42 10.37 6.42
C ARG A 90 -15.79 9.39 5.31
N LYS A 91 -14.79 8.86 4.63
CA LYS A 91 -15.02 7.91 3.54
C LYS A 91 -15.38 6.53 4.08
N LEU A 92 -15.16 6.33 5.38
CA LEU A 92 -15.47 5.06 6.02
C LEU A 92 -16.77 5.15 6.82
N MET A 93 -17.48 6.25 6.66
CA MET A 93 -18.75 6.45 7.37
C MET A 93 -19.94 6.28 6.43
N THR A 94 -19.66 6.20 5.14
CA THR A 94 -20.71 6.03 4.16
C THR A 94 -21.26 4.60 4.17
N ASN A 95 -22.57 4.47 4.15
CA ASN A 95 -23.22 3.17 4.16
C ASN A 95 -23.49 2.67 2.75
N MET A 1 -14.59 5.69 -1.34
CA MET A 1 -14.82 4.33 -0.79
C MET A 1 -13.51 3.70 -0.34
N GLU A 2 -13.60 2.57 0.36
CA GLU A 2 -12.41 1.87 0.84
C GLU A 2 -11.55 1.39 -0.32
N SER A 3 -12.21 1.02 -1.43
CA SER A 3 -11.50 0.54 -2.62
C SER A 3 -10.57 1.62 -3.17
N GLU A 4 -11.05 2.86 -3.18
CA GLU A 4 -10.25 3.98 -3.69
C GLU A 4 -9.17 4.37 -2.68
N TYR A 5 -9.45 4.16 -1.41
CA TYR A 5 -8.49 4.50 -0.35
C TYR A 5 -7.30 3.56 -0.36
N ARG A 6 -7.54 2.28 -0.67
CA ARG A 6 -6.49 1.29 -0.69
C ARG A 6 -5.72 1.32 -2.01
N GLU A 7 -6.45 1.36 -3.12
CA GLU A 7 -5.84 1.38 -4.45
C GLU A 7 -4.96 2.62 -4.66
N MET A 8 -5.52 3.79 -4.36
CA MET A 8 -4.80 5.04 -4.53
C MET A 8 -3.59 5.14 -3.60
N LEU A 9 -3.81 4.88 -2.32
CA LEU A 9 -2.73 4.96 -1.33
C LEU A 9 -1.56 4.04 -1.68
N LEU A 10 -1.86 2.91 -2.30
CA LEU A 10 -0.82 1.94 -2.66
C LEU A 10 -0.11 2.34 -3.95
N LEU A 11 -0.87 2.55 -5.01
CA LEU A 11 -0.29 2.90 -6.31
C LEU A 11 0.53 4.19 -6.23
N THR A 12 0.18 5.07 -5.29
CA THR A 12 0.90 6.33 -5.13
C THR A 12 2.36 6.09 -4.74
N GLY A 13 2.70 4.85 -4.42
CA GLY A 13 4.06 4.52 -4.04
C GLY A 13 4.68 3.49 -4.96
N LEU A 14 3.89 2.52 -5.41
CA LEU A 14 4.39 1.47 -6.31
C LEU A 14 4.69 2.05 -7.69
N ASP A 15 3.78 2.86 -8.21
CA ASP A 15 3.94 3.46 -9.52
C ASP A 15 4.84 4.70 -9.48
N HIS A 16 5.51 4.91 -8.35
CA HIS A 16 6.40 6.05 -8.20
C HIS A 16 7.85 5.61 -8.01
N ILE A 17 8.03 4.41 -7.48
CA ILE A 17 9.37 3.88 -7.23
C ILE A 17 9.86 3.04 -8.42
N THR A 18 11.16 2.77 -8.44
CA THR A 18 11.77 2.00 -9.51
C THR A 18 11.45 0.51 -9.38
N GLU A 19 11.69 -0.23 -10.46
CA GLU A 19 11.44 -1.67 -10.49
C GLU A 19 12.24 -2.40 -9.43
N GLU A 20 13.52 -2.05 -9.30
CA GLU A 20 14.40 -2.68 -8.33
C GLU A 20 13.88 -2.51 -6.91
N GLU A 21 13.28 -1.35 -6.64
CA GLU A 21 12.74 -1.06 -5.31
C GLU A 21 11.42 -1.80 -5.08
N LEU A 22 10.69 -2.06 -6.16
CA LEU A 22 9.41 -2.75 -6.07
C LEU A 22 9.53 -4.06 -5.30
N LYS A 23 10.52 -4.87 -5.67
CA LYS A 23 10.73 -6.16 -5.01
C LYS A 23 11.22 -5.98 -3.58
N ARG A 24 11.96 -4.90 -3.34
CA ARG A 24 12.50 -4.61 -2.02
C ARG A 24 11.38 -4.45 -1.00
N PHE A 25 10.37 -3.67 -1.35
CA PHE A 25 9.24 -3.42 -0.46
C PHE A 25 8.35 -4.66 -0.33
N LYS A 26 8.10 -5.32 -1.46
CA LYS A 26 7.26 -6.52 -1.47
C LYS A 26 7.86 -7.60 -0.57
N TYR A 27 9.17 -7.70 -0.60
CA TYR A 27 9.89 -8.70 0.20
C TYR A 27 9.85 -8.35 1.69
N PHE A 28 9.78 -7.06 2.00
CA PHE A 28 9.76 -6.60 3.37
C PHE A 28 8.39 -6.84 4.02
N ALA A 29 7.35 -6.32 3.37
CA ALA A 29 5.99 -6.47 3.89
C ALA A 29 5.54 -7.93 3.84
N LEU A 30 5.69 -8.54 2.67
CA LEU A 30 5.30 -9.94 2.49
C LEU A 30 6.50 -10.87 2.65
N THR A 31 6.72 -11.33 3.88
CA THR A 31 7.84 -12.23 4.16
C THR A 31 7.42 -13.69 4.01
N GLU A 32 6.26 -14.03 4.58
CA GLU A 32 5.76 -15.39 4.52
C GLU A 32 4.79 -15.57 3.36
N PHE A 33 4.28 -14.47 2.82
CA PHE A 33 3.34 -14.52 1.72
C PHE A 33 4.06 -14.67 0.38
N GLN A 34 5.32 -14.22 0.35
CA GLN A 34 6.15 -14.32 -0.85
C GLN A 34 5.36 -14.00 -2.13
N ILE A 35 4.96 -12.73 -2.28
CA ILE A 35 4.20 -12.33 -3.47
C ILE A 35 5.09 -12.40 -4.71
N ALA A 36 4.56 -13.02 -5.77
CA ALA A 36 5.30 -13.18 -7.02
C ALA A 36 5.75 -11.83 -7.57
N ARG A 37 6.98 -11.80 -8.11
CA ARG A 37 7.54 -10.59 -8.68
C ARG A 37 6.78 -10.16 -9.92
N SER A 38 6.31 -11.14 -10.69
CA SER A 38 5.56 -10.86 -11.91
C SER A 38 4.27 -10.11 -11.59
N THR A 39 3.74 -10.32 -10.39
CA THR A 39 2.52 -9.67 -9.95
C THR A 39 2.65 -8.15 -10.00
N LEU A 40 3.88 -7.66 -10.00
CA LEU A 40 4.15 -6.22 -10.02
C LEU A 40 3.54 -5.55 -11.25
N ASP A 41 3.07 -6.37 -12.21
CA ASP A 41 2.46 -5.85 -13.43
C ASP A 41 1.26 -4.97 -13.09
N VAL A 42 0.49 -5.38 -12.10
CA VAL A 42 -0.70 -4.64 -11.67
C VAL A 42 -0.87 -4.72 -10.17
N ALA A 43 0.17 -5.16 -9.49
CA ALA A 43 0.15 -5.30 -8.03
C ALA A 43 -0.32 -4.03 -7.33
N ASP A 44 0.08 -2.89 -7.86
CA ASP A 44 -0.25 -1.63 -7.21
C ASP A 44 -1.76 -1.43 -7.03
N ARG A 45 -2.54 -1.53 -8.11
CA ARG A 45 -3.98 -1.31 -8.00
C ARG A 45 -4.79 -2.51 -7.48
N THR A 46 -4.78 -3.62 -8.22
CA THR A 46 -5.59 -4.80 -7.90
C THR A 46 -5.02 -5.80 -6.88
N GLU A 47 -3.85 -6.35 -7.18
CA GLU A 47 -3.27 -7.41 -6.35
C GLU A 47 -2.76 -6.99 -4.97
N LEU A 48 -1.80 -6.07 -4.91
CA LEU A 48 -1.24 -5.65 -3.63
C LEU A 48 -2.31 -5.09 -2.71
N ALA A 49 -3.22 -4.30 -3.26
CA ALA A 49 -4.29 -3.69 -2.47
C ALA A 49 -5.17 -4.74 -1.80
N ASP A 50 -5.71 -5.66 -2.60
CA ASP A 50 -6.59 -6.71 -2.07
C ASP A 50 -5.83 -7.71 -1.20
N HIS A 51 -4.59 -8.00 -1.57
CA HIS A 51 -3.77 -8.97 -0.83
C HIS A 51 -3.57 -8.57 0.63
N LEU A 52 -3.02 -7.38 0.85
CA LEU A 52 -2.74 -6.89 2.19
C LEU A 52 -3.99 -6.95 3.09
N ILE A 53 -5.17 -6.77 2.49
CA ILE A 53 -6.42 -6.80 3.24
C ILE A 53 -6.58 -8.12 4.01
N GLN A 54 -6.15 -9.21 3.39
CA GLN A 54 -6.25 -10.52 4.02
C GLN A 54 -5.21 -10.70 5.12
N SER A 55 -4.09 -9.98 4.99
CA SER A 55 -3.01 -10.07 5.97
C SER A 55 -3.44 -9.53 7.34
N ALA A 56 -3.88 -8.27 7.38
CA ALA A 56 -4.30 -7.66 8.63
C ALA A 56 -5.73 -7.12 8.55
N GLY A 57 -6.10 -6.61 7.39
CA GLY A 57 -7.44 -6.05 7.22
C GLY A 57 -7.47 -4.95 6.19
N ALA A 58 -8.65 -4.38 5.96
CA ALA A 58 -8.78 -3.30 4.99
C ALA A 58 -8.12 -2.01 5.47
N ALA A 59 -8.72 -1.39 6.48
CA ALA A 59 -8.19 -0.15 7.04
C ALA A 59 -6.88 -0.37 7.77
N SER A 60 -6.76 -1.50 8.45
CA SER A 60 -5.56 -1.82 9.22
C SER A 60 -4.32 -1.95 8.35
N ALA A 61 -4.39 -2.84 7.35
CA ALA A 61 -3.25 -3.08 6.46
C ALA A 61 -2.90 -1.86 5.62
N VAL A 62 -3.89 -1.24 5.00
CA VAL A 62 -3.65 -0.08 4.15
C VAL A 62 -2.97 1.06 4.91
N THR A 63 -3.26 1.18 6.20
CA THR A 63 -2.66 2.23 7.01
C THR A 63 -1.23 1.89 7.41
N LYS A 64 -1.04 0.70 7.97
CA LYS A 64 0.30 0.26 8.40
C LYS A 64 1.24 0.18 7.20
N ALA A 65 0.67 0.00 6.01
CA ALA A 65 1.47 -0.09 4.80
C ALA A 65 2.37 1.13 4.64
N ILE A 66 1.91 2.26 5.16
CA ILE A 66 2.67 3.50 5.08
C ILE A 66 3.88 3.46 5.99
N ASN A 67 3.72 2.87 7.18
CA ASN A 67 4.81 2.77 8.14
C ASN A 67 6.00 2.00 7.58
N ILE A 68 5.70 0.93 6.84
CA ILE A 68 6.75 0.10 6.24
C ILE A 68 7.36 0.76 5.01
N PHE A 69 6.49 1.18 4.09
CA PHE A 69 6.93 1.81 2.84
C PHE A 69 7.75 3.07 3.08
N GLN A 70 7.45 3.80 4.14
CA GLN A 70 8.16 5.05 4.43
C GLN A 70 9.62 4.79 4.87
N LYS A 71 9.78 4.03 5.92
CA LYS A 71 11.11 3.75 6.46
C LYS A 71 11.96 2.90 5.51
N LEU A 72 11.34 2.39 4.44
CA LEU A 72 12.08 1.53 3.52
C LEU A 72 12.49 2.19 2.21
N ASN A 73 11.61 3.01 1.63
CA ASN A 73 11.94 3.63 0.35
C ASN A 73 11.84 5.16 0.35
N TYR A 74 10.70 5.68 0.80
CA TYR A 74 10.48 7.12 0.76
C TYR A 74 9.83 7.68 2.02
N MET A 75 10.51 7.57 3.15
CA MET A 75 9.99 8.09 4.41
C MET A 75 9.53 9.55 4.26
N HIS A 76 10.03 10.22 3.24
CA HIS A 76 9.68 11.61 2.98
C HIS A 76 8.33 11.72 2.25
N ILE A 77 8.20 10.99 1.15
CA ILE A 77 6.97 11.02 0.35
C ILE A 77 5.78 10.48 1.13
N ALA A 78 5.97 9.34 1.79
CA ALA A 78 4.90 8.71 2.56
C ALA A 78 4.27 9.69 3.56
N ASN A 79 5.07 10.63 4.06
CA ASN A 79 4.58 11.61 5.02
C ASN A 79 3.37 12.38 4.47
N ALA A 80 3.46 12.77 3.20
CA ALA A 80 2.39 13.50 2.55
C ALA A 80 1.19 12.59 2.25
N LEU A 81 1.48 11.33 1.98
CA LEU A 81 0.44 10.36 1.64
C LEU A 81 -0.42 9.98 2.86
N GLU A 82 0.23 9.74 3.99
CA GLU A 82 -0.49 9.35 5.21
C GLU A 82 -1.55 10.38 5.57
N GLU A 83 -1.36 11.62 5.14
CA GLU A 83 -2.30 12.70 5.42
C GLU A 83 -3.70 12.34 4.92
N LYS A 84 -3.76 11.60 3.81
CA LYS A 84 -5.03 11.19 3.23
C LYS A 84 -5.89 10.43 4.23
N LYS A 85 -5.24 9.73 5.15
CA LYS A 85 -5.95 8.96 6.17
C LYS A 85 -6.96 9.84 6.91
N LYS A 86 -6.60 11.09 7.14
CA LYS A 86 -7.48 12.02 7.83
C LYS A 86 -8.80 12.19 7.07
N GLU A 87 -8.71 12.18 5.75
CA GLU A 87 -9.89 12.32 4.90
C GLU A 87 -10.67 11.02 4.85
N ALA A 88 -9.97 9.90 5.01
CA ALA A 88 -10.60 8.59 4.98
C ALA A 88 -11.64 8.47 6.09
N GLU A 89 -11.45 9.20 7.17
CA GLU A 89 -12.37 9.18 8.31
C GLU A 89 -13.81 9.42 7.87
N ARG A 90 -14.04 10.53 7.17
CA ARG A 90 -15.39 10.87 6.70
C ARG A 90 -15.85 9.91 5.61
N LYS A 91 -14.91 9.28 4.93
CA LYS A 91 -15.24 8.34 3.86
C LYS A 91 -15.78 7.03 4.41
N LEU A 92 -15.13 6.54 5.48
CA LEU A 92 -15.54 5.28 6.10
C LEU A 92 -16.57 5.52 7.20
N MET A 93 -16.97 6.78 7.35
CA MET A 93 -17.95 7.15 8.36
C MET A 93 -19.35 6.74 7.92
N THR A 94 -19.52 6.55 6.61
CA THR A 94 -20.80 6.15 6.06
C THR A 94 -20.67 4.91 5.20
N ASN A 95 -21.58 3.96 5.38
CA ASN A 95 -21.55 2.71 4.61
C ASN A 95 -22.31 2.88 3.30
N MET A 1 -15.49 5.48 -1.63
CA MET A 1 -15.36 4.00 -1.53
C MET A 1 -14.01 3.61 -0.94
N GLU A 2 -14.03 2.63 -0.04
CA GLU A 2 -12.81 2.16 0.61
C GLU A 2 -11.85 1.57 -0.41
N SER A 3 -12.41 1.01 -1.48
CA SER A 3 -11.61 0.40 -2.55
C SER A 3 -10.70 1.44 -3.20
N GLU A 4 -11.19 2.68 -3.28
CA GLU A 4 -10.42 3.75 -3.88
C GLU A 4 -9.32 4.22 -2.94
N TYR A 5 -9.57 4.11 -1.64
CA TYR A 5 -8.60 4.53 -0.64
C TYR A 5 -7.43 3.55 -0.57
N ARG A 6 -7.72 2.26 -0.76
CA ARG A 6 -6.69 1.23 -0.72
C ARG A 6 -5.94 1.14 -2.05
N GLU A 7 -6.67 1.28 -3.15
CA GLU A 7 -6.08 1.20 -4.48
C GLU A 7 -5.17 2.38 -4.77
N MET A 8 -5.69 3.59 -4.58
CA MET A 8 -4.93 4.80 -4.84
C MET A 8 -3.71 4.91 -3.93
N LEU A 9 -3.92 4.71 -2.63
CA LEU A 9 -2.84 4.80 -1.65
C LEU A 9 -1.70 3.85 -2.01
N LEU A 10 -2.03 2.61 -2.34
CA LEU A 10 -1.02 1.62 -2.69
C LEU A 10 -0.25 2.03 -3.94
N LEU A 11 -0.96 2.26 -5.04
CA LEU A 11 -0.32 2.64 -6.29
C LEU A 11 0.46 3.94 -6.18
N THR A 12 0.09 4.77 -5.19
CA THR A 12 0.77 6.05 -4.98
C THR A 12 2.28 5.86 -4.86
N GLY A 13 2.70 4.68 -4.42
CA GLY A 13 4.13 4.42 -4.27
C GLY A 13 4.67 3.48 -5.32
N LEU A 14 3.92 2.42 -5.62
CA LEU A 14 4.34 1.44 -6.62
C LEU A 14 4.62 2.09 -7.98
N ASP A 15 3.71 2.95 -8.41
CA ASP A 15 3.87 3.63 -9.70
C ASP A 15 4.81 4.81 -9.61
N HIS A 16 5.51 4.93 -8.48
CA HIS A 16 6.46 6.02 -8.27
C HIS A 16 7.80 5.50 -7.79
N ILE A 17 8.02 4.20 -7.95
CA ILE A 17 9.28 3.57 -7.52
C ILE A 17 9.84 2.68 -8.62
N THR A 18 11.12 2.35 -8.49
CA THR A 18 11.79 1.50 -9.47
C THR A 18 11.54 0.02 -9.19
N GLU A 19 11.84 -0.83 -10.17
CA GLU A 19 11.64 -2.27 -10.02
C GLU A 19 12.52 -2.84 -8.92
N GLU A 20 13.78 -2.42 -8.87
CA GLU A 20 14.71 -2.91 -7.86
C GLU A 20 14.22 -2.56 -6.46
N GLU A 21 13.78 -1.32 -6.27
CA GLU A 21 13.29 -0.88 -4.97
C GLU A 21 11.94 -1.52 -4.66
N LEU A 22 11.19 -1.83 -5.71
CA LEU A 22 9.87 -2.46 -5.57
C LEU A 22 10.03 -3.88 -5.04
N LYS A 23 11.07 -4.56 -5.51
CA LYS A 23 11.34 -5.93 -5.09
C LYS A 23 11.66 -6.00 -3.60
N ARG A 24 12.31 -4.95 -3.09
CA ARG A 24 12.68 -4.90 -1.68
C ARG A 24 11.45 -4.65 -0.81
N PHE A 25 10.65 -3.64 -1.18
CA PHE A 25 9.45 -3.29 -0.44
C PHE A 25 8.52 -4.48 -0.32
N LYS A 26 8.17 -5.08 -1.46
CA LYS A 26 7.28 -6.23 -1.49
C LYS A 26 7.79 -7.35 -0.59
N TYR A 27 9.09 -7.55 -0.61
CA TYR A 27 9.72 -8.59 0.20
C TYR A 27 9.74 -8.20 1.67
N PHE A 28 9.69 -6.90 1.94
CA PHE A 28 9.71 -6.40 3.32
C PHE A 28 8.35 -6.58 3.99
N ALA A 29 7.30 -6.07 3.37
CA ALA A 29 5.96 -6.19 3.94
C ALA A 29 5.45 -7.61 3.83
N LEU A 30 5.52 -8.17 2.63
CA LEU A 30 5.07 -9.55 2.40
C LEU A 30 6.25 -10.51 2.41
N THR A 31 6.54 -11.05 3.59
CA THR A 31 7.65 -11.98 3.75
C THR A 31 7.20 -13.44 3.57
N GLU A 32 6.12 -13.79 4.25
CA GLU A 32 5.59 -15.16 4.19
C GLU A 32 4.53 -15.31 3.11
N PHE A 33 4.06 -14.19 2.56
CA PHE A 33 3.03 -14.24 1.53
C PHE A 33 3.63 -14.59 0.17
N GLN A 34 4.91 -14.31 0.01
CA GLN A 34 5.63 -14.60 -1.24
C GLN A 34 4.79 -14.25 -2.47
N ILE A 35 4.56 -12.96 -2.69
CA ILE A 35 3.79 -12.52 -3.84
C ILE A 35 4.62 -12.59 -5.11
N ALA A 36 4.08 -13.24 -6.14
CA ALA A 36 4.76 -13.41 -7.42
C ALA A 36 5.29 -12.08 -7.95
N ARG A 37 6.54 -12.08 -8.37
CA ARG A 37 7.18 -10.86 -8.91
C ARG A 37 6.54 -10.45 -10.24
N SER A 38 5.90 -11.41 -10.90
CA SER A 38 5.24 -11.15 -12.17
C SER A 38 4.02 -10.25 -12.01
N THR A 39 3.39 -10.33 -10.84
CA THR A 39 2.20 -9.53 -10.55
C THR A 39 2.51 -8.03 -10.48
N LEU A 40 3.79 -7.71 -10.30
CA LEU A 40 4.23 -6.32 -10.19
C LEU A 40 3.61 -5.43 -11.27
N ASP A 41 3.19 -6.04 -12.37
CA ASP A 41 2.58 -5.29 -13.48
C ASP A 41 1.38 -4.47 -13.00
N VAL A 42 0.44 -5.14 -12.34
CA VAL A 42 -0.77 -4.47 -11.83
C VAL A 42 -0.92 -4.67 -10.33
N ALA A 43 0.14 -5.14 -9.70
CA ALA A 43 0.12 -5.40 -8.26
C ALA A 43 -0.33 -4.19 -7.46
N ASP A 44 -0.03 -3.00 -7.95
CA ASP A 44 -0.38 -1.79 -7.22
C ASP A 44 -1.88 -1.70 -6.97
N ARG A 45 -2.68 -1.78 -8.03
CA ARG A 45 -4.14 -1.67 -7.88
C ARG A 45 -4.84 -2.95 -7.44
N THR A 46 -4.72 -4.01 -8.24
CA THR A 46 -5.43 -5.28 -7.99
C THR A 46 -4.80 -6.25 -6.99
N GLU A 47 -3.56 -6.66 -7.25
CA GLU A 47 -2.90 -7.69 -6.42
C GLU A 47 -2.54 -7.27 -5.00
N LEU A 48 -1.70 -6.25 -4.86
CA LEU A 48 -1.28 -5.80 -3.54
C LEU A 48 -2.44 -5.35 -2.68
N ALA A 49 -3.25 -4.44 -3.21
CA ALA A 49 -4.38 -3.90 -2.47
C ALA A 49 -5.28 -4.99 -1.90
N ASP A 50 -5.75 -5.90 -2.75
CA ASP A 50 -6.63 -6.97 -2.32
C ASP A 50 -5.94 -7.98 -1.41
N HIS A 51 -4.66 -8.23 -1.65
CA HIS A 51 -3.90 -9.20 -0.86
C HIS A 51 -3.66 -8.74 0.58
N LEU A 52 -3.04 -7.57 0.74
CA LEU A 52 -2.73 -7.06 2.08
C LEU A 52 -3.95 -7.07 3.01
N ILE A 53 -5.13 -6.88 2.44
CA ILE A 53 -6.37 -6.87 3.23
C ILE A 53 -6.52 -8.15 4.04
N GLN A 54 -6.23 -9.29 3.42
CA GLN A 54 -6.35 -10.58 4.09
C GLN A 54 -5.42 -10.67 5.29
N SER A 55 -4.32 -9.94 5.26
CA SER A 55 -3.34 -9.97 6.35
C SER A 55 -3.87 -9.30 7.62
N ALA A 56 -4.25 -8.03 7.52
CA ALA A 56 -4.77 -7.31 8.67
C ALA A 56 -6.15 -6.71 8.41
N GLY A 57 -6.37 -6.28 7.17
CA GLY A 57 -7.64 -5.69 6.81
C GLY A 57 -7.48 -4.59 5.78
N ALA A 58 -8.59 -3.94 5.43
CA ALA A 58 -8.56 -2.86 4.45
C ALA A 58 -7.86 -1.63 5.01
N ALA A 59 -8.52 -0.97 5.96
CA ALA A 59 -7.95 0.22 6.58
C ALA A 59 -6.74 -0.10 7.44
N SER A 60 -6.75 -1.27 8.07
CA SER A 60 -5.66 -1.70 8.94
C SER A 60 -4.34 -1.83 8.17
N ALA A 61 -4.36 -2.53 7.05
CA ALA A 61 -3.16 -2.75 6.25
C ALA A 61 -2.70 -1.46 5.56
N VAL A 62 -3.64 -0.70 5.01
CA VAL A 62 -3.31 0.54 4.33
C VAL A 62 -2.60 1.52 5.27
N THR A 63 -2.93 1.46 6.56
CA THR A 63 -2.33 2.33 7.56
C THR A 63 -0.87 1.95 7.81
N LYS A 64 -0.64 0.69 8.17
CA LYS A 64 0.71 0.21 8.46
C LYS A 64 1.60 0.30 7.23
N ALA A 65 1.00 0.12 6.05
CA ALA A 65 1.74 0.18 4.80
C ALA A 65 2.50 1.49 4.68
N ILE A 66 1.95 2.54 5.28
CA ILE A 66 2.57 3.86 5.25
C ILE A 66 3.90 3.87 5.98
N ASN A 67 3.93 3.25 7.17
CA ASN A 67 5.14 3.20 7.98
C ASN A 67 6.23 2.37 7.32
N ILE A 68 5.86 1.18 6.84
CA ILE A 68 6.81 0.29 6.20
C ILE A 68 7.41 0.90 4.94
N PHE A 69 6.56 1.46 4.09
CA PHE A 69 7.01 2.05 2.83
C PHE A 69 7.83 3.32 3.06
N GLN A 70 7.36 4.19 3.93
CA GLN A 70 8.06 5.45 4.20
C GLN A 70 9.47 5.21 4.73
N LYS A 71 9.58 4.44 5.79
CA LYS A 71 10.87 4.14 6.42
C LYS A 71 11.78 3.33 5.51
N LEU A 72 11.28 2.87 4.37
CA LEU A 72 12.08 2.03 3.49
C LEU A 72 12.51 2.70 2.18
N ASN A 73 11.63 3.45 1.55
CA ASN A 73 11.98 4.06 0.26
C ASN A 73 11.82 5.58 0.22
N TYR A 74 10.66 6.07 0.64
CA TYR A 74 10.39 7.51 0.56
C TYR A 74 9.71 8.08 1.80
N MET A 75 10.39 8.03 2.94
CA MET A 75 9.83 8.56 4.18
C MET A 75 9.31 9.98 3.99
N HIS A 76 9.81 10.65 2.94
CA HIS A 76 9.39 12.02 2.64
C HIS A 76 8.05 12.05 1.90
N ILE A 77 7.96 11.27 0.82
CA ILE A 77 6.75 11.20 0.01
C ILE A 77 5.54 10.70 0.82
N ALA A 78 5.73 9.58 1.51
CA ALA A 78 4.67 8.98 2.30
C ALA A 78 4.12 9.95 3.36
N ASN A 79 4.98 10.84 3.83
CA ASN A 79 4.58 11.81 4.85
C ASN A 79 3.32 12.58 4.42
N ALA A 80 3.21 12.85 3.13
CA ALA A 80 2.05 13.57 2.60
C ALA A 80 0.82 12.68 2.58
N LEU A 81 1.03 11.39 2.37
CA LEU A 81 -0.06 10.42 2.31
C LEU A 81 -0.68 10.13 3.67
N GLU A 82 0.15 9.98 4.70
CA GLU A 82 -0.34 9.69 6.04
C GLU A 82 -1.37 10.74 6.49
N GLU A 83 -1.26 11.94 5.93
CA GLU A 83 -2.17 13.02 6.28
C GLU A 83 -3.57 12.74 5.73
N LYS A 84 -3.62 12.07 4.57
CA LYS A 84 -4.89 11.73 3.93
C LYS A 84 -5.77 10.91 4.85
N LYS A 85 -5.15 10.14 5.74
CA LYS A 85 -5.89 9.30 6.67
C LYS A 85 -6.95 10.10 7.42
N LYS A 86 -6.62 11.37 7.71
CA LYS A 86 -7.55 12.24 8.42
C LYS A 86 -8.88 12.35 7.67
N GLU A 87 -8.80 12.39 6.34
CA GLU A 87 -9.99 12.50 5.51
C GLU A 87 -10.68 11.15 5.41
N ALA A 88 -9.89 10.07 5.51
CA ALA A 88 -10.43 8.72 5.43
C ALA A 88 -11.42 8.45 6.55
N GLU A 89 -11.22 9.13 7.67
CA GLU A 89 -12.08 8.97 8.84
C GLU A 89 -13.55 9.20 8.47
N ARG A 90 -13.83 10.35 7.87
CA ARG A 90 -15.19 10.69 7.48
C ARG A 90 -15.65 9.86 6.29
N LYS A 91 -14.71 9.20 5.63
CA LYS A 91 -15.02 8.38 4.46
C LYS A 91 -15.57 7.02 4.88
N LEU A 92 -15.11 6.53 6.03
CA LEU A 92 -15.56 5.23 6.53
C LEU A 92 -16.90 5.36 7.26
N MET A 93 -17.52 6.52 7.15
CA MET A 93 -18.80 6.78 7.80
C MET A 93 -19.95 6.36 6.89
N THR A 94 -19.70 6.34 5.59
CA THR A 94 -20.71 5.95 4.61
C THR A 94 -20.32 4.67 3.91
N ASN A 95 -21.32 3.91 3.46
CA ASN A 95 -21.08 2.66 2.76
C ASN A 95 -22.04 2.50 1.58
N MET A 1 -15.80 5.13 -1.67
CA MET A 1 -15.46 3.73 -2.03
C MET A 1 -14.20 3.28 -1.30
N GLU A 2 -14.36 2.33 -0.39
CA GLU A 2 -13.23 1.80 0.37
C GLU A 2 -12.17 1.22 -0.56
N SER A 3 -12.61 0.58 -1.64
CA SER A 3 -11.70 -0.02 -2.60
C SER A 3 -10.80 1.04 -3.21
N GLU A 4 -11.29 2.27 -3.28
CA GLU A 4 -10.54 3.38 -3.83
C GLU A 4 -9.46 3.85 -2.85
N TYR A 5 -9.84 3.95 -1.58
CA TYR A 5 -8.91 4.40 -0.55
C TYR A 5 -7.76 3.41 -0.38
N ARG A 6 -8.03 2.14 -0.64
CA ARG A 6 -7.01 1.10 -0.51
C ARG A 6 -6.11 1.04 -1.75
N GLU A 7 -6.72 0.82 -2.90
CA GLU A 7 -5.98 0.72 -4.16
C GLU A 7 -5.17 1.98 -4.46
N MET A 8 -5.84 3.13 -4.44
CA MET A 8 -5.18 4.40 -4.74
C MET A 8 -4.04 4.70 -3.76
N LEU A 9 -4.25 4.39 -2.48
CA LEU A 9 -3.24 4.64 -1.46
C LEU A 9 -1.96 3.87 -1.74
N LEU A 10 -2.08 2.68 -2.32
CA LEU A 10 -0.93 1.84 -2.61
C LEU A 10 -0.24 2.22 -3.92
N LEU A 11 -1.00 2.22 -5.02
CA LEU A 11 -0.45 2.54 -6.33
C LEU A 11 0.29 3.87 -6.34
N THR A 12 -0.06 4.75 -5.41
CA THR A 12 0.58 6.07 -5.32
C THR A 12 2.04 5.95 -4.90
N GLY A 13 2.49 4.71 -4.68
CA GLY A 13 3.87 4.48 -4.28
C GLY A 13 4.59 3.55 -5.24
N LEU A 14 3.92 2.48 -5.66
CA LEU A 14 4.50 1.51 -6.58
C LEU A 14 4.86 2.18 -7.90
N ASP A 15 3.92 2.96 -8.44
CA ASP A 15 4.12 3.64 -9.71
C ASP A 15 5.07 4.84 -9.56
N HIS A 16 5.45 5.14 -8.32
CA HIS A 16 6.34 6.25 -8.05
C HIS A 16 7.73 5.79 -7.61
N ILE A 17 8.03 4.51 -7.85
CA ILE A 17 9.33 3.96 -7.46
C ILE A 17 9.91 3.11 -8.59
N THR A 18 11.17 2.72 -8.44
CA THR A 18 11.86 1.92 -9.45
C THR A 18 11.66 0.43 -9.18
N GLU A 19 12.15 -0.40 -10.11
CA GLU A 19 12.04 -1.85 -9.99
C GLU A 19 12.87 -2.38 -8.82
N GLU A 20 14.05 -1.81 -8.63
CA GLU A 20 14.94 -2.24 -7.56
C GLU A 20 14.27 -2.09 -6.20
N GLU A 21 13.45 -1.06 -6.05
CA GLU A 21 12.75 -0.82 -4.80
C GLU A 21 11.55 -1.75 -4.62
N LEU A 22 10.97 -2.18 -5.74
CA LEU A 22 9.81 -3.08 -5.70
C LEU A 22 10.12 -4.37 -4.96
N LYS A 23 11.23 -5.01 -5.31
CA LYS A 23 11.63 -6.26 -4.69
C LYS A 23 11.92 -6.09 -3.20
N ARG A 24 12.37 -4.90 -2.83
CA ARG A 24 12.69 -4.61 -1.42
C ARG A 24 11.44 -4.47 -0.57
N PHE A 25 10.40 -3.87 -1.14
CA PHE A 25 9.14 -3.66 -0.42
C PHE A 25 8.39 -4.98 -0.22
N LYS A 26 8.27 -5.76 -1.29
CA LYS A 26 7.57 -7.05 -1.22
C LYS A 26 8.28 -8.02 -0.29
N TYR A 27 9.61 -7.92 -0.23
CA TYR A 27 10.40 -8.81 0.61
C TYR A 27 10.21 -8.45 2.08
N PHE A 28 9.96 -7.17 2.35
CA PHE A 28 9.78 -6.70 3.71
C PHE A 28 8.37 -6.99 4.23
N ALA A 29 7.37 -6.54 3.48
CA ALA A 29 5.97 -6.75 3.88
C ALA A 29 5.56 -8.22 3.78
N LEU A 30 5.78 -8.83 2.62
CA LEU A 30 5.43 -10.22 2.42
C LEU A 30 6.64 -11.14 2.64
N THR A 31 6.83 -11.59 3.87
CA THR A 31 7.94 -12.47 4.20
C THR A 31 7.55 -13.93 4.07
N GLU A 32 6.43 -14.29 4.70
CA GLU A 32 5.94 -15.67 4.67
C GLU A 32 4.86 -15.85 3.60
N PHE A 33 4.32 -14.74 3.11
CA PHE A 33 3.28 -14.79 2.09
C PHE A 33 3.86 -15.09 0.72
N GLN A 34 5.14 -14.77 0.54
CA GLN A 34 5.84 -15.00 -0.72
C GLN A 34 4.99 -14.54 -1.91
N ILE A 35 4.78 -13.24 -2.02
CA ILE A 35 3.98 -12.66 -3.10
C ILE A 35 4.66 -12.88 -4.46
N ALA A 36 3.85 -13.14 -5.48
CA ALA A 36 4.37 -13.37 -6.82
C ALA A 36 4.95 -12.10 -7.43
N ARG A 37 6.22 -12.15 -7.80
CA ARG A 37 6.90 -11.01 -8.41
C ARG A 37 6.33 -10.68 -9.78
N SER A 38 5.75 -11.68 -10.44
CA SER A 38 5.18 -11.50 -11.77
C SER A 38 3.98 -10.56 -11.73
N THR A 39 3.28 -10.53 -10.60
CA THR A 39 2.10 -9.67 -10.45
C THR A 39 2.46 -8.19 -10.48
N LEU A 40 3.74 -7.88 -10.25
CA LEU A 40 4.21 -6.49 -10.24
C LEU A 40 3.75 -5.70 -11.47
N ASP A 41 3.32 -6.41 -12.51
CA ASP A 41 2.85 -5.76 -13.74
C ASP A 41 1.70 -4.81 -13.43
N VAL A 42 0.79 -5.24 -12.56
CA VAL A 42 -0.36 -4.44 -12.18
C VAL A 42 -0.64 -4.57 -10.68
N ALA A 43 0.35 -5.11 -9.97
CA ALA A 43 0.23 -5.32 -8.54
C ALA A 43 -0.12 -4.06 -7.79
N ASP A 44 0.31 -2.92 -8.30
CA ASP A 44 0.05 -1.67 -7.61
C ASP A 44 -1.44 -1.43 -7.40
N ARG A 45 -2.23 -1.49 -8.47
CA ARG A 45 -3.67 -1.25 -8.35
C ARG A 45 -4.48 -2.46 -7.88
N THR A 46 -4.46 -3.54 -8.67
CA THR A 46 -5.27 -4.73 -8.40
C THR A 46 -4.72 -5.75 -7.39
N GLU A 47 -3.53 -6.27 -7.65
CA GLU A 47 -2.96 -7.35 -6.83
C GLU A 47 -2.56 -6.95 -5.41
N LEU A 48 -1.64 -6.01 -5.26
CA LEU A 48 -1.18 -5.60 -3.94
C LEU A 48 -2.33 -5.14 -3.05
N ALA A 49 -3.17 -4.26 -3.59
CA ALA A 49 -4.29 -3.73 -2.82
C ALA A 49 -5.13 -4.84 -2.20
N ASP A 50 -5.61 -5.76 -3.02
CA ASP A 50 -6.44 -6.87 -2.55
C ASP A 50 -5.65 -7.87 -1.71
N HIS A 51 -4.39 -8.06 -2.05
CA HIS A 51 -3.53 -9.03 -1.35
C HIS A 51 -3.17 -8.61 0.08
N LEU A 52 -2.53 -7.44 0.21
CA LEU A 52 -2.11 -6.97 1.52
C LEU A 52 -3.27 -6.83 2.50
N ILE A 53 -4.46 -6.49 2.00
CA ILE A 53 -5.63 -6.35 2.86
C ILE A 53 -5.94 -7.65 3.59
N GLN A 54 -5.80 -8.76 2.89
CA GLN A 54 -6.07 -10.08 3.47
C GLN A 54 -5.18 -10.35 4.67
N SER A 55 -4.01 -9.73 4.70
CA SER A 55 -3.06 -9.92 5.79
C SER A 55 -3.67 -9.59 7.16
N ALA A 56 -4.15 -8.37 7.33
CA ALA A 56 -4.74 -7.95 8.60
C ALA A 56 -6.17 -7.43 8.43
N GLY A 57 -6.41 -6.74 7.32
CA GLY A 57 -7.72 -6.19 7.06
C GLY A 57 -7.67 -5.01 6.10
N ALA A 58 -8.83 -4.42 5.82
CA ALA A 58 -8.90 -3.29 4.91
C ALA A 58 -8.19 -2.06 5.47
N ALA A 59 -8.76 -1.47 6.51
CA ALA A 59 -8.18 -0.28 7.13
C ALA A 59 -6.86 -0.57 7.84
N SER A 60 -6.79 -1.73 8.50
CA SER A 60 -5.59 -2.12 9.23
C SER A 60 -4.36 -2.20 8.33
N ALA A 61 -4.51 -2.81 7.16
CA ALA A 61 -3.40 -2.96 6.24
C ALA A 61 -3.00 -1.65 5.57
N VAL A 62 -3.99 -0.82 5.24
CA VAL A 62 -3.72 0.46 4.58
C VAL A 62 -2.94 1.42 5.48
N THR A 63 -3.15 1.34 6.78
CA THR A 63 -2.46 2.23 7.72
C THR A 63 -1.04 1.76 8.00
N LYS A 64 -0.86 0.45 8.12
CA LYS A 64 0.47 -0.12 8.40
C LYS A 64 1.38 -0.01 7.19
N ALA A 65 0.80 -0.19 6.00
CA ALA A 65 1.57 -0.13 4.76
C ALA A 65 2.32 1.19 4.65
N ILE A 66 1.75 2.24 5.23
CA ILE A 66 2.37 3.55 5.20
C ILE A 66 3.67 3.58 6.01
N ASN A 67 3.66 2.90 7.14
CA ASN A 67 4.84 2.86 8.01
C ASN A 67 6.00 2.11 7.36
N ILE A 68 5.69 0.99 6.71
CA ILE A 68 6.71 0.18 6.06
C ILE A 68 7.29 0.87 4.83
N PHE A 69 6.43 1.33 3.95
CA PHE A 69 6.84 1.99 2.71
C PHE A 69 7.63 3.27 2.97
N GLN A 70 7.16 4.08 3.92
CA GLN A 70 7.83 5.34 4.23
C GLN A 70 9.26 5.15 4.74
N LYS A 71 9.40 4.38 5.81
CA LYS A 71 10.70 4.15 6.42
C LYS A 71 11.64 3.34 5.52
N LEU A 72 11.12 2.83 4.40
CA LEU A 72 11.95 1.99 3.53
C LEU A 72 12.42 2.67 2.25
N ASN A 73 11.55 3.44 1.59
CA ASN A 73 11.95 4.06 0.34
C ASN A 73 11.77 5.58 0.30
N TYR A 74 10.58 6.06 0.66
CA TYR A 74 10.29 7.49 0.59
C TYR A 74 9.52 8.03 1.79
N MET A 75 10.13 7.97 2.96
CA MET A 75 9.49 8.47 4.18
C MET A 75 8.99 9.90 3.99
N HIS A 76 9.52 10.59 2.98
CA HIS A 76 9.11 11.96 2.68
C HIS A 76 7.80 11.99 1.90
N ILE A 77 7.74 11.22 0.82
CA ILE A 77 6.54 11.16 -0.02
C ILE A 77 5.35 10.62 0.75
N ALA A 78 5.56 9.50 1.45
CA ALA A 78 4.50 8.87 2.22
C ALA A 78 3.88 9.85 3.21
N ASN A 79 4.68 10.81 3.68
CA ASN A 79 4.19 11.81 4.64
C ASN A 79 2.96 12.54 4.08
N ALA A 80 2.95 12.76 2.78
CA ALA A 80 1.84 13.44 2.13
C ALA A 80 0.59 12.57 2.07
N LEU A 81 0.77 11.29 1.79
CA LEU A 81 -0.36 10.36 1.69
C LEU A 81 -0.97 10.05 3.06
N GLU A 82 -0.12 9.82 4.05
CA GLU A 82 -0.59 9.51 5.41
C GLU A 82 -1.51 10.62 5.92
N GLU A 83 -1.28 11.84 5.44
CA GLU A 83 -2.09 12.99 5.85
C GLU A 83 -3.54 12.82 5.39
N LYS A 84 -3.71 12.18 4.23
CA LYS A 84 -5.05 11.97 3.67
C LYS A 84 -5.87 11.03 4.56
N LYS A 85 -5.20 10.13 5.27
CA LYS A 85 -5.88 9.19 6.16
C LYS A 85 -6.83 9.89 7.12
N LYS A 86 -6.45 11.08 7.55
CA LYS A 86 -7.28 11.86 8.48
C LYS A 86 -8.68 12.07 7.91
N GLU A 87 -8.76 12.29 6.59
CA GLU A 87 -10.04 12.50 5.93
C GLU A 87 -10.77 11.17 5.73
N ALA A 88 -10.01 10.10 5.60
CA ALA A 88 -10.56 8.77 5.41
C ALA A 88 -11.46 8.38 6.58
N GLU A 89 -11.16 8.92 7.76
CA GLU A 89 -11.94 8.62 8.96
C GLU A 89 -13.43 8.82 8.74
N ARG A 90 -13.81 9.99 8.24
CA ARG A 90 -15.21 10.30 7.99
C ARG A 90 -15.75 9.52 6.79
N LYS A 91 -14.85 9.02 5.95
CA LYS A 91 -15.24 8.25 4.78
C LYS A 91 -15.78 6.88 5.16
N LEU A 92 -15.23 6.32 6.24
CA LEU A 92 -15.65 5.01 6.71
C LEU A 92 -17.04 5.06 7.33
N MET A 93 -17.58 6.26 7.46
CA MET A 93 -18.91 6.44 8.03
C MET A 93 -19.88 6.99 7.00
N THR A 94 -19.37 7.77 6.05
CA THR A 94 -20.20 8.35 5.01
C THR A 94 -20.84 7.26 4.15
N ASN A 95 -22.08 7.48 3.75
CA ASN A 95 -22.81 6.52 2.93
C ASN A 95 -23.00 7.05 1.51
N MET A 1 -14.37 6.42 -1.81
CA MET A 1 -14.82 5.14 -1.18
C MET A 1 -13.63 4.35 -0.63
N GLU A 2 -13.91 3.26 0.07
CA GLU A 2 -12.88 2.42 0.63
C GLU A 2 -12.05 1.76 -0.46
N SER A 3 -12.72 1.35 -1.53
CA SER A 3 -12.04 0.70 -2.66
C SER A 3 -11.05 1.65 -3.31
N GLU A 4 -11.44 2.91 -3.45
CA GLU A 4 -10.58 3.92 -4.06
C GLU A 4 -9.49 4.35 -3.09
N TYR A 5 -9.79 4.29 -1.80
CA TYR A 5 -8.85 4.69 -0.76
C TYR A 5 -7.71 3.67 -0.64
N ARG A 6 -8.03 2.40 -0.83
CA ARG A 6 -7.04 1.34 -0.71
C ARG A 6 -6.21 1.21 -2.00
N GLU A 7 -6.88 1.34 -3.14
CA GLU A 7 -6.21 1.21 -4.43
C GLU A 7 -5.30 2.40 -4.73
N MET A 8 -5.86 3.60 -4.63
CA MET A 8 -5.10 4.83 -4.92
C MET A 8 -3.91 4.99 -3.97
N LEU A 9 -4.15 4.87 -2.68
CA LEU A 9 -3.10 5.04 -1.67
C LEU A 9 -1.92 4.09 -1.91
N LEU A 10 -2.21 2.91 -2.44
CA LEU A 10 -1.15 1.92 -2.71
C LEU A 10 -0.40 2.22 -4.00
N LEU A 11 -1.12 2.19 -5.11
CA LEU A 11 -0.52 2.43 -6.43
C LEU A 11 0.30 3.72 -6.47
N THR A 12 -0.07 4.69 -5.63
CA THR A 12 0.63 5.98 -5.60
C THR A 12 2.05 5.83 -5.04
N GLY A 13 2.43 4.60 -4.69
CA GLY A 13 3.75 4.36 -4.16
C GLY A 13 4.54 3.35 -4.98
N LEU A 14 3.82 2.47 -5.67
CA LEU A 14 4.45 1.45 -6.49
C LEU A 14 4.85 2.01 -7.85
N ASP A 15 3.90 2.69 -8.50
CA ASP A 15 4.14 3.27 -9.81
C ASP A 15 5.00 4.53 -9.71
N HIS A 16 5.32 4.93 -8.48
CA HIS A 16 6.13 6.12 -8.25
C HIS A 16 7.54 5.77 -7.79
N ILE A 17 7.89 4.49 -7.93
CA ILE A 17 9.22 4.02 -7.52
C ILE A 17 9.81 3.08 -8.56
N THR A 18 11.10 2.79 -8.41
CA THR A 18 11.79 1.90 -9.35
C THR A 18 11.49 0.44 -9.05
N GLU A 19 11.76 -0.42 -10.03
CA GLU A 19 11.52 -1.86 -9.89
C GLU A 19 12.35 -2.45 -8.75
N GLU A 20 13.55 -1.92 -8.54
CA GLU A 20 14.41 -2.40 -7.48
C GLU A 20 13.75 -2.23 -6.12
N GLU A 21 13.03 -1.12 -5.96
CA GLU A 21 12.34 -0.82 -4.72
C GLU A 21 11.05 -1.63 -4.59
N LEU A 22 10.45 -1.95 -5.73
CA LEU A 22 9.21 -2.72 -5.75
C LEU A 22 9.37 -4.08 -5.08
N LYS A 23 10.43 -4.80 -5.44
CA LYS A 23 10.69 -6.12 -4.88
C LYS A 23 11.07 -6.03 -3.41
N ARG A 24 11.73 -4.95 -3.03
CA ARG A 24 12.16 -4.76 -1.64
C ARG A 24 10.97 -4.61 -0.70
N PHE A 25 10.07 -3.69 -1.04
CA PHE A 25 8.89 -3.44 -0.22
C PHE A 25 8.10 -4.72 0.03
N LYS A 26 7.96 -5.53 -1.02
CA LYS A 26 7.22 -6.78 -0.92
C LYS A 26 7.94 -7.79 -0.02
N TYR A 27 9.26 -7.65 0.08
CA TYR A 27 10.05 -8.56 0.89
C TYR A 27 9.86 -8.29 2.38
N PHE A 28 9.84 -7.01 2.76
CA PHE A 28 9.68 -6.65 4.17
C PHE A 28 8.24 -6.86 4.64
N ALA A 29 7.28 -6.27 3.94
CA ALA A 29 5.88 -6.41 4.31
C ALA A 29 5.43 -7.86 4.24
N LEU A 30 5.67 -8.49 3.09
CA LEU A 30 5.29 -9.88 2.91
C LEU A 30 6.47 -10.81 3.13
N THR A 31 6.62 -11.28 4.37
CA THR A 31 7.72 -12.17 4.72
C THR A 31 7.36 -13.64 4.52
N GLU A 32 6.20 -14.03 5.05
CA GLU A 32 5.75 -15.41 4.94
C GLU A 32 4.80 -15.60 3.76
N PHE A 33 4.58 -14.54 2.98
CA PHE A 33 3.69 -14.63 1.83
C PHE A 33 4.47 -14.77 0.53
N GLN A 34 5.72 -14.31 0.54
CA GLN A 34 6.60 -14.40 -0.63
C GLN A 34 5.86 -14.09 -1.92
N ILE A 35 5.46 -12.83 -2.11
CA ILE A 35 4.76 -12.43 -3.32
C ILE A 35 5.62 -12.65 -4.56
N ALA A 36 5.00 -13.12 -5.64
CA ALA A 36 5.69 -13.39 -6.90
C ALA A 36 6.21 -12.10 -7.54
N ARG A 37 7.40 -12.20 -8.13
CA ARG A 37 8.02 -11.05 -8.79
C ARG A 37 7.24 -10.63 -10.04
N SER A 38 6.68 -11.61 -10.73
CA SER A 38 5.92 -11.35 -11.96
C SER A 38 4.72 -10.45 -11.68
N THR A 39 4.19 -10.51 -10.47
CA THR A 39 3.03 -9.70 -10.11
C THR A 39 3.32 -8.21 -10.21
N LEU A 40 4.60 -7.85 -10.13
CA LEU A 40 5.02 -6.44 -10.20
C LEU A 40 4.42 -5.72 -11.41
N ASP A 41 3.99 -6.47 -12.41
CA ASP A 41 3.41 -5.88 -13.61
C ASP A 41 2.16 -5.08 -13.30
N VAL A 42 1.35 -5.58 -12.37
CA VAL A 42 0.11 -4.92 -11.96
C VAL A 42 -0.09 -5.02 -10.46
N ALA A 43 0.98 -5.39 -9.77
CA ALA A 43 0.96 -5.55 -8.32
C ALA A 43 0.29 -4.39 -7.60
N ASP A 44 0.54 -3.17 -8.08
CA ASP A 44 -0.01 -2.01 -7.40
C ASP A 44 -1.54 -2.04 -7.30
N ARG A 45 -2.22 -2.18 -8.43
CA ARG A 45 -3.69 -2.19 -8.42
C ARG A 45 -4.34 -3.53 -8.03
N THR A 46 -4.09 -4.56 -8.84
CA THR A 46 -4.73 -5.87 -8.64
C THR A 46 -4.10 -6.83 -7.60
N GLU A 47 -2.83 -7.18 -7.81
CA GLU A 47 -2.17 -8.19 -6.95
C GLU A 47 -1.86 -7.76 -5.52
N LEU A 48 -1.06 -6.73 -5.34
CA LEU A 48 -0.68 -6.29 -4.00
C LEU A 48 -1.87 -5.78 -3.20
N ALA A 49 -2.69 -4.93 -3.81
CA ALA A 49 -3.85 -4.37 -3.13
C ALA A 49 -4.75 -5.46 -2.54
N ASP A 50 -5.16 -6.40 -3.38
CA ASP A 50 -6.04 -7.49 -2.93
C ASP A 50 -5.32 -8.43 -1.98
N HIS A 51 -4.03 -8.64 -2.20
CA HIS A 51 -3.23 -9.54 -1.37
C HIS A 51 -3.19 -9.10 0.09
N LEU A 52 -2.73 -7.88 0.34
CA LEU A 52 -2.61 -7.36 1.70
C LEU A 52 -3.95 -7.42 2.45
N ILE A 53 -5.05 -7.26 1.73
CA ILE A 53 -6.38 -7.30 2.34
C ILE A 53 -6.65 -8.65 3.00
N GLN A 54 -6.11 -9.71 2.41
CA GLN A 54 -6.31 -11.06 2.93
C GLN A 54 -5.47 -11.28 4.20
N SER A 55 -4.36 -10.56 4.31
CA SER A 55 -3.48 -10.69 5.47
C SER A 55 -4.11 -10.12 6.74
N ALA A 56 -4.46 -8.83 6.70
CA ALA A 56 -5.06 -8.18 7.86
C ALA A 56 -6.41 -7.56 7.54
N GLY A 57 -6.55 -7.04 6.32
CA GLY A 57 -7.78 -6.42 5.91
C GLY A 57 -7.56 -5.22 5.00
N ALA A 58 -8.65 -4.57 4.60
CA ALA A 58 -8.56 -3.41 3.72
C ALA A 58 -7.99 -2.20 4.45
N ALA A 59 -8.77 -1.65 5.38
CA ALA A 59 -8.35 -0.48 6.14
C ALA A 59 -7.15 -0.80 7.03
N SER A 60 -7.12 -2.01 7.57
CA SER A 60 -6.04 -2.44 8.46
C SER A 60 -4.68 -2.43 7.75
N ALA A 61 -4.64 -3.01 6.54
CA ALA A 61 -3.40 -3.08 5.78
C ALA A 61 -2.99 -1.72 5.22
N VAL A 62 -3.95 -0.97 4.68
CA VAL A 62 -3.67 0.33 4.09
C VAL A 62 -3.04 1.29 5.10
N THR A 63 -3.45 1.18 6.36
CA THR A 63 -2.92 2.06 7.41
C THR A 63 -1.45 1.76 7.70
N LYS A 64 -1.14 0.50 7.97
CA LYS A 64 0.23 0.10 8.28
C LYS A 64 1.11 0.16 7.03
N ALA A 65 0.49 0.08 5.86
CA ALA A 65 1.22 0.11 4.60
C ALA A 65 2.04 1.40 4.48
N ILE A 66 1.53 2.47 5.06
CA ILE A 66 2.21 3.76 5.02
C ILE A 66 3.44 3.77 5.91
N ASN A 67 3.31 3.22 7.12
CA ASN A 67 4.40 3.18 8.08
C ASN A 67 5.59 2.38 7.54
N ILE A 68 5.31 1.28 6.85
CA ILE A 68 6.37 0.43 6.30
C ILE A 68 7.00 1.04 5.06
N PHE A 69 6.17 1.42 4.10
CA PHE A 69 6.64 2.00 2.83
C PHE A 69 7.50 3.24 3.04
N GLN A 70 7.11 4.08 3.99
CA GLN A 70 7.84 5.31 4.26
C GLN A 70 9.27 5.06 4.74
N LYS A 71 9.42 4.39 5.87
CA LYS A 71 10.73 4.12 6.45
C LYS A 71 11.56 3.19 5.58
N LEU A 72 10.96 2.62 4.54
CA LEU A 72 11.69 1.67 3.71
C LEU A 72 12.23 2.25 2.40
N ASN A 73 11.44 3.07 1.71
CA ASN A 73 11.90 3.62 0.44
C ASN A 73 11.86 5.14 0.34
N TYR A 74 10.71 5.72 0.64
CA TYR A 74 10.55 7.17 0.51
C TYR A 74 9.76 7.81 1.66
N MET A 75 10.30 7.71 2.87
CA MET A 75 9.64 8.29 4.05
C MET A 75 9.26 9.75 3.83
N HIS A 76 9.81 10.38 2.79
CA HIS A 76 9.53 11.78 2.51
C HIS A 76 8.20 11.96 1.79
N ILE A 77 8.00 11.22 0.69
CA ILE A 77 6.77 11.33 -0.08
C ILE A 77 5.57 10.74 0.66
N ALA A 78 5.81 9.67 1.41
CA ALA A 78 4.74 9.03 2.16
C ALA A 78 4.11 9.99 3.16
N ASN A 79 4.91 10.93 3.66
CA ASN A 79 4.42 11.91 4.62
C ASN A 79 3.27 12.73 4.04
N ALA A 80 3.34 12.99 2.74
CA ALA A 80 2.30 13.76 2.06
C ALA A 80 1.01 12.95 1.90
N LEU A 81 1.16 11.66 1.58
CA LEU A 81 0.00 10.78 1.36
C LEU A 81 -0.71 10.45 2.67
N GLU A 82 0.06 10.18 3.72
CA GLU A 82 -0.51 9.84 5.02
C GLU A 82 -1.47 10.91 5.51
N GLU A 83 -1.27 12.14 5.06
CA GLU A 83 -2.14 13.25 5.45
C GLU A 83 -3.58 12.98 5.05
N LYS A 84 -3.74 12.31 3.90
CA LYS A 84 -5.07 11.99 3.39
C LYS A 84 -5.84 11.10 4.36
N LYS A 85 -5.10 10.29 5.12
CA LYS A 85 -5.71 9.39 6.11
C LYS A 85 -6.62 10.16 7.05
N LYS A 86 -6.24 11.39 7.38
CA LYS A 86 -7.02 12.23 8.27
C LYS A 86 -8.43 12.43 7.73
N GLU A 87 -8.52 12.77 6.45
CA GLU A 87 -9.81 12.98 5.80
C GLU A 87 -10.53 11.66 5.59
N ALA A 88 -9.75 10.59 5.43
CA ALA A 88 -10.31 9.25 5.23
C ALA A 88 -11.14 8.82 6.43
N GLU A 89 -10.79 9.33 7.60
CA GLU A 89 -11.50 9.00 8.84
C GLU A 89 -13.00 9.20 8.68
N ARG A 90 -13.40 10.41 8.29
CA ARG A 90 -14.82 10.74 8.12
C ARG A 90 -15.43 9.95 6.95
N LYS A 91 -14.57 9.52 6.03
CA LYS A 91 -15.03 8.77 4.87
C LYS A 91 -15.48 7.37 5.28
N LEU A 92 -14.89 6.87 6.36
CA LEU A 92 -15.22 5.53 6.86
C LEU A 92 -16.60 5.53 7.52
N MET A 93 -16.98 6.66 8.10
CA MET A 93 -18.27 6.79 8.76
C MET A 93 -19.34 7.21 7.76
N THR A 94 -18.97 7.34 6.50
CA THR A 94 -19.91 7.74 5.45
C THR A 94 -20.77 6.56 5.03
N ASN A 95 -22.05 6.83 4.77
CA ASN A 95 -22.98 5.79 4.35
C ASN A 95 -23.42 5.99 2.91
N MET A 1 -15.25 5.01 -1.44
CA MET A 1 -15.37 3.71 -0.72
C MET A 1 -14.01 3.26 -0.19
N GLU A 2 -13.99 2.13 0.51
CA GLU A 2 -12.77 1.59 1.07
C GLU A 2 -11.85 1.08 -0.03
N SER A 3 -12.45 0.61 -1.12
CA SER A 3 -11.68 0.09 -2.25
C SER A 3 -10.90 1.19 -2.95
N GLU A 4 -11.46 2.40 -2.95
CA GLU A 4 -10.82 3.55 -3.59
C GLU A 4 -9.66 4.07 -2.75
N TYR A 5 -9.85 4.07 -1.43
CA TYR A 5 -8.83 4.54 -0.51
C TYR A 5 -7.58 3.66 -0.55
N ARG A 6 -7.78 2.36 -0.72
CA ARG A 6 -6.68 1.42 -0.76
C ARG A 6 -6.01 1.36 -2.14
N GLU A 7 -6.79 1.67 -3.18
CA GLU A 7 -6.28 1.63 -4.54
C GLU A 7 -5.32 2.78 -4.82
N MET A 8 -5.75 4.01 -4.56
CA MET A 8 -4.93 5.19 -4.81
C MET A 8 -3.73 5.30 -3.87
N LEU A 9 -3.98 5.11 -2.58
CA LEU A 9 -2.91 5.22 -1.57
C LEU A 9 -1.75 4.29 -1.88
N LEU A 10 -2.05 3.13 -2.46
CA LEU A 10 -1.01 2.15 -2.77
C LEU A 10 -0.30 2.45 -4.08
N LEU A 11 -1.06 2.59 -5.16
CA LEU A 11 -0.48 2.86 -6.47
C LEU A 11 0.36 4.15 -6.48
N THR A 12 0.05 5.05 -5.56
CA THR A 12 0.79 6.31 -5.47
C THR A 12 2.19 6.11 -4.91
N GLY A 13 2.53 4.86 -4.62
CA GLY A 13 3.85 4.56 -4.08
C GLY A 13 4.61 3.56 -4.93
N LEU A 14 3.94 2.49 -5.34
CA LEU A 14 4.57 1.46 -6.17
C LEU A 14 4.96 2.02 -7.53
N ASP A 15 4.00 2.61 -8.23
CA ASP A 15 4.24 3.18 -9.56
C ASP A 15 5.16 4.39 -9.49
N HIS A 16 5.36 4.94 -8.29
CA HIS A 16 6.22 6.10 -8.12
C HIS A 16 7.69 5.69 -7.94
N ILE A 17 7.90 4.52 -7.33
CA ILE A 17 9.25 4.03 -7.09
C ILE A 17 9.73 3.16 -8.25
N THR A 18 11.01 2.79 -8.22
CA THR A 18 11.60 1.95 -9.26
C THR A 18 11.25 0.48 -9.05
N GLU A 19 11.54 -0.34 -10.06
CA GLU A 19 11.26 -1.77 -9.99
C GLU A 19 12.04 -2.44 -8.87
N GLU A 20 13.32 -2.12 -8.76
CA GLU A 20 14.16 -2.71 -7.72
C GLU A 20 13.60 -2.42 -6.32
N GLU A 21 12.94 -1.27 -6.19
CA GLU A 21 12.35 -0.88 -4.91
C GLU A 21 11.06 -1.64 -4.65
N LEU A 22 10.36 -2.01 -5.72
CA LEU A 22 9.10 -2.75 -5.61
C LEU A 22 9.28 -4.05 -4.85
N LYS A 23 10.38 -4.75 -5.15
CA LYS A 23 10.67 -6.03 -4.50
C LYS A 23 11.01 -5.84 -3.03
N ARG A 24 11.74 -4.78 -2.72
CA ARG A 24 12.14 -4.49 -1.35
C ARG A 24 10.92 -4.33 -0.44
N PHE A 25 9.92 -3.59 -0.92
CA PHE A 25 8.70 -3.36 -0.15
C PHE A 25 7.93 -4.66 0.10
N LYS A 26 7.58 -5.35 -0.99
CA LYS A 26 6.84 -6.59 -0.90
C LYS A 26 7.56 -7.63 -0.03
N TYR A 27 8.88 -7.65 -0.12
CA TYR A 27 9.68 -8.60 0.66
C TYR A 27 9.71 -8.22 2.14
N PHE A 28 9.51 -6.94 2.43
CA PHE A 28 9.53 -6.47 3.80
C PHE A 28 8.24 -6.79 4.54
N ALA A 29 7.11 -6.37 3.97
CA ALA A 29 5.81 -6.62 4.59
C ALA A 29 5.43 -8.10 4.49
N LEU A 30 5.50 -8.65 3.28
CA LEU A 30 5.15 -10.04 3.04
C LEU A 30 6.41 -10.93 3.09
N THR A 31 6.71 -11.44 4.28
CA THR A 31 7.88 -12.30 4.46
C THR A 31 7.54 -13.78 4.28
N GLU A 32 6.48 -14.22 4.94
CA GLU A 32 6.05 -15.61 4.88
C GLU A 32 4.99 -15.82 3.80
N PHE A 33 4.47 -14.72 3.26
CA PHE A 33 3.44 -14.82 2.22
C PHE A 33 4.07 -15.06 0.85
N GLN A 34 5.34 -14.69 0.71
CA GLN A 34 6.07 -14.86 -0.55
C GLN A 34 5.20 -14.49 -1.74
N ILE A 35 4.87 -13.20 -1.86
CA ILE A 35 4.04 -12.72 -2.96
C ILE A 35 4.74 -12.94 -4.29
N ALA A 36 3.96 -13.27 -5.32
CA ALA A 36 4.50 -13.50 -6.65
C ALA A 36 5.13 -12.24 -7.23
N ARG A 37 6.37 -12.37 -7.69
CA ARG A 37 7.10 -11.25 -8.27
C ARG A 37 6.47 -10.80 -9.59
N SER A 38 5.94 -11.77 -10.33
CA SER A 38 5.32 -11.48 -11.63
C SER A 38 4.19 -10.47 -11.51
N THR A 39 3.53 -10.45 -10.34
CA THR A 39 2.41 -9.54 -10.11
C THR A 39 2.83 -8.07 -10.25
N LEU A 40 4.13 -7.80 -10.19
CA LEU A 40 4.65 -6.44 -10.31
C LEU A 40 4.09 -5.71 -11.53
N ASP A 41 3.51 -6.46 -12.47
CA ASP A 41 2.95 -5.85 -13.67
C ASP A 41 1.87 -4.83 -13.31
N VAL A 42 0.90 -5.25 -12.49
CA VAL A 42 -0.17 -4.37 -12.06
C VAL A 42 -0.37 -4.45 -10.55
N ALA A 43 0.61 -5.03 -9.87
CA ALA A 43 0.58 -5.19 -8.43
C ALA A 43 0.03 -3.97 -7.71
N ASP A 44 0.41 -2.80 -8.15
CA ASP A 44 -0.02 -1.58 -7.47
C ASP A 44 -1.54 -1.46 -7.40
N ARG A 45 -2.23 -1.57 -8.53
CA ARG A 45 -3.69 -1.43 -8.52
C ARG A 45 -4.45 -2.68 -8.07
N THR A 46 -4.34 -3.76 -8.85
CA THR A 46 -5.09 -5.00 -8.59
C THR A 46 -4.49 -6.00 -7.59
N GLU A 47 -3.27 -6.47 -7.86
CA GLU A 47 -2.65 -7.53 -7.06
C GLU A 47 -2.25 -7.16 -5.63
N LEU A 48 -1.35 -6.20 -5.47
CA LEU A 48 -0.89 -5.82 -4.14
C LEU A 48 -2.04 -5.40 -3.22
N ALA A 49 -2.95 -4.60 -3.75
CA ALA A 49 -4.09 -4.11 -2.97
C ALA A 49 -4.93 -5.26 -2.41
N ASP A 50 -5.39 -6.15 -3.29
CA ASP A 50 -6.22 -7.27 -2.88
C ASP A 50 -5.46 -8.29 -2.05
N HIS A 51 -4.18 -8.46 -2.35
CA HIS A 51 -3.34 -9.42 -1.65
C HIS A 51 -3.16 -9.07 -0.16
N LEU A 52 -2.63 -7.88 0.10
CA LEU A 52 -2.39 -7.44 1.48
C LEU A 52 -3.63 -7.55 2.36
N ILE A 53 -4.80 -7.34 1.76
CA ILE A 53 -6.07 -7.39 2.51
C ILE A 53 -6.25 -8.74 3.19
N GLN A 54 -6.00 -9.82 2.45
CA GLN A 54 -6.15 -11.17 2.98
C GLN A 54 -5.27 -11.39 4.21
N SER A 55 -4.17 -10.66 4.29
CA SER A 55 -3.24 -10.80 5.41
C SER A 55 -3.81 -10.22 6.70
N ALA A 56 -4.13 -8.93 6.70
CA ALA A 56 -4.66 -8.27 7.89
C ALA A 56 -6.00 -7.60 7.64
N GLY A 57 -6.17 -7.04 6.44
CA GLY A 57 -7.41 -6.38 6.10
C GLY A 57 -7.20 -5.18 5.19
N ALA A 58 -8.29 -4.55 4.77
CA ALA A 58 -8.21 -3.41 3.88
C ALA A 58 -7.67 -2.17 4.58
N ALA A 59 -8.45 -1.60 5.50
CA ALA A 59 -8.06 -0.40 6.22
C ALA A 59 -6.87 -0.65 7.14
N SER A 60 -6.78 -1.85 7.70
CA SER A 60 -5.70 -2.20 8.62
C SER A 60 -4.34 -2.20 7.91
N ALA A 61 -4.26 -2.88 6.77
CA ALA A 61 -3.02 -2.97 6.02
C ALA A 61 -2.64 -1.66 5.35
N VAL A 62 -3.62 -0.97 4.77
CA VAL A 62 -3.38 0.30 4.09
C VAL A 62 -2.76 1.33 5.04
N THR A 63 -3.11 1.24 6.32
CA THR A 63 -2.59 2.17 7.32
C THR A 63 -1.13 1.89 7.63
N LYS A 64 -0.83 0.66 8.04
CA LYS A 64 0.53 0.28 8.38
C LYS A 64 1.45 0.35 7.16
N ALA A 65 0.87 0.13 5.98
CA ALA A 65 1.63 0.18 4.73
C ALA A 65 2.40 1.49 4.60
N ILE A 66 1.84 2.55 5.17
CA ILE A 66 2.46 3.87 5.10
C ILE A 66 3.77 3.90 5.89
N ASN A 67 3.73 3.39 7.12
CA ASN A 67 4.91 3.37 7.98
C ASN A 67 6.00 2.47 7.42
N ILE A 68 5.60 1.39 6.76
CA ILE A 68 6.55 0.44 6.18
C ILE A 68 7.19 0.98 4.90
N PHE A 69 6.36 1.62 4.07
CA PHE A 69 6.83 2.16 2.79
C PHE A 69 7.71 3.40 2.98
N GLN A 70 7.37 4.24 3.94
CA GLN A 70 8.12 5.46 4.18
C GLN A 70 9.55 5.20 4.64
N LYS A 71 9.69 4.49 5.76
CA LYS A 71 11.00 4.20 6.34
C LYS A 71 11.84 3.28 5.46
N LEU A 72 11.26 2.73 4.39
CA LEU A 72 12.01 1.80 3.56
C LEU A 72 12.57 2.40 2.27
N ASN A 73 11.78 3.23 1.58
CA ASN A 73 12.27 3.79 0.32
C ASN A 73 12.21 5.32 0.23
N TYR A 74 11.03 5.89 0.51
CA TYR A 74 10.85 7.34 0.39
C TYR A 74 10.04 7.96 1.52
N MET A 75 10.55 7.88 2.74
CA MET A 75 9.86 8.45 3.90
C MET A 75 9.47 9.91 3.69
N HIS A 76 9.96 10.51 2.61
CA HIS A 76 9.66 11.91 2.32
C HIS A 76 8.29 12.08 1.64
N ILE A 77 8.06 11.32 0.58
CA ILE A 77 6.79 11.40 -0.15
C ILE A 77 5.64 10.83 0.66
N ALA A 78 5.90 9.78 1.42
CA ALA A 78 4.88 9.14 2.23
C ALA A 78 4.32 10.09 3.28
N ASN A 79 5.16 11.01 3.76
CA ASN A 79 4.74 11.97 4.78
C ASN A 79 3.54 12.78 4.30
N ALA A 80 3.56 13.17 3.02
CA ALA A 80 2.47 13.93 2.44
C ALA A 80 1.23 13.07 2.22
N LEU A 81 1.46 11.79 1.93
CA LEU A 81 0.38 10.84 1.68
C LEU A 81 -0.39 10.48 2.95
N GLU A 82 0.32 10.27 4.05
CA GLU A 82 -0.32 9.89 5.32
C GLU A 82 -1.35 10.93 5.74
N GLU A 83 -1.16 12.17 5.29
CA GLU A 83 -2.09 13.25 5.62
C GLU A 83 -3.51 12.91 5.18
N LYS A 84 -3.60 12.17 4.07
CA LYS A 84 -4.90 11.77 3.52
C LYS A 84 -5.69 10.94 4.53
N LYS A 85 -4.98 10.22 5.39
CA LYS A 85 -5.62 9.38 6.40
C LYS A 85 -6.64 10.17 7.21
N LYS A 86 -6.33 11.45 7.46
CA LYS A 86 -7.23 12.31 8.23
C LYS A 86 -8.59 12.42 7.54
N GLU A 87 -8.56 12.43 6.21
CA GLU A 87 -9.79 12.53 5.42
C GLU A 87 -10.51 11.19 5.39
N ALA A 88 -9.74 10.11 5.48
CA ALA A 88 -10.29 8.76 5.47
C ALA A 88 -11.33 8.57 6.56
N GLU A 89 -11.17 9.31 7.65
CA GLU A 89 -12.09 9.23 8.79
C GLU A 89 -13.54 9.39 8.34
N ARG A 90 -13.82 10.48 7.61
CA ARG A 90 -15.18 10.73 7.14
C ARG A 90 -15.56 9.79 6.01
N LYS A 91 -14.55 9.18 5.39
CA LYS A 91 -14.78 8.25 4.28
C LYS A 91 -15.11 6.86 4.80
N LEU A 92 -14.73 6.57 6.04
CA LEU A 92 -14.99 5.28 6.65
C LEU A 92 -16.23 5.34 7.55
N MET A 93 -16.92 6.46 7.50
CA MET A 93 -18.13 6.65 8.31
C MET A 93 -19.37 6.28 7.51
N THR A 94 -19.31 6.46 6.20
CA THR A 94 -20.42 6.14 5.32
C THR A 94 -20.06 5.04 4.33
N ASN A 95 -21.00 4.12 4.11
CA ASN A 95 -20.77 3.01 3.20
C ASN A 95 -22.08 2.59 2.52
N MET A 1 -15.62 4.51 -1.87
CA MET A 1 -15.67 3.20 -1.16
C MET A 1 -14.33 2.87 -0.53
N GLU A 2 -14.31 1.85 0.33
CA GLU A 2 -13.08 1.44 1.00
C GLU A 2 -12.05 0.92 -0.01
N SER A 3 -12.55 0.36 -1.10
CA SER A 3 -11.69 -0.18 -2.14
C SER A 3 -10.87 0.93 -2.80
N GLU A 4 -11.44 2.13 -2.86
CA GLU A 4 -10.77 3.28 -3.48
C GLU A 4 -9.66 3.79 -2.58
N TYR A 5 -9.84 3.67 -1.27
CA TYR A 5 -8.86 4.13 -0.31
C TYR A 5 -7.66 3.19 -0.22
N ARG A 6 -7.93 1.88 -0.28
CA ARG A 6 -6.86 0.89 -0.19
C ARG A 6 -6.08 0.80 -1.50
N GLU A 7 -6.78 0.99 -2.62
CA GLU A 7 -6.15 0.92 -3.94
C GLU A 7 -5.25 2.13 -4.20
N MET A 8 -5.80 3.32 -4.03
CA MET A 8 -5.07 4.56 -4.25
C MET A 8 -3.88 4.70 -3.29
N LEU A 9 -4.12 4.40 -2.02
CA LEU A 9 -3.09 4.51 -1.00
C LEU A 9 -1.87 3.64 -1.34
N LEU A 10 -2.11 2.52 -2.01
CA LEU A 10 -1.03 1.61 -2.37
C LEU A 10 -0.34 2.03 -3.67
N LEU A 11 -1.09 2.08 -4.77
CA LEU A 11 -0.55 2.43 -6.07
C LEU A 11 0.16 3.79 -6.06
N THR A 12 -0.24 4.68 -5.16
CA THR A 12 0.38 6.00 -5.09
C THR A 12 1.85 5.91 -4.73
N GLY A 13 2.30 4.69 -4.45
CA GLY A 13 3.69 4.47 -4.10
C GLY A 13 4.39 3.52 -5.05
N LEU A 14 3.70 2.45 -5.43
CA LEU A 14 4.25 1.46 -6.34
C LEU A 14 4.64 2.10 -7.68
N ASP A 15 3.74 2.90 -8.24
CA ASP A 15 3.98 3.57 -9.51
C ASP A 15 4.83 4.83 -9.33
N HIS A 16 5.36 5.02 -8.13
CA HIS A 16 6.18 6.20 -7.85
C HIS A 16 7.52 5.82 -7.21
N ILE A 17 7.95 4.58 -7.43
CA ILE A 17 9.22 4.11 -6.88
C ILE A 17 10.04 3.36 -7.93
N THR A 18 11.35 3.36 -7.75
CA THR A 18 12.25 2.68 -8.67
C THR A 18 12.07 1.17 -8.61
N GLU A 19 12.62 0.47 -9.60
CA GLU A 19 12.53 -0.98 -9.66
C GLU A 19 13.32 -1.64 -8.54
N GLU A 20 14.45 -1.04 -8.18
CA GLU A 20 15.31 -1.57 -7.12
C GLU A 20 14.57 -1.58 -5.78
N GLU A 21 13.91 -0.48 -5.46
CA GLU A 21 13.16 -0.36 -4.21
C GLU A 21 11.84 -1.11 -4.31
N LEU A 22 11.31 -1.20 -5.53
CA LEU A 22 10.04 -1.89 -5.78
C LEU A 22 10.05 -3.30 -5.21
N LYS A 23 11.13 -4.04 -5.46
CA LYS A 23 11.25 -5.40 -4.97
C LYS A 23 11.52 -5.44 -3.47
N ARG A 24 12.27 -4.45 -2.98
CA ARG A 24 12.61 -4.37 -1.57
C ARG A 24 11.37 -4.29 -0.69
N PHE A 25 10.35 -3.56 -1.16
CA PHE A 25 9.11 -3.41 -0.41
C PHE A 25 8.41 -4.75 -0.21
N LYS A 26 8.21 -5.48 -1.30
CA LYS A 26 7.55 -6.79 -1.24
C LYS A 26 8.36 -7.76 -0.38
N TYR A 27 9.69 -7.59 -0.39
CA TYR A 27 10.58 -8.46 0.37
C TYR A 27 10.37 -8.29 1.88
N PHE A 28 10.27 -7.04 2.32
CA PHE A 28 10.10 -6.75 3.74
C PHE A 28 8.65 -6.93 4.18
N ALA A 29 7.74 -6.26 3.50
CA ALA A 29 6.32 -6.34 3.83
C ALA A 29 5.78 -7.76 3.66
N LEU A 30 6.01 -8.34 2.49
CA LEU A 30 5.53 -9.69 2.21
C LEU A 30 6.63 -10.73 2.45
N THR A 31 6.69 -11.24 3.67
CA THR A 31 7.69 -12.25 4.03
C THR A 31 7.16 -13.66 3.83
N GLU A 32 5.97 -13.92 4.37
CA GLU A 32 5.35 -15.24 4.26
C GLU A 32 4.36 -15.30 3.10
N PHE A 33 3.98 -14.15 2.56
CA PHE A 33 3.04 -14.10 1.45
C PHE A 33 3.71 -14.47 0.13
N GLN A 34 5.02 -14.25 0.07
CA GLN A 34 5.81 -14.58 -1.12
C GLN A 34 5.09 -14.21 -2.42
N ILE A 35 4.91 -12.91 -2.66
CA ILE A 35 4.25 -12.45 -3.87
C ILE A 35 5.18 -12.58 -5.08
N ALA A 36 4.64 -13.06 -6.19
CA ALA A 36 5.42 -13.23 -7.41
C ALA A 36 5.86 -11.89 -8.00
N ARG A 37 7.08 -11.85 -8.52
CA ARG A 37 7.62 -10.63 -9.11
C ARG A 37 6.87 -10.25 -10.38
N SER A 38 6.40 -11.25 -11.11
CA SER A 38 5.68 -11.04 -12.35
C SER A 38 4.42 -10.20 -12.13
N THR A 39 3.85 -10.29 -10.93
CA THR A 39 2.63 -9.54 -10.60
C THR A 39 2.87 -8.05 -10.56
N LEU A 40 4.13 -7.64 -10.47
CA LEU A 40 4.49 -6.21 -10.41
C LEU A 40 3.83 -5.41 -11.54
N ASP A 41 3.35 -6.11 -12.56
CA ASP A 41 2.70 -5.46 -13.70
C ASP A 41 1.48 -4.65 -13.25
N VAL A 42 0.72 -5.21 -12.31
CA VAL A 42 -0.48 -4.55 -11.81
C VAL A 42 -0.67 -4.78 -10.31
N ALA A 43 0.38 -5.26 -9.66
CA ALA A 43 0.32 -5.54 -8.24
C ALA A 43 -0.18 -4.35 -7.43
N ASP A 44 0.09 -3.16 -7.90
CA ASP A 44 -0.33 -1.97 -7.17
C ASP A 44 -1.83 -1.95 -6.93
N ARG A 45 -2.62 -2.06 -8.00
CA ARG A 45 -4.07 -2.03 -7.86
C ARG A 45 -4.71 -3.37 -7.43
N THR A 46 -4.54 -4.40 -8.24
CA THR A 46 -5.17 -5.71 -8.00
C THR A 46 -4.47 -6.65 -7.00
N GLU A 47 -3.21 -6.99 -7.26
CA GLU A 47 -2.49 -7.98 -6.44
C GLU A 47 -2.22 -7.56 -5.00
N LEU A 48 -1.49 -6.48 -4.80
CA LEU A 48 -1.16 -6.02 -3.45
C LEU A 48 -2.41 -5.73 -2.64
N ALA A 49 -3.31 -4.96 -3.20
CA ALA A 49 -4.54 -4.59 -2.50
C ALA A 49 -5.30 -5.81 -1.96
N ASP A 50 -5.60 -6.75 -2.84
CA ASP A 50 -6.35 -7.95 -2.44
C ASP A 50 -5.53 -8.87 -1.52
N HIS A 51 -4.23 -8.95 -1.74
CA HIS A 51 -3.37 -9.84 -0.96
C HIS A 51 -3.09 -9.34 0.46
N LEU A 52 -2.52 -8.15 0.59
CA LEU A 52 -2.17 -7.61 1.90
C LEU A 52 -3.38 -7.30 2.78
N ILE A 53 -4.48 -6.84 2.18
CA ILE A 53 -5.68 -6.52 2.96
C ILE A 53 -6.22 -7.74 3.70
N GLN A 54 -6.25 -8.88 3.03
CA GLN A 54 -6.74 -10.12 3.64
C GLN A 54 -5.98 -10.45 4.91
N SER A 55 -4.74 -10.00 5.00
CA SER A 55 -3.89 -10.26 6.17
C SER A 55 -4.54 -9.79 7.47
N ALA A 56 -4.86 -8.49 7.54
CA ALA A 56 -5.46 -7.94 8.76
C ALA A 56 -6.80 -7.25 8.46
N GLY A 57 -6.90 -6.61 7.31
CA GLY A 57 -8.12 -5.91 6.95
C GLY A 57 -7.87 -4.75 5.99
N ALA A 58 -8.95 -4.11 5.56
CA ALA A 58 -8.84 -2.99 4.64
C ALA A 58 -8.18 -1.78 5.28
N ALA A 59 -8.87 -1.15 6.22
CA ALA A 59 -8.36 0.03 6.91
C ALA A 59 -7.16 -0.30 7.80
N SER A 60 -7.17 -1.51 8.37
CA SER A 60 -6.09 -1.93 9.27
C SER A 60 -4.75 -2.05 8.54
N ALA A 61 -4.75 -2.75 7.42
CA ALA A 61 -3.51 -2.95 6.65
C ALA A 61 -3.05 -1.68 5.95
N VAL A 62 -4.00 -0.91 5.42
CA VAL A 62 -3.67 0.32 4.71
C VAL A 62 -2.89 1.30 5.58
N THR A 63 -3.20 1.32 6.88
CA THR A 63 -2.52 2.23 7.81
C THR A 63 -1.09 1.79 8.07
N LYS A 64 -0.92 0.54 8.50
CA LYS A 64 0.40 -0.01 8.80
C LYS A 64 1.26 -0.10 7.54
N ALA A 65 0.61 -0.16 6.38
CA ALA A 65 1.33 -0.26 5.11
C ALA A 65 2.20 0.96 4.87
N ILE A 66 1.74 2.12 5.34
CA ILE A 66 2.47 3.37 5.17
C ILE A 66 3.74 3.37 6.02
N ASN A 67 3.64 2.83 7.23
CA ASN A 67 4.79 2.78 8.13
C ASN A 67 5.96 2.00 7.55
N ILE A 68 5.64 0.87 6.92
CA ILE A 68 6.67 0.02 6.32
C ILE A 68 7.19 0.62 5.00
N PHE A 69 6.28 1.09 4.18
CA PHE A 69 6.64 1.67 2.88
C PHE A 69 7.55 2.88 3.03
N GLN A 70 7.21 3.78 3.94
CA GLN A 70 7.99 4.99 4.15
C GLN A 70 9.41 4.70 4.61
N LYS A 71 9.53 3.98 5.73
CA LYS A 71 10.83 3.66 6.30
C LYS A 71 11.67 2.75 5.41
N LEU A 72 11.09 2.23 4.32
CA LEU A 72 11.82 1.30 3.47
C LEU A 72 12.42 1.93 2.21
N ASN A 73 11.67 2.80 1.54
CA ASN A 73 12.19 3.39 0.31
C ASN A 73 12.18 4.93 0.28
N TYR A 74 11.02 5.51 0.57
CA TYR A 74 10.87 6.97 0.49
C TYR A 74 10.07 7.56 1.64
N MET A 75 10.59 7.43 2.86
CA MET A 75 9.91 7.97 4.03
C MET A 75 9.57 9.45 3.86
N HIS A 76 10.13 10.08 2.84
CA HIS A 76 9.89 11.49 2.57
C HIS A 76 8.56 11.71 1.84
N ILE A 77 8.35 11.00 0.73
CA ILE A 77 7.12 11.15 -0.06
C ILE A 77 5.92 10.56 0.66
N ALA A 78 6.11 9.43 1.34
CA ALA A 78 5.04 8.75 2.05
C ALA A 78 4.40 9.69 3.08
N ASN A 79 5.20 10.60 3.63
CA ASN A 79 4.72 11.55 4.62
C ASN A 79 3.54 12.35 4.08
N ALA A 80 3.63 12.74 2.81
CA ALA A 80 2.57 13.51 2.16
C ALA A 80 1.35 12.64 1.87
N LEU A 81 1.60 11.36 1.58
CA LEU A 81 0.53 10.42 1.25
C LEU A 81 -0.34 10.09 2.47
N GLU A 82 0.31 9.80 3.60
CA GLU A 82 -0.41 9.46 4.82
C GLU A 82 -1.41 10.55 5.22
N GLU A 83 -1.14 11.78 4.80
CA GLU A 83 -2.02 12.91 5.11
C GLU A 83 -3.44 12.66 4.64
N LYS A 84 -3.58 11.94 3.52
CA LYS A 84 -4.89 11.63 2.96
C LYS A 84 -5.77 10.92 3.98
N LYS A 85 -5.15 10.16 4.89
CA LYS A 85 -5.88 9.42 5.91
C LYS A 85 -6.84 10.34 6.67
N LYS A 86 -6.44 11.59 6.86
CA LYS A 86 -7.27 12.56 7.56
C LYS A 86 -8.64 12.68 6.91
N GLU A 87 -8.65 12.85 5.59
CA GLU A 87 -9.90 12.97 4.84
C GLU A 87 -10.63 11.63 4.78
N ALA A 88 -9.86 10.54 4.81
CA ALA A 88 -10.44 9.21 4.76
C ALA A 88 -11.37 8.95 5.94
N GLU A 89 -11.10 9.63 7.05
CA GLU A 89 -11.89 9.47 8.26
C GLU A 89 -13.38 9.65 7.98
N ARG A 90 -13.73 10.76 7.34
CA ARG A 90 -15.13 11.05 7.02
C ARG A 90 -15.64 10.14 5.90
N LYS A 91 -14.71 9.61 5.12
CA LYS A 91 -15.08 8.72 4.00
C LYS A 91 -15.59 7.39 4.52
N LEU A 92 -15.03 6.93 5.63
CA LEU A 92 -15.43 5.66 6.24
C LEU A 92 -16.54 5.89 7.27
N MET A 93 -16.97 7.14 7.40
CA MET A 93 -18.02 7.48 8.35
C MET A 93 -19.39 7.43 7.69
N THR A 94 -19.42 7.69 6.38
CA THR A 94 -20.67 7.66 5.63
C THR A 94 -21.27 6.26 5.60
N ASN A 95 -22.59 6.19 5.78
CA ASN A 95 -23.29 4.91 5.78
C ASN A 95 -22.75 3.98 6.86
N MET A 1 -16.20 4.29 -2.04
CA MET A 1 -15.96 2.99 -1.38
C MET A 1 -14.58 2.97 -0.74
N GLU A 2 -14.42 2.11 0.28
CA GLU A 2 -13.15 1.98 0.97
C GLU A 2 -12.05 1.49 0.03
N SER A 3 -12.44 0.73 -0.98
CA SER A 3 -11.50 0.19 -1.96
C SER A 3 -10.68 1.30 -2.61
N GLU A 4 -11.28 2.48 -2.74
CA GLU A 4 -10.58 3.61 -3.35
C GLU A 4 -9.42 4.07 -2.48
N TYR A 5 -9.57 3.90 -1.17
CA TYR A 5 -8.53 4.31 -0.22
C TYR A 5 -7.39 3.29 -0.18
N ARG A 6 -7.71 2.04 -0.54
CA ARG A 6 -6.70 0.98 -0.54
C ARG A 6 -5.87 1.02 -1.81
N GLU A 7 -6.56 0.98 -2.95
CA GLU A 7 -5.91 1.00 -4.26
C GLU A 7 -5.10 2.27 -4.50
N MET A 8 -5.73 3.42 -4.30
CA MET A 8 -5.07 4.71 -4.53
C MET A 8 -3.85 4.89 -3.64
N LEU A 9 -4.01 4.63 -2.35
CA LEU A 9 -2.90 4.80 -1.40
C LEU A 9 -1.68 3.98 -1.80
N LEU A 10 -1.91 2.85 -2.44
CA LEU A 10 -0.82 1.97 -2.86
C LEU A 10 -0.17 2.45 -4.15
N LEU A 11 -0.94 2.51 -5.22
CA LEU A 11 -0.43 2.92 -6.52
C LEU A 11 0.30 4.26 -6.47
N THR A 12 -0.05 5.10 -5.50
CA THR A 12 0.58 6.41 -5.35
C THR A 12 2.07 6.27 -5.04
N GLY A 13 2.51 5.04 -4.78
CA GLY A 13 3.90 4.78 -4.48
C GLY A 13 4.52 3.78 -5.43
N LEU A 14 3.76 2.73 -5.76
CA LEU A 14 4.25 1.70 -6.67
C LEU A 14 4.62 2.29 -8.02
N ASP A 15 3.77 3.20 -8.51
CA ASP A 15 4.00 3.85 -9.79
C ASP A 15 4.99 5.01 -9.66
N HIS A 16 5.64 5.11 -8.51
CA HIS A 16 6.61 6.18 -8.28
C HIS A 16 7.90 5.64 -7.67
N ILE A 17 8.12 4.34 -7.81
CA ILE A 17 9.33 3.71 -7.27
C ILE A 17 10.02 2.84 -8.31
N THR A 18 11.26 2.48 -8.05
CA THR A 18 12.04 1.66 -8.97
C THR A 18 11.90 0.18 -8.62
N GLU A 19 12.11 -0.69 -9.62
CA GLU A 19 12.00 -2.13 -9.41
C GLU A 19 12.96 -2.62 -8.34
N GLU A 20 14.11 -1.95 -8.23
CA GLU A 20 15.11 -2.33 -7.24
C GLU A 20 14.56 -2.18 -5.82
N GLU A 21 13.86 -1.08 -5.57
CA GLU A 21 13.27 -0.82 -4.27
C GLU A 21 12.00 -1.64 -4.07
N LEU A 22 11.34 -1.94 -5.18
CA LEU A 22 10.11 -2.73 -5.15
C LEU A 22 10.30 -4.04 -4.42
N LYS A 23 11.43 -4.72 -4.70
CA LYS A 23 11.74 -5.99 -4.06
C LYS A 23 11.87 -5.85 -2.55
N ARG A 24 12.31 -4.68 -2.10
CA ARG A 24 12.48 -4.42 -0.67
C ARG A 24 11.14 -4.26 0.03
N PHE A 25 10.23 -3.51 -0.58
CA PHE A 25 8.91 -3.26 -0.01
C PHE A 25 8.09 -4.55 0.07
N LYS A 26 8.02 -5.27 -1.04
CA LYS A 26 7.25 -6.51 -1.10
C LYS A 26 7.78 -7.55 -0.11
N TYR A 27 9.11 -7.64 0.01
CA TYR A 27 9.73 -8.60 0.91
C TYR A 27 9.55 -8.21 2.37
N PHE A 28 9.64 -6.91 2.66
CA PHE A 28 9.51 -6.42 4.02
C PHE A 28 8.13 -6.74 4.62
N ALA A 29 7.08 -6.30 3.93
CA ALA A 29 5.72 -6.54 4.40
C ALA A 29 5.33 -8.00 4.23
N LEU A 30 5.50 -8.51 3.02
CA LEU A 30 5.16 -9.89 2.72
C LEU A 30 6.39 -10.80 2.78
N THR A 31 6.65 -11.35 3.97
CA THR A 31 7.80 -12.23 4.16
C THR A 31 7.43 -13.69 3.91
N GLU A 32 6.35 -14.13 4.54
CA GLU A 32 5.89 -15.52 4.41
C GLU A 32 4.80 -15.65 3.35
N PHE A 33 4.33 -14.52 2.83
CA PHE A 33 3.28 -14.54 1.82
C PHE A 33 3.85 -14.76 0.41
N GLN A 34 5.11 -14.39 0.22
CA GLN A 34 5.78 -14.55 -1.07
C GLN A 34 4.86 -14.15 -2.22
N ILE A 35 4.55 -12.86 -2.30
CA ILE A 35 3.66 -12.36 -3.35
C ILE A 35 4.25 -12.63 -4.74
N ALA A 36 3.36 -12.87 -5.71
CA ALA A 36 3.78 -13.15 -7.08
C ALA A 36 4.57 -12.01 -7.68
N ARG A 37 5.79 -12.30 -8.12
CA ARG A 37 6.65 -11.29 -8.73
C ARG A 37 6.08 -10.81 -10.07
N SER A 38 5.35 -11.70 -10.74
CA SER A 38 4.76 -11.37 -12.04
C SER A 38 3.60 -10.38 -11.89
N THR A 39 2.84 -10.53 -10.82
CA THR A 39 1.69 -9.65 -10.57
C THR A 39 2.15 -8.22 -10.28
N LEU A 40 3.42 -8.06 -9.93
CA LEU A 40 3.98 -6.74 -9.63
C LEU A 40 3.70 -5.75 -10.74
N ASP A 41 3.40 -6.26 -11.94
CA ASP A 41 3.11 -5.42 -13.09
C ASP A 41 1.92 -4.49 -12.81
N VAL A 42 0.75 -5.10 -12.56
CA VAL A 42 -0.46 -4.34 -12.27
C VAL A 42 -0.82 -4.43 -10.80
N ALA A 43 0.13 -4.88 -9.99
CA ALA A 43 -0.07 -5.03 -8.56
C ALA A 43 -0.50 -3.74 -7.89
N ASP A 44 -0.08 -2.61 -8.42
CA ASP A 44 -0.40 -1.35 -7.78
C ASP A 44 -1.91 -1.14 -7.62
N ARG A 45 -2.67 -1.24 -8.69
CA ARG A 45 -4.11 -1.03 -8.60
C ARG A 45 -4.93 -2.24 -8.09
N THR A 46 -4.89 -3.34 -8.85
CA THR A 46 -5.70 -4.53 -8.54
C THR A 46 -5.12 -5.53 -7.53
N GLU A 47 -3.93 -6.05 -7.83
CA GLU A 47 -3.34 -7.13 -7.01
C GLU A 47 -2.88 -6.74 -5.60
N LEU A 48 -1.96 -5.79 -5.49
CA LEU A 48 -1.45 -5.39 -4.16
C LEU A 48 -2.58 -5.01 -3.21
N ALA A 49 -3.60 -4.35 -3.72
CA ALA A 49 -4.73 -3.93 -2.88
C ALA A 49 -5.48 -5.12 -2.30
N ASP A 50 -5.93 -6.02 -3.17
CA ASP A 50 -6.68 -7.19 -2.75
C ASP A 50 -5.82 -8.17 -1.95
N HIS A 51 -4.55 -8.26 -2.31
CA HIS A 51 -3.62 -9.18 -1.66
C HIS A 51 -3.40 -8.85 -0.18
N LEU A 52 -2.92 -7.64 0.10
CA LEU A 52 -2.65 -7.25 1.49
C LEU A 52 -3.89 -7.35 2.37
N ILE A 53 -5.06 -7.10 1.78
CA ILE A 53 -6.31 -7.18 2.54
C ILE A 53 -6.49 -8.57 3.15
N GLN A 54 -6.04 -9.59 2.45
CA GLN A 54 -6.15 -10.96 2.93
C GLN A 54 -5.13 -11.25 4.03
N SER A 55 -4.02 -10.52 4.00
CA SER A 55 -2.96 -10.70 4.98
C SER A 55 -3.39 -10.19 6.36
N ALA A 56 -3.76 -8.92 6.45
CA ALA A 56 -4.18 -8.33 7.71
C ALA A 56 -5.58 -7.72 7.62
N GLY A 57 -5.90 -7.15 6.47
CA GLY A 57 -7.20 -6.54 6.28
C GLY A 57 -7.14 -5.29 5.44
N ALA A 58 -8.28 -4.64 5.24
CA ALA A 58 -8.33 -3.42 4.45
C ALA A 58 -7.68 -2.25 5.19
N ALA A 59 -8.35 -1.79 6.25
CA ALA A 59 -7.85 -0.68 7.03
C ALA A 59 -6.59 -1.05 7.81
N SER A 60 -6.53 -2.28 8.29
CA SER A 60 -5.38 -2.75 9.06
C SER A 60 -4.09 -2.72 8.26
N ALA A 61 -4.10 -3.35 7.09
CA ALA A 61 -2.90 -3.42 6.24
C ALA A 61 -2.52 -2.05 5.67
N VAL A 62 -3.50 -1.34 5.11
CA VAL A 62 -3.23 -0.04 4.51
C VAL A 62 -2.64 0.95 5.52
N THR A 63 -3.06 0.84 6.78
CA THR A 63 -2.56 1.73 7.82
C THR A 63 -1.07 1.48 8.08
N LYS A 64 -0.71 0.24 8.38
CA LYS A 64 0.67 -0.12 8.64
C LYS A 64 1.52 -0.01 7.38
N ALA A 65 0.88 -0.09 6.23
CA ALA A 65 1.57 0.00 4.95
C ALA A 65 2.34 1.31 4.80
N ILE A 66 1.76 2.39 5.33
CA ILE A 66 2.39 3.70 5.26
C ILE A 66 3.69 3.73 6.06
N ASN A 67 3.67 3.11 7.24
CA ASN A 67 4.84 3.08 8.12
C ASN A 67 6.02 2.35 7.46
N ILE A 68 5.74 1.22 6.83
CA ILE A 68 6.77 0.42 6.19
C ILE A 68 7.30 1.10 4.92
N PHE A 69 6.39 1.47 4.03
CA PHE A 69 6.75 2.12 2.77
C PHE A 69 7.62 3.35 2.97
N GLN A 70 7.18 4.24 3.86
CA GLN A 70 7.91 5.48 4.11
C GLN A 70 9.34 5.21 4.59
N LYS A 71 9.47 4.46 5.67
CA LYS A 71 10.77 4.15 6.26
C LYS A 71 11.64 3.28 5.34
N LEU A 72 11.09 2.79 4.24
CA LEU A 72 11.85 1.91 3.36
C LEU A 72 12.33 2.55 2.06
N ASN A 73 11.48 3.34 1.42
CA ASN A 73 11.87 3.93 0.15
C ASN A 73 11.77 5.46 0.09
N TYR A 74 10.61 6.00 0.49
CA TYR A 74 10.41 7.44 0.40
C TYR A 74 9.72 8.03 1.63
N MET A 75 10.35 7.94 2.78
CA MET A 75 9.77 8.50 4.01
C MET A 75 9.38 9.96 3.81
N HIS A 76 9.94 10.58 2.77
CA HIS A 76 9.64 11.98 2.46
C HIS A 76 8.33 12.10 1.70
N ILE A 77 8.20 11.32 0.62
CA ILE A 77 7.00 11.34 -0.21
C ILE A 77 5.78 10.83 0.56
N ALA A 78 5.95 9.69 1.23
CA ALA A 78 4.86 9.08 2.00
C ALA A 78 4.27 10.07 3.00
N ASN A 79 5.10 10.98 3.49
CA ASN A 79 4.65 11.98 4.46
C ASN A 79 3.42 12.73 3.95
N ALA A 80 3.40 12.98 2.65
CA ALA A 80 2.27 13.68 2.03
C ALA A 80 1.04 12.79 1.94
N LEU A 81 1.28 11.49 1.74
CA LEU A 81 0.18 10.53 1.61
C LEU A 81 -0.50 10.27 2.95
N GLU A 82 0.29 10.11 4.01
CA GLU A 82 -0.25 9.85 5.34
C GLU A 82 -1.22 10.96 5.76
N GLU A 83 -1.02 12.15 5.21
CA GLU A 83 -1.87 13.28 5.53
C GLU A 83 -3.30 13.05 5.03
N LYS A 84 -3.41 12.34 3.91
CA LYS A 84 -4.71 12.03 3.34
C LYS A 84 -5.57 11.23 4.30
N LYS A 85 -4.92 10.45 5.17
CA LYS A 85 -5.63 9.62 6.15
C LYS A 85 -6.65 10.45 6.93
N LYS A 86 -6.31 11.71 7.19
CA LYS A 86 -7.18 12.61 7.94
C LYS A 86 -8.58 12.61 7.34
N GLU A 87 -8.66 12.73 6.02
CA GLU A 87 -9.95 12.74 5.32
C GLU A 87 -10.51 11.32 5.20
N ALA A 88 -9.62 10.35 5.11
CA ALA A 88 -10.02 8.95 4.99
C ALA A 88 -10.95 8.53 6.12
N GLU A 89 -10.79 9.18 7.26
CA GLU A 89 -11.59 8.88 8.44
C GLU A 89 -13.09 8.93 8.13
N ARG A 90 -13.55 10.02 7.53
CA ARG A 90 -14.96 10.18 7.21
C ARG A 90 -15.37 9.30 6.03
N LYS A 91 -14.38 8.75 5.33
CA LYS A 91 -14.65 7.89 4.19
C LYS A 91 -15.05 6.48 4.64
N LEU A 92 -14.86 6.20 5.91
CA LEU A 92 -15.20 4.88 6.47
C LEU A 92 -16.45 4.98 7.34
N MET A 93 -17.09 6.14 7.31
CA MET A 93 -18.31 6.36 8.10
C MET A 93 -19.53 6.42 7.20
N THR A 94 -19.31 6.41 5.89
CA THR A 94 -20.40 6.47 4.92
C THR A 94 -20.32 5.32 3.93
N ASN A 95 -21.42 5.08 3.21
CA ASN A 95 -21.47 4.01 2.24
C ASN A 95 -20.92 4.48 0.88
N MET A 1 -15.65 4.40 -2.28
CA MET A 1 -15.53 3.03 -1.69
C MET A 1 -14.20 2.85 -0.99
N GLU A 2 -14.15 1.89 -0.08
CA GLU A 2 -12.93 1.60 0.67
C GLU A 2 -11.84 1.07 -0.25
N SER A 3 -12.25 0.38 -1.31
CA SER A 3 -11.30 -0.18 -2.28
C SER A 3 -10.49 0.92 -2.95
N GLU A 4 -11.10 2.10 -3.08
CA GLU A 4 -10.42 3.23 -3.71
C GLU A 4 -9.39 3.85 -2.76
N TYR A 5 -9.69 3.81 -1.47
CA TYR A 5 -8.79 4.36 -0.46
C TYR A 5 -7.49 3.56 -0.38
N ARG A 6 -7.59 2.25 -0.51
CA ARG A 6 -6.41 1.39 -0.45
C ARG A 6 -5.67 1.36 -1.79
N GLU A 7 -6.42 1.20 -2.87
CA GLU A 7 -5.84 1.16 -4.21
C GLU A 7 -5.04 2.41 -4.53
N MET A 8 -5.63 3.57 -4.26
CA MET A 8 -4.99 4.84 -4.55
C MET A 8 -3.76 5.07 -3.64
N LEU A 9 -3.94 4.88 -2.34
CA LEU A 9 -2.85 5.08 -1.38
C LEU A 9 -1.66 4.16 -1.68
N LEU A 10 -1.94 2.98 -2.21
CA LEU A 10 -0.89 2.01 -2.53
C LEU A 10 -0.18 2.36 -3.84
N LEU A 11 -0.92 2.39 -4.94
CA LEU A 11 -0.35 2.68 -6.25
C LEU A 11 0.44 3.99 -6.26
N THR A 12 0.09 4.91 -5.36
CA THR A 12 0.78 6.19 -5.29
C THR A 12 2.24 6.01 -4.86
N GLY A 13 2.61 4.77 -4.57
CA GLY A 13 3.97 4.49 -4.17
C GLY A 13 4.63 3.46 -5.07
N LEU A 14 3.89 2.44 -5.46
CA LEU A 14 4.41 1.39 -6.33
C LEU A 14 4.87 1.97 -7.67
N ASP A 15 4.01 2.80 -8.26
CA ASP A 15 4.33 3.43 -9.54
C ASP A 15 5.21 4.66 -9.34
N HIS A 16 5.71 4.84 -8.12
CA HIS A 16 6.56 5.98 -7.81
C HIS A 16 7.91 5.53 -7.24
N ILE A 17 8.25 4.26 -7.45
CA ILE A 17 9.51 3.73 -6.96
C ILE A 17 10.26 2.97 -8.06
N THR A 18 11.58 2.94 -7.94
CA THR A 18 12.41 2.25 -8.93
C THR A 18 12.14 0.75 -8.92
N GLU A 19 12.74 0.04 -9.88
CA GLU A 19 12.56 -1.39 -9.99
C GLU A 19 13.21 -2.13 -8.83
N GLU A 20 14.41 -1.71 -8.46
CA GLU A 20 15.15 -2.34 -7.35
C GLU A 20 14.40 -2.17 -6.03
N GLU A 21 13.94 -0.95 -5.77
CA GLU A 21 13.21 -0.67 -4.53
C GLU A 21 11.84 -1.33 -4.55
N LEU A 22 11.29 -1.50 -5.75
CA LEU A 22 9.98 -2.12 -5.91
C LEU A 22 9.96 -3.53 -5.34
N LYS A 23 11.08 -4.24 -5.48
CA LYS A 23 11.18 -5.60 -4.97
C LYS A 23 11.42 -5.61 -3.46
N ARG A 24 12.16 -4.61 -2.97
CA ARG A 24 12.47 -4.51 -1.55
C ARG A 24 11.21 -4.33 -0.71
N PHE A 25 10.31 -3.45 -1.17
CA PHE A 25 9.08 -3.18 -0.44
C PHE A 25 8.25 -4.45 -0.29
N LYS A 26 7.92 -5.10 -1.41
CA LYS A 26 7.13 -6.32 -1.40
C LYS A 26 7.82 -7.40 -0.58
N TYR A 27 9.15 -7.45 -0.67
CA TYR A 27 9.95 -8.43 0.05
C TYR A 27 9.94 -8.14 1.54
N PHE A 28 9.74 -6.87 1.89
CA PHE A 28 9.72 -6.46 3.29
C PHE A 28 8.38 -6.79 3.94
N ALA A 29 7.30 -6.32 3.33
CA ALA A 29 5.96 -6.57 3.85
C ALA A 29 5.61 -8.04 3.81
N LEU A 30 5.79 -8.66 2.65
CA LEU A 30 5.49 -10.08 2.48
C LEU A 30 6.74 -10.92 2.73
N THR A 31 6.93 -11.33 3.98
CA THR A 31 8.07 -12.16 4.34
C THR A 31 7.71 -13.65 4.26
N GLU A 32 6.60 -14.00 4.89
CA GLU A 32 6.14 -15.39 4.90
C GLU A 32 5.10 -15.63 3.82
N PHE A 33 4.54 -14.55 3.29
CA PHE A 33 3.53 -14.65 2.24
C PHE A 33 4.16 -14.95 0.89
N GLN A 34 5.43 -14.60 0.74
CA GLN A 34 6.16 -14.83 -0.50
C GLN A 34 5.34 -14.36 -1.70
N ILE A 35 5.17 -13.04 -1.80
CA ILE A 35 4.40 -12.46 -2.90
C ILE A 35 4.97 -12.90 -4.25
N ALA A 36 4.14 -12.84 -5.29
CA ALA A 36 4.56 -13.24 -6.63
C ALA A 36 4.92 -12.05 -7.50
N ARG A 37 6.11 -12.10 -8.09
CA ARG A 37 6.59 -11.04 -8.97
C ARG A 37 5.76 -10.95 -10.26
N SER A 38 5.08 -12.05 -10.59
CA SER A 38 4.26 -12.08 -11.80
C SER A 38 3.17 -11.02 -11.75
N THR A 39 2.69 -10.73 -10.54
CA THR A 39 1.64 -9.75 -10.34
C THR A 39 2.17 -8.32 -10.43
N LEU A 40 3.49 -8.18 -10.28
CA LEU A 40 4.15 -6.87 -10.33
C LEU A 40 3.62 -5.99 -11.46
N ASP A 41 3.06 -6.61 -12.48
CA ASP A 41 2.53 -5.87 -13.63
C ASP A 41 1.46 -4.87 -13.20
N VAL A 42 0.44 -5.35 -12.49
CA VAL A 42 -0.65 -4.48 -12.02
C VAL A 42 -0.84 -4.60 -10.51
N ALA A 43 0.16 -5.18 -9.84
CA ALA A 43 0.10 -5.39 -8.40
C ALA A 43 -0.23 -4.11 -7.64
N ASP A 44 0.15 -2.97 -8.17
CA ASP A 44 -0.10 -1.72 -7.46
C ASP A 44 -1.58 -1.49 -7.16
N ARG A 45 -2.42 -1.52 -8.19
CA ARG A 45 -3.84 -1.29 -8.00
C ARG A 45 -4.65 -2.50 -7.50
N THR A 46 -4.69 -3.57 -8.31
CA THR A 46 -5.50 -4.75 -8.01
C THR A 46 -4.92 -5.80 -7.05
N GLU A 47 -3.74 -6.33 -7.39
CA GLU A 47 -3.15 -7.43 -6.63
C GLU A 47 -2.66 -7.08 -5.22
N LEU A 48 -1.73 -6.15 -5.09
CA LEU A 48 -1.20 -5.79 -3.76
C LEU A 48 -2.33 -5.41 -2.82
N ALA A 49 -3.26 -4.61 -3.32
CA ALA A 49 -4.39 -4.16 -2.51
C ALA A 49 -5.14 -5.32 -1.87
N ASP A 50 -5.58 -6.26 -2.69
CA ASP A 50 -6.33 -7.43 -2.20
C ASP A 50 -5.48 -8.36 -1.33
N HIS A 51 -4.19 -8.47 -1.66
CA HIS A 51 -3.29 -9.37 -0.94
C HIS A 51 -2.92 -8.87 0.46
N LEU A 52 -2.35 -7.68 0.55
CA LEU A 52 -1.91 -7.14 1.83
C LEU A 52 -3.07 -6.93 2.82
N ILE A 53 -4.25 -6.59 2.31
CA ILE A 53 -5.40 -6.37 3.18
C ILE A 53 -5.74 -7.61 4.01
N GLN A 54 -5.66 -8.77 3.39
CA GLN A 54 -5.96 -10.03 4.07
C GLN A 54 -5.08 -10.22 5.30
N SER A 55 -3.88 -9.63 5.28
CA SER A 55 -2.94 -9.76 6.38
C SER A 55 -3.55 -9.33 7.71
N ALA A 56 -4.03 -8.08 7.80
CA ALA A 56 -4.61 -7.57 9.03
C ALA A 56 -6.03 -7.06 8.83
N GLY A 57 -6.28 -6.46 7.66
CA GLY A 57 -7.60 -5.93 7.37
C GLY A 57 -7.56 -4.80 6.36
N ALA A 58 -8.73 -4.29 5.99
CA ALA A 58 -8.81 -3.20 5.02
C ALA A 58 -8.17 -1.92 5.54
N ALA A 59 -8.81 -1.29 6.52
CA ALA A 59 -8.31 -0.04 7.08
C ALA A 59 -7.00 -0.23 7.84
N SER A 60 -6.85 -1.37 8.49
CA SER A 60 -5.64 -1.66 9.27
C SER A 60 -4.40 -1.75 8.40
N ALA A 61 -4.42 -2.64 7.41
CA ALA A 61 -3.27 -2.83 6.52
C ALA A 61 -2.89 -1.54 5.79
N VAL A 62 -3.88 -0.82 5.28
CA VAL A 62 -3.62 0.42 4.56
C VAL A 62 -2.95 1.46 5.46
N THR A 63 -3.25 1.41 6.75
CA THR A 63 -2.68 2.36 7.70
C THR A 63 -1.21 2.05 7.96
N LYS A 64 -0.92 0.77 8.23
CA LYS A 64 0.45 0.34 8.51
C LYS A 64 1.30 0.38 7.24
N ALA A 65 0.64 0.27 6.10
CA ALA A 65 1.33 0.28 4.81
C ALA A 65 2.16 1.54 4.65
N ILE A 66 1.68 2.63 5.26
CA ILE A 66 2.38 3.91 5.19
C ILE A 66 3.71 3.86 5.94
N ASN A 67 3.70 3.23 7.11
CA ASN A 67 4.90 3.13 7.93
C ASN A 67 5.96 2.22 7.31
N ILE A 68 5.52 1.13 6.69
CA ILE A 68 6.43 0.18 6.06
C ILE A 68 7.05 0.74 4.78
N PHE A 69 6.21 1.33 3.93
CA PHE A 69 6.66 1.88 2.65
C PHE A 69 7.50 3.15 2.84
N GLN A 70 7.20 3.93 3.87
CA GLN A 70 7.92 5.18 4.10
C GLN A 70 9.36 4.94 4.53
N LYS A 71 9.54 4.26 5.65
CA LYS A 71 10.86 3.99 6.20
C LYS A 71 11.70 3.11 5.28
N LEU A 72 11.10 2.57 4.22
CA LEU A 72 11.83 1.67 3.35
C LEU A 72 12.32 2.31 2.05
N ASN A 73 11.50 3.15 1.41
CA ASN A 73 11.91 3.75 0.15
C ASN A 73 11.85 5.27 0.14
N TYR A 74 10.71 5.83 0.52
CA TYR A 74 10.52 7.28 0.48
C TYR A 74 9.80 7.83 1.71
N MET A 75 10.43 7.69 2.87
CA MET A 75 9.83 8.19 4.12
C MET A 75 9.37 9.64 3.99
N HIS A 76 9.93 10.34 2.99
CA HIS A 76 9.58 11.73 2.76
C HIS A 76 8.28 11.84 1.97
N ILE A 77 8.14 11.01 0.93
CA ILE A 77 6.95 11.02 0.08
C ILE A 77 5.73 10.46 0.80
N ALA A 78 5.89 9.28 1.39
CA ALA A 78 4.80 8.63 2.10
C ALA A 78 4.28 9.51 3.24
N ASN A 79 5.17 10.30 3.82
CA ASN A 79 4.81 11.20 4.92
C ASN A 79 3.62 12.06 4.53
N ALA A 80 3.63 12.54 3.29
CA ALA A 80 2.55 13.39 2.78
C ALA A 80 1.28 12.58 2.53
N LEU A 81 1.46 11.39 1.95
CA LEU A 81 0.33 10.51 1.64
C LEU A 81 -0.50 10.17 2.87
N GLU A 82 0.16 10.07 4.03
CA GLU A 82 -0.52 9.74 5.28
C GLU A 82 -1.73 10.65 5.53
N GLU A 83 -1.70 11.85 4.93
CA GLU A 83 -2.80 12.80 5.11
C GLU A 83 -4.15 12.16 4.76
N LYS A 84 -4.15 11.25 3.80
CA LYS A 84 -5.38 10.57 3.37
C LYS A 84 -6.07 9.90 4.55
N LYS A 85 -5.27 9.48 5.53
CA LYS A 85 -5.80 8.81 6.72
C LYS A 85 -6.86 9.66 7.42
N LYS A 86 -6.65 10.98 7.40
CA LYS A 86 -7.58 11.91 8.04
C LYS A 86 -8.89 12.01 7.24
N GLU A 87 -8.78 11.91 5.92
CA GLU A 87 -9.94 11.99 5.05
C GLU A 87 -10.74 10.69 5.07
N ALA A 88 -10.04 9.57 5.29
CA ALA A 88 -10.67 8.26 5.34
C ALA A 88 -11.76 8.21 6.41
N GLU A 89 -11.58 9.02 7.46
CA GLU A 89 -12.52 9.07 8.56
C GLU A 89 -13.95 9.28 8.06
N ARG A 90 -14.15 10.34 7.28
CA ARG A 90 -15.47 10.66 6.73
C ARG A 90 -15.84 9.69 5.61
N LYS A 91 -14.83 9.05 5.03
CA LYS A 91 -15.05 8.10 3.94
C LYS A 91 -15.42 6.72 4.48
N LEU A 92 -15.29 6.55 5.79
CA LEU A 92 -15.62 5.27 6.42
C LEU A 92 -16.78 5.43 7.38
N MET A 93 -17.29 6.66 7.50
CA MET A 93 -18.42 6.95 8.38
C MET A 93 -19.75 6.81 7.64
N THR A 94 -19.74 7.17 6.36
CA THR A 94 -20.94 7.08 5.53
C THR A 94 -20.80 6.00 4.47
N ASN A 95 -21.93 5.53 3.96
CA ASN A 95 -21.94 4.50 2.93
C ASN A 95 -21.73 5.10 1.55
N MET A 1 -15.88 5.05 -1.26
CA MET A 1 -15.53 3.61 -1.44
C MET A 1 -14.14 3.33 -0.89
N GLU A 2 -14.07 2.40 0.06
CA GLU A 2 -12.80 2.02 0.68
C GLU A 2 -11.83 1.50 -0.37
N SER A 3 -12.37 0.89 -1.42
CA SER A 3 -11.54 0.32 -2.48
C SER A 3 -10.69 1.40 -3.14
N GLU A 4 -11.24 2.61 -3.25
CA GLU A 4 -10.53 3.73 -3.86
C GLU A 4 -9.44 4.25 -2.92
N TYR A 5 -9.67 4.12 -1.63
CA TYR A 5 -8.72 4.59 -0.62
C TYR A 5 -7.48 3.69 -0.54
N ARG A 6 -7.69 2.39 -0.67
CA ARG A 6 -6.59 1.44 -0.60
C ARG A 6 -5.85 1.34 -1.92
N GLU A 7 -6.59 1.16 -3.01
CA GLU A 7 -6.00 1.02 -4.34
C GLU A 7 -5.09 2.19 -4.68
N MET A 8 -5.61 3.41 -4.56
CA MET A 8 -4.85 4.61 -4.89
C MET A 8 -3.68 4.84 -3.93
N LEU A 9 -3.96 4.80 -2.63
CA LEU A 9 -2.93 5.04 -1.61
C LEU A 9 -1.75 4.08 -1.77
N LEU A 10 -2.03 2.86 -2.22
CA LEU A 10 -0.99 1.85 -2.39
C LEU A 10 -0.19 2.06 -3.67
N LEU A 11 -0.88 2.08 -4.81
CA LEU A 11 -0.22 2.24 -6.10
C LEU A 11 0.60 3.52 -6.16
N THR A 12 0.26 4.51 -5.33
CA THR A 12 0.98 5.77 -5.29
C THR A 12 2.44 5.57 -4.93
N GLY A 13 2.78 4.37 -4.49
CA GLY A 13 4.16 4.08 -4.11
C GLY A 13 4.76 2.94 -4.91
N LEU A 14 3.92 2.08 -5.48
CA LEU A 14 4.39 0.94 -6.27
C LEU A 14 4.92 1.40 -7.63
N ASP A 15 4.04 2.02 -8.41
CA ASP A 15 4.40 2.50 -9.75
C ASP A 15 5.14 3.84 -9.69
N HIS A 16 5.47 4.28 -8.48
CA HIS A 16 6.17 5.54 -8.30
C HIS A 16 7.59 5.33 -7.78
N ILE A 17 8.11 4.12 -7.95
CA ILE A 17 9.46 3.81 -7.49
C ILE A 17 10.21 2.95 -8.52
N THR A 18 11.54 2.96 -8.43
CA THR A 18 12.36 2.19 -9.36
C THR A 18 12.05 0.70 -9.26
N GLU A 19 12.49 -0.06 -10.26
CA GLU A 19 12.25 -1.49 -10.28
C GLU A 19 13.05 -2.21 -9.19
N GLU A 20 14.29 -1.79 -9.00
CA GLU A 20 15.15 -2.39 -7.99
C GLU A 20 14.53 -2.27 -6.59
N GLU A 21 14.01 -1.09 -6.27
CA GLU A 21 13.39 -0.86 -4.97
C GLU A 21 11.98 -1.46 -4.92
N LEU A 22 11.34 -1.53 -6.09
CA LEU A 22 9.99 -2.08 -6.18
C LEU A 22 9.96 -3.53 -5.72
N LYS A 23 11.05 -4.25 -5.96
CA LYS A 23 11.14 -5.65 -5.57
C LYS A 23 11.40 -5.78 -4.08
N ARG A 24 12.17 -4.86 -3.54
CA ARG A 24 12.51 -4.86 -2.11
C ARG A 24 11.25 -4.64 -1.27
N PHE A 25 10.46 -3.64 -1.64
CA PHE A 25 9.24 -3.31 -0.92
C PHE A 25 8.32 -4.52 -0.81
N LYS A 26 8.15 -5.24 -1.91
CA LYS A 26 7.30 -6.43 -1.94
C LYS A 26 7.85 -7.51 -1.02
N TYR A 27 9.17 -7.56 -0.90
CA TYR A 27 9.84 -8.55 -0.07
C TYR A 27 9.63 -8.27 1.42
N PHE A 28 9.81 -7.02 1.83
CA PHE A 28 9.65 -6.64 3.23
C PHE A 28 8.20 -6.74 3.67
N ALA A 29 7.30 -6.13 2.89
CA ALA A 29 5.88 -6.15 3.22
C ALA A 29 5.34 -7.58 3.26
N LEU A 30 5.61 -8.33 2.19
CA LEU A 30 5.13 -9.71 2.10
C LEU A 30 6.22 -10.69 2.52
N THR A 31 6.24 -11.03 3.80
CA THR A 31 7.23 -11.96 4.34
C THR A 31 6.73 -13.41 4.31
N GLU A 32 5.51 -13.61 4.83
CA GLU A 32 4.93 -14.94 4.90
C GLU A 32 4.00 -15.20 3.71
N PHE A 33 4.02 -14.31 2.72
CA PHE A 33 3.17 -14.47 1.54
C PHE A 33 3.99 -14.94 0.34
N GLN A 34 5.30 -14.66 0.37
CA GLN A 34 6.19 -15.06 -0.71
C GLN A 34 5.59 -14.80 -2.09
N ILE A 35 4.72 -13.78 -2.16
CA ILE A 35 4.09 -13.42 -3.43
C ILE A 35 5.13 -13.15 -4.51
N ALA A 36 4.85 -13.63 -5.71
CA ALA A 36 5.76 -13.45 -6.84
C ALA A 36 6.12 -11.97 -7.02
N ARG A 37 7.41 -11.69 -7.11
CA ARG A 37 7.88 -10.32 -7.26
C ARG A 37 7.45 -9.76 -8.61
N SER A 38 7.61 -10.56 -9.66
CA SER A 38 7.27 -10.15 -11.03
C SER A 38 5.85 -9.57 -11.09
N THR A 39 4.99 -10.03 -10.19
CA THR A 39 3.60 -9.58 -10.14
C THR A 39 3.50 -8.06 -10.01
N LEU A 40 4.59 -7.43 -9.59
CA LEU A 40 4.62 -5.97 -9.41
C LEU A 40 4.16 -5.21 -10.66
N ASP A 41 4.02 -5.94 -11.77
CA ASP A 41 3.57 -5.33 -13.03
C ASP A 41 2.21 -4.67 -12.85
N VAL A 42 1.33 -5.33 -12.10
CA VAL A 42 0.00 -4.81 -11.84
C VAL A 42 -0.40 -5.03 -10.38
N ALA A 43 0.53 -5.57 -9.61
CA ALA A 43 0.29 -5.85 -8.21
C ALA A 43 -0.19 -4.64 -7.44
N ASP A 44 0.22 -3.47 -7.89
CA ASP A 44 -0.16 -2.24 -7.19
C ASP A 44 -1.68 -2.07 -7.10
N ARG A 45 -2.38 -2.17 -8.23
CA ARG A 45 -3.83 -1.97 -8.23
C ARG A 45 -4.65 -3.18 -7.74
N THR A 46 -4.57 -4.28 -8.51
CA THR A 46 -5.36 -5.48 -8.23
C THR A 46 -4.81 -6.47 -7.19
N GLU A 47 -3.60 -6.96 -7.41
CA GLU A 47 -3.02 -8.01 -6.57
C GLU A 47 -2.68 -7.60 -5.13
N LEU A 48 -1.80 -6.63 -4.95
CA LEU A 48 -1.40 -6.20 -3.61
C LEU A 48 -2.57 -5.70 -2.78
N ALA A 49 -3.33 -4.77 -3.32
CA ALA A 49 -4.46 -4.19 -2.60
C ALA A 49 -5.40 -5.24 -2.03
N ASP A 50 -5.89 -6.13 -2.88
CA ASP A 50 -6.83 -7.18 -2.47
C ASP A 50 -6.20 -8.22 -1.54
N HIS A 51 -4.92 -8.52 -1.75
CA HIS A 51 -4.24 -9.56 -0.96
C HIS A 51 -3.91 -9.10 0.47
N LEU A 52 -3.16 -8.01 0.60
CA LEU A 52 -2.74 -7.50 1.91
C LEU A 52 -3.90 -7.35 2.88
N ILE A 53 -5.09 -7.03 2.37
CA ILE A 53 -6.26 -6.86 3.23
C ILE A 53 -6.49 -8.06 4.14
N GLN A 54 -6.40 -9.26 3.56
CA GLN A 54 -6.61 -10.49 4.32
C GLN A 54 -5.62 -10.62 5.48
N SER A 55 -4.45 -9.99 5.34
CA SER A 55 -3.42 -10.06 6.38
C SER A 55 -3.89 -9.45 7.70
N ALA A 56 -4.26 -8.18 7.67
CA ALA A 56 -4.72 -7.49 8.89
C ALA A 56 -6.12 -6.89 8.71
N GLY A 57 -6.40 -6.39 7.51
CA GLY A 57 -7.70 -5.80 7.24
C GLY A 57 -7.62 -4.74 6.15
N ALA A 58 -8.75 -4.10 5.86
CA ALA A 58 -8.80 -3.08 4.83
C ALA A 58 -8.08 -1.81 5.27
N ALA A 59 -8.68 -1.10 6.23
CA ALA A 59 -8.11 0.14 6.74
C ALA A 59 -6.81 -0.10 7.51
N SER A 60 -6.75 -1.21 8.24
CA SER A 60 -5.58 -1.54 9.04
C SER A 60 -4.33 -1.72 8.17
N ALA A 61 -4.41 -2.61 7.19
CA ALA A 61 -3.29 -2.89 6.30
C ALA A 61 -2.84 -1.64 5.54
N VAL A 62 -3.80 -0.87 5.03
CA VAL A 62 -3.48 0.34 4.28
C VAL A 62 -2.76 1.36 5.15
N THR A 63 -3.05 1.35 6.45
CA THR A 63 -2.41 2.28 7.38
C THR A 63 -0.98 1.86 7.70
N LYS A 64 -0.80 0.59 8.06
CA LYS A 64 0.52 0.08 8.40
C LYS A 64 1.44 0.09 7.18
N ALA A 65 0.85 -0.12 6.00
CA ALA A 65 1.61 -0.14 4.76
C ALA A 65 2.42 1.15 4.60
N ILE A 66 1.89 2.24 5.15
CA ILE A 66 2.55 3.53 5.07
C ILE A 66 3.85 3.53 5.89
N ASN A 67 3.79 2.92 7.07
CA ASN A 67 4.94 2.86 7.97
C ASN A 67 6.08 2.05 7.35
N ILE A 68 5.75 0.93 6.71
CA ILE A 68 6.75 0.06 6.10
C ILE A 68 7.36 0.70 4.85
N PHE A 69 6.51 1.28 4.01
CA PHE A 69 6.96 1.91 2.77
C PHE A 69 7.75 3.19 3.01
N GLN A 70 7.31 4.00 3.96
CA GLN A 70 7.96 5.28 4.24
C GLN A 70 9.40 5.08 4.74
N LYS A 71 9.55 4.34 5.82
CA LYS A 71 10.86 4.11 6.42
C LYS A 71 11.78 3.31 5.50
N LEU A 72 11.26 2.79 4.39
CA LEU A 72 12.07 1.97 3.50
C LEU A 72 12.57 2.69 2.25
N ASN A 73 11.72 3.49 1.62
CA ASN A 73 12.14 4.18 0.39
C ASN A 73 11.98 5.69 0.41
N TYR A 74 10.78 6.15 0.77
CA TYR A 74 10.50 7.59 0.73
C TYR A 74 9.71 8.08 1.95
N MET A 75 10.33 7.98 3.13
CA MET A 75 9.68 8.40 4.36
C MET A 75 9.09 9.81 4.25
N HIS A 76 9.64 10.62 3.36
CA HIS A 76 9.15 11.99 3.17
C HIS A 76 7.90 12.03 2.28
N ILE A 77 7.84 11.12 1.29
CA ILE A 77 6.70 11.07 0.38
C ILE A 77 5.45 10.55 1.09
N ALA A 78 5.59 9.42 1.77
CA ALA A 78 4.48 8.80 2.48
C ALA A 78 3.87 9.76 3.51
N ASN A 79 4.70 10.64 4.06
CA ASN A 79 4.24 11.60 5.05
C ASN A 79 3.02 12.38 4.55
N ALA A 80 3.06 12.78 3.27
CA ALA A 80 1.95 13.52 2.67
C ALA A 80 0.75 12.62 2.43
N LEU A 81 1.01 11.35 2.14
CA LEU A 81 -0.06 10.38 1.88
C LEU A 81 -0.85 10.04 3.13
N GLU A 82 -0.13 9.77 4.22
CA GLU A 82 -0.77 9.42 5.49
C GLU A 82 -1.72 10.53 5.95
N GLU A 83 -1.45 11.76 5.52
CA GLU A 83 -2.28 12.90 5.89
C GLU A 83 -3.73 12.70 5.43
N LYS A 84 -3.88 12.02 4.29
CA LYS A 84 -5.20 11.76 3.72
C LYS A 84 -6.05 10.93 4.68
N LYS A 85 -5.40 10.12 5.51
CA LYS A 85 -6.10 9.26 6.47
C LYS A 85 -7.10 10.06 7.29
N LYS A 86 -6.76 11.31 7.60
CA LYS A 86 -7.63 12.18 8.38
C LYS A 86 -8.98 12.32 7.70
N GLU A 87 -8.96 12.48 6.38
CA GLU A 87 -10.19 12.62 5.60
C GLU A 87 -10.88 11.28 5.43
N ALA A 88 -10.09 10.21 5.42
CA ALA A 88 -10.62 8.86 5.24
C ALA A 88 -11.63 8.52 6.34
N GLU A 89 -11.45 9.13 7.51
CA GLU A 89 -12.34 8.89 8.65
C GLU A 89 -13.81 9.07 8.26
N ARG A 90 -14.15 10.24 7.71
CA ARG A 90 -15.52 10.51 7.31
C ARG A 90 -15.92 9.66 6.10
N LYS A 91 -14.93 9.09 5.43
CA LYS A 91 -15.18 8.25 4.27
C LYS A 91 -15.54 6.82 4.69
N LEU A 92 -15.14 6.45 5.90
CA LEU A 92 -15.41 5.12 6.43
C LEU A 92 -16.75 5.09 7.17
N MET A 93 -17.08 6.20 7.82
CA MET A 93 -18.33 6.30 8.57
C MET A 93 -19.52 6.46 7.61
N THR A 94 -19.26 7.09 6.47
CA THR A 94 -20.29 7.31 5.46
C THR A 94 -20.33 6.16 4.47
N ASN A 95 -21.49 5.51 4.38
CA ASN A 95 -21.67 4.38 3.46
C ASN A 95 -22.20 4.85 2.12
N MET A 1 -15.00 5.66 -1.13
CA MET A 1 -15.04 4.30 -0.52
C MET A 1 -13.66 3.82 -0.16
N GLU A 2 -13.59 2.70 0.57
CA GLU A 2 -12.32 2.12 0.98
C GLU A 2 -11.53 1.63 -0.21
N SER A 3 -12.23 1.23 -1.27
CA SER A 3 -11.59 0.75 -2.49
C SER A 3 -10.71 1.82 -3.11
N GLU A 4 -11.19 3.06 -3.11
CA GLU A 4 -10.44 4.17 -3.68
C GLU A 4 -9.32 4.61 -2.74
N TYR A 5 -9.53 4.43 -1.44
CA TYR A 5 -8.53 4.81 -0.44
C TYR A 5 -7.29 3.93 -0.53
N ARG A 6 -7.50 2.64 -0.82
CA ARG A 6 -6.39 1.70 -0.92
C ARG A 6 -5.71 1.78 -2.28
N GLU A 7 -6.50 1.85 -3.33
CA GLU A 7 -5.98 1.89 -4.70
C GLU A 7 -5.01 3.05 -4.92
N MET A 8 -5.44 4.25 -4.58
CA MET A 8 -4.62 5.45 -4.77
C MET A 8 -3.44 5.49 -3.80
N LEU A 9 -3.71 5.22 -2.53
CA LEU A 9 -2.68 5.24 -1.50
C LEU A 9 -1.52 4.31 -1.83
N LEU A 10 -1.82 3.22 -2.53
CA LEU A 10 -0.78 2.26 -2.90
C LEU A 10 -0.06 2.66 -4.18
N LEU A 11 -0.82 2.78 -5.27
CA LEU A 11 -0.24 3.13 -6.57
C LEU A 11 0.52 4.46 -6.54
N THR A 12 0.17 5.33 -5.59
CA THR A 12 0.84 6.62 -5.48
C THR A 12 2.32 6.46 -5.12
N GLY A 13 2.73 5.23 -4.86
CA GLY A 13 4.11 4.96 -4.51
C GLY A 13 4.77 3.98 -5.45
N LEU A 14 4.07 2.90 -5.77
CA LEU A 14 4.60 1.88 -6.67
C LEU A 14 4.97 2.47 -8.03
N ASP A 15 4.09 3.32 -8.55
CA ASP A 15 4.32 3.95 -9.85
C ASP A 15 5.28 5.12 -9.72
N HIS A 16 5.72 5.41 -8.50
CA HIS A 16 6.64 6.51 -8.25
C HIS A 16 8.00 5.99 -7.78
N ILE A 17 8.23 4.69 -7.97
CA ILE A 17 9.49 4.09 -7.57
C ILE A 17 10.06 3.20 -8.68
N THR A 18 11.25 2.65 -8.43
CA THR A 18 11.90 1.77 -9.40
C THR A 18 11.60 0.31 -9.10
N GLU A 19 12.05 -0.58 -9.99
CA GLU A 19 11.83 -2.01 -9.84
C GLU A 19 12.61 -2.56 -8.65
N GLU A 20 13.88 -2.18 -8.53
CA GLU A 20 14.73 -2.65 -7.45
C GLU A 20 14.12 -2.33 -6.09
N GLU A 21 13.58 -1.13 -5.95
CA GLU A 21 12.96 -0.70 -4.70
C GLU A 21 11.57 -1.33 -4.54
N LEU A 22 10.94 -1.61 -5.67
CA LEU A 22 9.60 -2.21 -5.66
C LEU A 22 9.63 -3.58 -5.00
N LYS A 23 10.58 -4.42 -5.40
CA LYS A 23 10.71 -5.77 -4.84
C LYS A 23 11.14 -5.70 -3.38
N ARG A 24 11.90 -4.66 -3.04
CA ARG A 24 12.39 -4.50 -1.66
C ARG A 24 11.21 -4.31 -0.70
N PHE A 25 10.27 -3.45 -1.08
CA PHE A 25 9.10 -3.18 -0.24
C PHE A 25 8.25 -4.44 -0.07
N LYS A 26 7.82 -5.02 -1.18
CA LYS A 26 7.00 -6.23 -1.16
C LYS A 26 7.67 -7.35 -0.37
N TYR A 27 8.99 -7.40 -0.45
CA TYR A 27 9.76 -8.42 0.25
C TYR A 27 9.72 -8.21 1.76
N PHE A 28 9.72 -6.95 2.17
CA PHE A 28 9.70 -6.60 3.58
C PHE A 28 8.32 -6.84 4.20
N ALA A 29 7.29 -6.25 3.58
CA ALA A 29 5.93 -6.40 4.07
C ALA A 29 5.49 -7.86 4.09
N LEU A 30 5.67 -8.54 2.96
CA LEU A 30 5.29 -9.94 2.84
C LEU A 30 6.49 -10.85 3.06
N THR A 31 6.71 -11.25 4.32
CA THR A 31 7.83 -12.12 4.65
C THR A 31 7.44 -13.59 4.61
N GLU A 32 6.34 -13.92 5.27
CA GLU A 32 5.86 -15.30 5.33
C GLU A 32 4.79 -15.54 4.27
N PHE A 33 4.23 -14.46 3.73
CA PHE A 33 3.18 -14.57 2.71
C PHE A 33 3.79 -14.90 1.36
N GLN A 34 5.06 -14.57 1.18
CA GLN A 34 5.77 -14.83 -0.07
C GLN A 34 4.96 -14.37 -1.27
N ILE A 35 4.79 -13.06 -1.41
CA ILE A 35 4.04 -12.50 -2.53
C ILE A 35 4.80 -12.68 -3.84
N ALA A 36 4.06 -13.00 -4.90
CA ALA A 36 4.67 -13.21 -6.22
C ALA A 36 5.16 -11.90 -6.82
N ARG A 37 6.45 -11.86 -7.17
CA ARG A 37 7.05 -10.68 -7.77
C ARG A 37 6.47 -10.41 -9.16
N SER A 38 5.90 -11.44 -9.77
CA SER A 38 5.31 -11.32 -11.10
C SER A 38 4.12 -10.37 -11.08
N THR A 39 3.47 -10.27 -9.93
CA THR A 39 2.31 -9.40 -9.78
C THR A 39 2.63 -7.96 -10.12
N LEU A 40 3.92 -7.61 -10.13
CA LEU A 40 4.37 -6.26 -10.44
C LEU A 40 3.70 -5.68 -11.69
N ASP A 41 3.16 -6.56 -12.53
CA ASP A 41 2.51 -6.13 -13.76
C ASP A 41 1.41 -5.10 -13.46
N VAL A 42 0.59 -5.38 -12.46
CA VAL A 42 -0.50 -4.49 -12.06
C VAL A 42 -0.63 -4.47 -10.54
N ALA A 43 0.40 -4.95 -9.87
CA ALA A 43 0.43 -5.03 -8.42
C ALA A 43 -0.08 -3.76 -7.76
N ASP A 44 0.33 -2.61 -8.26
CA ASP A 44 -0.05 -1.36 -7.63
C ASP A 44 -1.57 -1.21 -7.52
N ARG A 45 -2.27 -1.31 -8.64
CA ARG A 45 -3.73 -1.15 -8.61
C ARG A 45 -4.52 -2.40 -8.17
N THR A 46 -4.43 -3.47 -8.97
CA THR A 46 -5.21 -4.70 -8.70
C THR A 46 -4.64 -5.73 -7.72
N GLU A 47 -3.45 -6.25 -8.02
CA GLU A 47 -2.87 -7.35 -7.23
C GLU A 47 -2.38 -6.99 -5.82
N LEU A 48 -1.44 -6.07 -5.70
CA LEU A 48 -0.91 -5.72 -4.38
C LEU A 48 -1.99 -5.19 -3.45
N ALA A 49 -2.98 -4.49 -4.02
CA ALA A 49 -4.07 -3.93 -3.22
C ALA A 49 -4.91 -5.02 -2.58
N ASP A 50 -5.43 -5.93 -3.39
CA ASP A 50 -6.26 -7.02 -2.90
C ASP A 50 -5.48 -7.99 -2.03
N HIS A 51 -4.21 -8.19 -2.37
CA HIS A 51 -3.34 -9.12 -1.64
C HIS A 51 -3.17 -8.73 -0.16
N LEU A 52 -2.68 -7.52 0.08
CA LEU A 52 -2.45 -7.04 1.44
C LEU A 52 -3.72 -7.13 2.30
N ILE A 53 -4.88 -6.94 1.68
CA ILE A 53 -6.14 -7.00 2.40
C ILE A 53 -6.30 -8.34 3.12
N GLN A 54 -5.84 -9.41 2.49
CA GLN A 54 -5.93 -10.75 3.07
C GLN A 54 -4.91 -10.94 4.19
N SER A 55 -3.80 -10.21 4.11
CA SER A 55 -2.74 -10.32 5.12
C SER A 55 -3.20 -9.83 6.49
N ALA A 56 -3.63 -8.57 6.56
CA ALA A 56 -4.08 -8.00 7.82
C ALA A 56 -5.49 -7.43 7.71
N GLY A 57 -5.80 -6.87 6.55
CA GLY A 57 -7.12 -6.29 6.35
C GLY A 57 -7.07 -5.10 5.42
N ALA A 58 -8.21 -4.44 5.24
CA ALA A 58 -8.28 -3.27 4.36
C ALA A 58 -7.57 -2.07 4.97
N ALA A 59 -8.15 -1.52 6.03
CA ALA A 59 -7.57 -0.36 6.71
C ALA A 59 -6.26 -0.71 7.40
N SER A 60 -6.21 -1.90 8.00
CA SER A 60 -5.02 -2.36 8.71
C SER A 60 -3.79 -2.38 7.82
N ALA A 61 -3.88 -3.08 6.69
CA ALA A 61 -2.76 -3.19 5.77
C ALA A 61 -2.43 -1.86 5.09
N VAL A 62 -3.45 -1.17 4.60
CA VAL A 62 -3.25 0.11 3.92
C VAL A 62 -2.57 1.12 4.84
N THR A 63 -2.83 1.02 6.14
CA THR A 63 -2.25 1.94 7.11
C THR A 63 -0.78 1.61 7.38
N LYS A 64 -0.52 0.37 7.75
CA LYS A 64 0.84 -0.08 8.05
C LYS A 64 1.74 0.02 6.82
N ALA A 65 1.14 -0.17 5.65
CA ALA A 65 1.87 -0.11 4.39
C ALA A 65 2.64 1.20 4.26
N ILE A 66 2.08 2.25 4.86
CA ILE A 66 2.69 3.58 4.81
C ILE A 66 3.93 3.63 5.72
N ASN A 67 3.81 3.05 6.91
CA ASN A 67 4.91 3.03 7.87
C ASN A 67 6.11 2.26 7.33
N ILE A 68 5.84 1.18 6.61
CA ILE A 68 6.90 0.35 6.04
C ILE A 68 7.54 1.01 4.82
N PHE A 69 6.70 1.43 3.87
CA PHE A 69 7.16 2.06 2.64
C PHE A 69 7.94 3.34 2.90
N GLN A 70 7.54 4.10 3.90
CA GLN A 70 8.20 5.36 4.22
C GLN A 70 9.62 5.16 4.75
N LYS A 71 9.74 4.44 5.86
CA LYS A 71 11.04 4.21 6.48
C LYS A 71 11.97 3.37 5.60
N LEU A 72 11.45 2.84 4.49
CA LEU A 72 12.27 1.98 3.63
C LEU A 72 12.75 2.65 2.35
N ASN A 73 11.90 3.44 1.71
CA ASN A 73 12.30 4.08 0.46
C ASN A 73 12.15 5.60 0.45
N TYR A 74 10.98 6.08 0.83
CA TYR A 74 10.72 7.53 0.78
C TYR A 74 9.98 8.06 2.01
N MET A 75 10.61 7.96 3.17
CA MET A 75 10.00 8.45 4.41
C MET A 75 9.51 9.88 4.25
N HIS A 76 10.06 10.60 3.28
CA HIS A 76 9.68 11.98 3.01
C HIS A 76 8.39 12.07 2.20
N ILE A 77 8.34 11.34 1.08
CA ILE A 77 7.17 11.34 0.21
C ILE A 77 5.92 10.80 0.92
N ALA A 78 6.07 9.63 1.55
CA ALA A 78 4.96 8.99 2.24
C ALA A 78 4.30 9.92 3.25
N ASN A 79 5.09 10.82 3.83
CA ASN A 79 4.58 11.77 4.82
C ASN A 79 3.42 12.59 4.25
N ALA A 80 3.51 12.92 2.97
CA ALA A 80 2.48 13.70 2.30
C ALA A 80 1.21 12.89 2.05
N LEU A 81 1.37 11.65 1.59
CA LEU A 81 0.23 10.79 1.28
C LEU A 81 -0.50 10.32 2.53
N GLU A 82 0.24 10.02 3.59
CA GLU A 82 -0.37 9.55 4.84
C GLU A 82 -1.39 10.54 5.37
N GLU A 83 -1.24 11.81 5.02
CA GLU A 83 -2.16 12.84 5.46
C GLU A 83 -3.59 12.53 5.02
N LYS A 84 -3.70 11.89 3.86
CA LYS A 84 -5.01 11.54 3.31
C LYS A 84 -5.81 10.68 4.29
N LYS A 85 -5.09 9.91 5.11
CA LYS A 85 -5.73 9.04 6.10
C LYS A 85 -6.73 9.80 6.95
N LYS A 86 -6.42 11.07 7.23
CA LYS A 86 -7.29 11.90 8.04
C LYS A 86 -8.71 11.89 7.51
N GLU A 87 -8.84 11.93 6.18
CA GLU A 87 -10.15 11.93 5.53
C GLU A 87 -10.74 10.53 5.52
N ALA A 88 -9.88 9.52 5.50
CA ALA A 88 -10.32 8.12 5.47
C ALA A 88 -11.29 7.83 6.62
N GLU A 89 -11.15 8.55 7.72
CA GLU A 89 -12.01 8.36 8.87
C GLU A 89 -13.48 8.55 8.51
N ARG A 90 -13.80 9.68 7.90
CA ARG A 90 -15.18 9.97 7.50
C ARG A 90 -15.60 9.12 6.31
N LYS A 91 -14.62 8.51 5.64
CA LYS A 91 -14.90 7.67 4.48
C LYS A 91 -15.50 6.34 4.91
N LEU A 92 -14.95 5.77 5.98
CA LEU A 92 -15.42 4.48 6.49
C LEU A 92 -16.62 4.69 7.42
N MET A 93 -17.04 5.95 7.56
CA MET A 93 -18.16 6.28 8.42
C MET A 93 -19.42 6.59 7.60
N THR A 94 -19.22 7.32 6.49
CA THR A 94 -20.32 7.69 5.62
C THR A 94 -21.04 6.46 5.07
N ASN A 95 -22.33 6.60 4.81
CA ASN A 95 -23.14 5.52 4.28
C ASN A 95 -23.08 4.29 5.21
N MET A 1 -15.99 4.57 -1.44
CA MET A 1 -15.59 3.15 -1.60
C MET A 1 -14.20 2.90 -1.01
N GLU A 2 -14.14 1.98 -0.05
CA GLU A 2 -12.87 1.64 0.59
C GLU A 2 -11.89 1.07 -0.41
N SER A 3 -12.41 0.41 -1.44
CA SER A 3 -11.59 -0.20 -2.47
C SER A 3 -10.75 0.85 -3.19
N GLU A 4 -11.30 2.07 -3.30
CA GLU A 4 -10.61 3.16 -3.96
C GLU A 4 -9.51 3.72 -3.06
N TYR A 5 -9.73 3.63 -1.74
CA TYR A 5 -8.76 4.13 -0.78
C TYR A 5 -7.52 3.25 -0.72
N ARG A 6 -7.71 1.93 -0.77
CA ARG A 6 -6.60 0.99 -0.72
C ARG A 6 -5.86 0.93 -2.05
N GLU A 7 -6.60 1.07 -3.14
CA GLU A 7 -6.01 1.02 -4.48
C GLU A 7 -5.18 2.27 -4.78
N MET A 8 -5.79 3.44 -4.59
CA MET A 8 -5.13 4.70 -4.86
C MET A 8 -3.95 4.96 -3.92
N LEU A 9 -4.19 4.81 -2.62
CA LEU A 9 -3.16 5.05 -1.62
C LEU A 9 -1.91 4.20 -1.87
N LEU A 10 -2.10 2.98 -2.35
CA LEU A 10 -0.97 2.09 -2.61
C LEU A 10 -0.27 2.40 -3.92
N LEU A 11 -1.01 2.41 -5.02
CA LEU A 11 -0.43 2.68 -6.34
C LEU A 11 0.36 3.99 -6.35
N THR A 12 0.04 4.89 -5.42
CA THR A 12 0.73 6.18 -5.33
C THR A 12 2.23 5.99 -5.18
N GLY A 13 2.62 4.94 -4.45
CA GLY A 13 4.04 4.69 -4.24
C GLY A 13 4.62 3.71 -5.24
N LEU A 14 3.91 2.62 -5.51
CA LEU A 14 4.39 1.63 -6.47
C LEU A 14 4.63 2.24 -7.85
N ASP A 15 3.68 3.07 -8.29
CA ASP A 15 3.79 3.72 -9.60
C ASP A 15 4.71 4.93 -9.54
N HIS A 16 5.43 5.08 -8.44
CA HIS A 16 6.34 6.21 -8.27
C HIS A 16 7.76 5.72 -7.98
N ILE A 17 7.87 4.49 -7.50
CA ILE A 17 9.17 3.90 -7.17
C ILE A 17 9.71 3.09 -8.34
N THR A 18 10.95 2.62 -8.19
CA THR A 18 11.60 1.82 -9.23
C THR A 18 11.33 0.33 -9.03
N GLU A 19 11.88 -0.49 -9.92
CA GLU A 19 11.69 -1.93 -9.85
C GLU A 19 12.41 -2.52 -8.64
N GLU A 20 13.62 -2.01 -8.36
CA GLU A 20 14.41 -2.50 -7.23
C GLU A 20 13.67 -2.28 -5.92
N GLU A 21 13.11 -1.08 -5.74
CA GLU A 21 12.38 -0.76 -4.53
C GLU A 21 11.06 -1.52 -4.50
N LEU A 22 10.54 -1.81 -5.68
CA LEU A 22 9.28 -2.55 -5.81
C LEU A 22 9.46 -3.99 -5.35
N LYS A 23 10.65 -4.53 -5.58
CA LYS A 23 10.96 -5.90 -5.20
C LYS A 23 11.24 -6.01 -3.71
N ARG A 24 11.91 -5.01 -3.15
CA ARG A 24 12.24 -5.00 -1.73
C ARG A 24 10.99 -4.78 -0.87
N PHE A 25 10.07 -3.96 -1.38
CA PHE A 25 8.83 -3.66 -0.65
C PHE A 25 8.09 -4.93 -0.27
N LYS A 26 7.84 -5.79 -1.25
CA LYS A 26 7.12 -7.04 -1.03
C LYS A 26 7.96 -8.01 -0.20
N TYR A 27 9.28 -7.91 -0.32
CA TYR A 27 10.19 -8.79 0.41
C TYR A 27 10.17 -8.48 1.91
N PHE A 28 10.09 -7.20 2.25
CA PHE A 28 10.08 -6.78 3.65
C PHE A 28 8.71 -6.97 4.28
N ALA A 29 7.68 -6.40 3.66
CA ALA A 29 6.32 -6.50 4.18
C ALA A 29 5.81 -7.94 4.13
N LEU A 30 5.90 -8.56 2.96
CA LEU A 30 5.43 -9.93 2.79
C LEU A 30 6.58 -10.93 2.88
N THR A 31 6.86 -11.40 4.09
CA THR A 31 7.93 -12.36 4.32
C THR A 31 7.41 -13.80 4.23
N GLU A 32 6.32 -14.07 4.96
CA GLU A 32 5.73 -15.41 4.99
C GLU A 32 4.60 -15.54 3.97
N PHE A 33 4.33 -14.46 3.24
CA PHE A 33 3.26 -14.47 2.24
C PHE A 33 3.77 -14.97 0.90
N GLN A 34 5.08 -14.86 0.68
CA GLN A 34 5.70 -15.29 -0.57
C GLN A 34 4.88 -14.87 -1.79
N ILE A 35 4.57 -13.59 -1.85
CA ILE A 35 3.79 -13.04 -2.95
C ILE A 35 4.49 -13.29 -4.29
N ALA A 36 3.69 -13.53 -5.34
CA ALA A 36 4.23 -13.79 -6.67
C ALA A 36 4.85 -12.54 -7.29
N ARG A 37 6.11 -12.67 -7.71
CA ARG A 37 6.84 -11.57 -8.33
C ARG A 37 6.25 -11.19 -9.68
N SER A 38 5.47 -12.11 -10.26
CA SER A 38 4.85 -11.86 -11.56
C SER A 38 3.75 -10.82 -11.46
N THR A 39 3.12 -10.75 -10.30
CA THR A 39 2.02 -9.80 -10.06
C THR A 39 2.50 -8.35 -10.21
N LEU A 40 3.82 -8.15 -10.13
CA LEU A 40 4.41 -6.81 -10.24
C LEU A 40 3.91 -6.05 -11.48
N ASP A 41 3.30 -6.78 -12.42
CA ASP A 41 2.80 -6.16 -13.64
C ASP A 41 1.73 -5.11 -13.32
N VAL A 42 0.75 -5.49 -12.51
CA VAL A 42 -0.33 -4.61 -12.12
C VAL A 42 -0.51 -4.62 -10.61
N ALA A 43 0.49 -5.16 -9.92
CA ALA A 43 0.47 -5.27 -8.46
C ALA A 43 0.02 -4.00 -7.76
N ASP A 44 0.43 -2.85 -8.27
CA ASP A 44 0.08 -1.60 -7.61
C ASP A 44 -1.43 -1.43 -7.45
N ARG A 45 -2.18 -1.53 -8.53
CA ARG A 45 -3.63 -1.36 -8.45
C ARG A 45 -4.40 -2.60 -7.96
N THR A 46 -4.32 -3.69 -8.72
CA THR A 46 -5.09 -4.91 -8.42
C THR A 46 -4.49 -5.91 -7.41
N GLU A 47 -3.30 -6.42 -7.72
CA GLU A 47 -2.69 -7.47 -6.89
C GLU A 47 -2.17 -7.06 -5.51
N LEU A 48 -1.22 -6.14 -5.47
CA LEU A 48 -0.64 -5.72 -4.19
C LEU A 48 -1.69 -5.14 -3.25
N ALA A 49 -2.49 -4.20 -3.74
CA ALA A 49 -3.51 -3.56 -2.93
C ALA A 49 -4.44 -4.57 -2.26
N ASP A 50 -5.06 -5.44 -3.06
CA ASP A 50 -6.00 -6.43 -2.54
C ASP A 50 -5.30 -7.51 -1.70
N HIS A 51 -4.11 -7.92 -2.12
CA HIS A 51 -3.37 -8.97 -1.43
C HIS A 51 -2.97 -8.54 -0.01
N LEU A 52 -2.29 -7.40 0.10
CA LEU A 52 -1.84 -6.90 1.40
C LEU A 52 -2.98 -6.79 2.39
N ILE A 53 -4.19 -6.48 1.90
CA ILE A 53 -5.36 -6.36 2.77
C ILE A 53 -5.60 -7.64 3.56
N GLN A 54 -5.43 -8.78 2.90
CA GLN A 54 -5.64 -10.07 3.55
C GLN A 54 -4.73 -10.25 4.76
N SER A 55 -3.59 -9.57 4.75
CA SER A 55 -2.63 -9.68 5.85
C SER A 55 -3.26 -9.32 7.20
N ALA A 56 -3.79 -8.10 7.31
CA ALA A 56 -4.40 -7.66 8.56
C ALA A 56 -5.84 -7.21 8.37
N GLY A 57 -6.12 -6.59 7.22
CA GLY A 57 -7.45 -6.11 6.94
C GLY A 57 -7.45 -4.94 5.97
N ALA A 58 -8.63 -4.44 5.62
CA ALA A 58 -8.74 -3.32 4.69
C ALA A 58 -8.10 -2.06 5.26
N ALA A 59 -8.72 -1.49 6.28
CA ALA A 59 -8.23 -0.27 6.91
C ALA A 59 -6.91 -0.50 7.64
N SER A 60 -6.76 -1.69 8.21
CA SER A 60 -5.56 -2.03 8.97
C SER A 60 -4.31 -2.09 8.10
N ALA A 61 -4.36 -2.92 7.05
CA ALA A 61 -3.21 -3.08 6.15
C ALA A 61 -2.80 -1.76 5.49
N VAL A 62 -3.77 -1.04 4.94
CA VAL A 62 -3.50 0.22 4.27
C VAL A 62 -2.81 1.22 5.21
N THR A 63 -3.12 1.14 6.50
CA THR A 63 -2.53 2.04 7.48
C THR A 63 -1.08 1.65 7.80
N LYS A 64 -0.87 0.37 8.12
CA LYS A 64 0.47 -0.10 8.45
C LYS A 64 1.39 -0.07 7.23
N ALA A 65 0.78 -0.08 6.05
CA ALA A 65 1.55 -0.04 4.80
C ALA A 65 2.36 1.24 4.68
N ILE A 66 1.82 2.33 5.21
CA ILE A 66 2.50 3.62 5.16
C ILE A 66 3.78 3.62 6.01
N ASN A 67 3.70 2.95 7.16
CA ASN A 67 4.85 2.88 8.08
C ASN A 67 6.04 2.15 7.44
N ILE A 68 5.76 1.05 6.75
CA ILE A 68 6.82 0.25 6.12
C ILE A 68 7.38 0.93 4.87
N PHE A 69 6.49 1.39 4.00
CA PHE A 69 6.88 2.04 2.76
C PHE A 69 7.69 3.31 2.99
N GLN A 70 7.28 4.11 3.98
CA GLN A 70 7.96 5.37 4.27
C GLN A 70 9.41 5.17 4.72
N LYS A 71 9.60 4.43 5.81
CA LYS A 71 10.93 4.21 6.36
C LYS A 71 11.82 3.38 5.42
N LEU A 72 11.26 2.85 4.35
CA LEU A 72 12.05 2.00 3.45
C LEU A 72 12.54 2.70 2.19
N ASN A 73 11.70 3.51 1.56
CA ASN A 73 12.11 4.17 0.31
C ASN A 73 11.94 5.69 0.34
N TYR A 74 10.76 6.17 0.71
CA TYR A 74 10.47 7.61 0.67
C TYR A 74 9.73 8.11 1.90
N MET A 75 10.35 8.00 3.07
CA MET A 75 9.72 8.46 4.31
C MET A 75 9.22 9.90 4.18
N HIS A 76 9.75 10.62 3.18
CA HIS A 76 9.37 12.00 2.95
C HIS A 76 8.05 12.07 2.16
N ILE A 77 7.98 11.33 1.05
CA ILE A 77 6.79 11.32 0.21
C ILE A 77 5.59 10.75 0.95
N ALA A 78 5.76 9.61 1.61
CA ALA A 78 4.68 8.97 2.34
C ALA A 78 4.06 9.92 3.36
N ASN A 79 4.87 10.84 3.89
CA ASN A 79 4.40 11.80 4.88
C ASN A 79 3.19 12.58 4.34
N ALA A 80 3.26 12.95 3.07
CA ALA A 80 2.17 13.69 2.44
C ALA A 80 0.96 12.79 2.18
N LEU A 81 1.21 11.51 1.91
CA LEU A 81 0.14 10.56 1.63
C LEU A 81 -0.66 10.19 2.88
N GLU A 82 0.03 9.94 3.99
CA GLU A 82 -0.64 9.57 5.23
C GLU A 82 -1.67 10.61 5.65
N GLU A 83 -1.46 11.85 5.21
CA GLU A 83 -2.38 12.94 5.55
C GLU A 83 -3.79 12.62 5.05
N LYS A 84 -3.88 11.93 3.92
CA LYS A 84 -5.16 11.57 3.33
C LYS A 84 -6.01 10.76 4.31
N LYS A 85 -5.33 10.00 5.18
CA LYS A 85 -6.01 9.17 6.16
C LYS A 85 -6.94 10.00 7.05
N LYS A 86 -6.52 11.23 7.35
CA LYS A 86 -7.30 12.13 8.19
C LYS A 86 -8.72 12.28 7.66
N GLU A 87 -8.84 12.58 6.37
CA GLU A 87 -10.15 12.76 5.73
C GLU A 87 -10.84 11.42 5.54
N ALA A 88 -10.05 10.37 5.37
CA ALA A 88 -10.58 9.02 5.18
C ALA A 88 -11.57 8.65 6.27
N GLU A 89 -11.40 9.23 7.45
CA GLU A 89 -12.26 8.96 8.59
C GLU A 89 -13.73 9.11 8.21
N ARG A 90 -14.10 10.26 7.65
CA ARG A 90 -15.48 10.52 7.27
C ARG A 90 -15.88 9.73 6.02
N LYS A 91 -14.88 9.29 5.27
CA LYS A 91 -15.14 8.53 4.04
C LYS A 91 -15.67 7.13 4.37
N LEU A 92 -15.40 6.65 5.58
CA LEU A 92 -15.85 5.33 5.99
C LEU A 92 -17.09 5.41 6.87
N MET A 93 -17.70 6.61 6.94
CA MET A 93 -18.89 6.80 7.75
C MET A 93 -20.15 6.80 6.87
N THR A 94 -19.97 7.12 5.59
CA THR A 94 -21.08 7.15 4.65
C THR A 94 -20.89 6.13 3.53
N ASN A 95 -21.85 5.22 3.40
CA ASN A 95 -21.80 4.19 2.37
C ASN A 95 -23.18 3.61 2.11
N MET A 1 -16.56 4.53 -1.37
CA MET A 1 -15.98 3.18 -1.56
C MET A 1 -14.66 3.04 -0.80
N GLU A 2 -14.52 1.95 -0.06
CA GLU A 2 -13.31 1.70 0.70
C GLU A 2 -12.14 1.39 -0.22
N SER A 3 -12.45 0.77 -1.35
CA SER A 3 -11.43 0.42 -2.34
C SER A 3 -10.70 1.66 -2.85
N GLU A 4 -11.39 2.79 -2.79
CA GLU A 4 -10.81 4.05 -3.25
C GLU A 4 -9.72 4.52 -2.29
N TYR A 5 -9.86 4.17 -1.02
CA TYR A 5 -8.90 4.54 0.01
C TYR A 5 -7.74 3.54 0.08
N ARG A 6 -8.03 2.28 -0.24
CA ARG A 6 -7.02 1.23 -0.19
C ARG A 6 -6.16 1.22 -1.45
N GLU A 7 -6.82 1.02 -2.60
CA GLU A 7 -6.12 0.97 -3.88
C GLU A 7 -5.29 2.22 -4.14
N MET A 8 -5.91 3.39 -4.02
CA MET A 8 -5.22 4.65 -4.25
C MET A 8 -4.01 4.83 -3.34
N LEU A 9 -4.22 4.62 -2.04
CA LEU A 9 -3.15 4.76 -1.05
C LEU A 9 -1.97 3.84 -1.36
N LEU A 10 -2.25 2.69 -1.94
CA LEU A 10 -1.21 1.71 -2.26
C LEU A 10 -0.46 2.09 -3.54
N LEU A 11 -1.18 2.17 -4.65
CA LEU A 11 -0.57 2.51 -5.94
C LEU A 11 0.20 3.83 -5.89
N THR A 12 -0.16 4.71 -4.97
CA THR A 12 0.51 6.00 -4.85
C THR A 12 1.96 5.84 -4.41
N GLY A 13 2.37 4.59 -4.17
CA GLY A 13 3.73 4.33 -3.76
C GLY A 13 4.44 3.35 -4.67
N LEU A 14 3.70 2.43 -5.25
CA LEU A 14 4.26 1.43 -6.16
C LEU A 14 4.65 2.07 -7.49
N ASP A 15 3.70 2.78 -8.10
CA ASP A 15 3.94 3.43 -9.38
C ASP A 15 4.72 4.73 -9.20
N HIS A 16 5.17 4.99 -7.97
CA HIS A 16 5.94 6.18 -7.66
C HIS A 16 7.38 5.84 -7.31
N ILE A 17 7.77 4.59 -7.56
CA ILE A 17 9.13 4.15 -7.26
C ILE A 17 9.70 3.33 -8.40
N THR A 18 10.92 2.84 -8.22
CA THR A 18 11.59 2.05 -9.24
C THR A 18 11.23 0.57 -9.12
N GLU A 19 11.41 -0.17 -10.22
CA GLU A 19 11.10 -1.59 -10.24
C GLU A 19 11.89 -2.35 -9.18
N GLU A 20 13.17 -2.00 -9.03
CA GLU A 20 14.02 -2.65 -8.04
C GLU A 20 13.51 -2.40 -6.63
N GLU A 21 12.83 -1.27 -6.45
CA GLU A 21 12.28 -0.91 -5.14
C GLU A 21 11.01 -1.70 -4.86
N LEU A 22 10.30 -2.07 -5.92
CA LEU A 22 9.06 -2.83 -5.79
C LEU A 22 9.29 -4.13 -5.04
N LYS A 23 10.29 -4.90 -5.46
CA LYS A 23 10.61 -6.18 -4.83
C LYS A 23 11.07 -5.98 -3.39
N ARG A 24 11.69 -4.85 -3.11
CA ARG A 24 12.17 -4.54 -1.77
C ARG A 24 11.01 -4.40 -0.80
N PHE A 25 9.96 -3.70 -1.24
CA PHE A 25 8.78 -3.48 -0.41
C PHE A 25 8.03 -4.78 -0.17
N LYS A 26 8.01 -5.64 -1.18
CA LYS A 26 7.33 -6.93 -1.08
C LYS A 26 8.05 -7.87 -0.12
N TYR A 27 9.37 -7.85 -0.18
CA TYR A 27 10.19 -8.71 0.68
C TYR A 27 10.10 -8.30 2.15
N PHE A 28 9.86 -7.02 2.39
CA PHE A 28 9.77 -6.52 3.76
C PHE A 28 8.40 -6.82 4.37
N ALA A 29 7.34 -6.37 3.71
CA ALA A 29 5.99 -6.59 4.20
C ALA A 29 5.58 -8.06 4.06
N LEU A 30 5.75 -8.61 2.86
CA LEU A 30 5.39 -9.99 2.59
C LEU A 30 6.62 -10.90 2.70
N THR A 31 6.85 -11.42 3.90
CA THR A 31 7.98 -12.32 4.14
C THR A 31 7.59 -13.78 3.95
N GLU A 32 6.50 -14.18 4.59
CA GLU A 32 6.01 -15.54 4.50
C GLU A 32 4.96 -15.71 3.42
N PHE A 33 4.46 -14.59 2.89
CA PHE A 33 3.45 -14.62 1.86
C PHE A 33 4.05 -14.96 0.49
N GLN A 34 5.35 -14.68 0.34
CA GLN A 34 6.05 -14.96 -0.91
C GLN A 34 5.20 -14.57 -2.12
N ILE A 35 4.98 -13.27 -2.29
CA ILE A 35 4.18 -12.76 -3.39
C ILE A 35 4.94 -12.86 -4.71
N ALA A 36 4.20 -13.08 -5.80
CA ALA A 36 4.80 -13.21 -7.13
C ALA A 36 5.54 -11.94 -7.53
N ARG A 37 6.82 -12.08 -7.85
CA ARG A 37 7.64 -10.95 -8.26
C ARG A 37 7.18 -10.38 -9.61
N SER A 38 6.59 -11.24 -10.43
CA SER A 38 6.12 -10.84 -11.75
C SER A 38 4.86 -9.97 -11.66
N THR A 39 3.95 -10.33 -10.76
CA THR A 39 2.70 -9.60 -10.59
C THR A 39 2.95 -8.14 -10.21
N LEU A 40 4.17 -7.85 -9.75
CA LEU A 40 4.54 -6.49 -9.35
C LEU A 40 4.15 -5.46 -10.40
N ASP A 41 3.96 -5.91 -11.64
CA ASP A 41 3.58 -5.02 -12.73
C ASP A 41 2.28 -4.28 -12.40
N VAL A 42 1.21 -5.04 -12.20
CA VAL A 42 -0.10 -4.46 -11.87
C VAL A 42 -0.44 -4.67 -10.41
N ALA A 43 0.53 -5.12 -9.64
CA ALA A 43 0.31 -5.39 -8.22
C ALA A 43 -0.18 -4.17 -7.48
N ASP A 44 0.19 -3.00 -7.94
CA ASP A 44 -0.21 -1.78 -7.25
C ASP A 44 -1.72 -1.67 -7.11
N ARG A 45 -2.45 -1.77 -8.21
CA ARG A 45 -3.91 -1.65 -8.14
C ARG A 45 -4.64 -2.93 -7.71
N THR A 46 -4.51 -4.01 -8.50
CA THR A 46 -5.22 -5.26 -8.27
C THR A 46 -4.61 -6.24 -7.24
N GLU A 47 -3.36 -6.65 -7.48
CA GLU A 47 -2.72 -7.67 -6.64
C GLU A 47 -2.48 -7.27 -5.19
N LEU A 48 -1.70 -6.23 -4.96
CA LEU A 48 -1.39 -5.80 -3.61
C LEU A 48 -2.65 -5.52 -2.80
N ALA A 49 -3.56 -4.75 -3.37
CA ALA A 49 -4.79 -4.39 -2.68
C ALA A 49 -5.53 -5.62 -2.14
N ASP A 50 -5.82 -6.57 -3.01
CA ASP A 50 -6.53 -7.78 -2.63
C ASP A 50 -5.69 -8.71 -1.74
N HIS A 51 -4.39 -8.78 -2.02
CA HIS A 51 -3.49 -9.66 -1.29
C HIS A 51 -3.14 -9.19 0.14
N LEU A 52 -2.54 -8.00 0.25
CA LEU A 52 -2.10 -7.49 1.55
C LEU A 52 -3.27 -7.27 2.52
N ILE A 53 -4.42 -6.82 2.02
CA ILE A 53 -5.57 -6.58 2.89
C ILE A 53 -6.02 -7.86 3.59
N GLN A 54 -5.98 -8.97 2.87
CA GLN A 54 -6.39 -10.26 3.42
C GLN A 54 -5.53 -10.65 4.62
N SER A 55 -4.29 -10.16 4.65
CA SER A 55 -3.36 -10.48 5.74
C SER A 55 -3.93 -10.12 7.10
N ALA A 56 -4.27 -8.85 7.30
CA ALA A 56 -4.80 -8.40 8.58
C ALA A 56 -6.16 -7.72 8.42
N GLY A 57 -6.33 -6.98 7.33
CA GLY A 57 -7.58 -6.29 7.08
C GLY A 57 -7.40 -5.04 6.23
N ALA A 58 -8.50 -4.36 5.93
CA ALA A 58 -8.45 -3.16 5.12
C ALA A 58 -7.74 -2.02 5.85
N ALA A 59 -8.36 -1.49 6.89
CA ALA A 59 -7.79 -0.39 7.66
C ALA A 59 -6.45 -0.76 8.29
N SER A 60 -6.39 -1.96 8.86
CA SER A 60 -5.17 -2.42 9.53
C SER A 60 -3.96 -2.43 8.59
N ALA A 61 -4.12 -3.03 7.42
CA ALA A 61 -3.03 -3.12 6.45
C ALA A 61 -2.72 -1.76 5.80
N VAL A 62 -3.76 -1.05 5.40
CA VAL A 62 -3.59 0.25 4.75
C VAL A 62 -2.82 1.23 5.64
N THR A 63 -3.00 1.11 6.95
CA THR A 63 -2.32 1.99 7.90
C THR A 63 -0.83 1.66 8.03
N LYS A 64 -0.54 0.39 8.32
CA LYS A 64 0.84 -0.05 8.48
C LYS A 64 1.60 0.06 7.16
N ALA A 65 0.87 0.05 6.06
CA ALA A 65 1.47 0.14 4.74
C ALA A 65 2.30 1.42 4.59
N ILE A 66 1.86 2.47 5.28
CA ILE A 66 2.54 3.75 5.23
C ILE A 66 3.85 3.72 6.02
N ASN A 67 3.81 3.08 7.19
CA ASN A 67 4.99 2.99 8.06
C ASN A 67 6.10 2.16 7.41
N ILE A 68 5.72 1.08 6.74
CA ILE A 68 6.69 0.21 6.09
C ILE A 68 7.27 0.84 4.83
N PHE A 69 6.40 1.38 4.00
CA PHE A 69 6.82 2.00 2.74
C PHE A 69 7.73 3.21 2.98
N GLN A 70 7.35 4.06 3.93
CA GLN A 70 8.11 5.26 4.24
C GLN A 70 9.52 4.92 4.71
N LYS A 71 9.62 4.11 5.75
CA LYS A 71 10.90 3.74 6.33
C LYS A 71 11.76 2.90 5.39
N LEU A 72 11.20 2.48 4.25
CA LEU A 72 11.96 1.64 3.35
C LEU A 72 12.50 2.34 2.10
N ASN A 73 11.71 3.20 1.48
CA ASN A 73 12.17 3.86 0.25
C ASN A 73 12.12 5.39 0.29
N TYR A 74 10.96 5.94 0.64
CA TYR A 74 10.79 7.39 0.63
C TYR A 74 10.01 7.92 1.84
N MET A 75 10.57 7.76 3.03
CA MET A 75 9.91 8.25 4.24
C MET A 75 9.52 9.72 4.10
N HIS A 76 10.04 10.38 3.09
CA HIS A 76 9.74 11.80 2.84
C HIS A 76 8.40 11.97 2.11
N ILE A 77 8.22 11.22 1.02
CA ILE A 77 6.99 11.31 0.22
C ILE A 77 5.77 10.74 0.95
N ALA A 78 5.98 9.66 1.70
CA ALA A 78 4.89 9.03 2.43
C ALA A 78 4.22 10.00 3.39
N ASN A 79 5.00 10.94 3.90
CA ASN A 79 4.48 11.95 4.84
C ASN A 79 3.27 12.67 4.24
N ALA A 80 3.28 12.86 2.92
CA ALA A 80 2.19 13.53 2.24
C ALA A 80 0.95 12.65 2.18
N LEU A 81 1.16 11.34 2.03
CA LEU A 81 0.06 10.40 1.94
C LEU A 81 -0.62 10.19 3.30
N GLU A 82 0.17 10.00 4.35
CA GLU A 82 -0.37 9.80 5.68
C GLU A 82 -1.25 10.97 6.10
N GLU A 83 -0.98 12.14 5.54
CA GLU A 83 -1.75 13.34 5.85
C GLU A 83 -3.18 13.21 5.35
N LYS A 84 -3.35 12.61 4.17
CA LYS A 84 -4.66 12.41 3.58
C LYS A 84 -5.56 11.57 4.48
N LYS A 85 -4.95 10.69 5.26
CA LYS A 85 -5.70 9.82 6.17
C LYS A 85 -6.64 10.63 7.06
N LYS A 86 -6.22 11.82 7.44
CA LYS A 86 -7.02 12.70 8.28
C LYS A 86 -8.45 12.83 7.75
N GLU A 87 -8.56 13.18 6.47
CA GLU A 87 -9.86 13.34 5.83
C GLU A 87 -10.48 11.99 5.48
N ALA A 88 -9.61 11.01 5.23
CA ALA A 88 -10.05 9.67 4.87
C ALA A 88 -11.06 9.10 5.87
N GLU A 89 -10.99 9.55 7.11
CA GLU A 89 -11.89 9.08 8.16
C GLU A 89 -13.36 9.16 7.75
N ARG A 90 -13.75 10.29 7.16
CA ARG A 90 -15.14 10.49 6.74
C ARG A 90 -15.45 9.65 5.50
N LYS A 91 -14.41 9.28 4.76
CA LYS A 91 -14.58 8.47 3.55
C LYS A 91 -14.68 6.99 3.89
N LEU A 92 -14.18 6.63 5.07
CA LEU A 92 -14.21 5.25 5.53
C LEU A 92 -15.58 4.89 6.11
N MET A 93 -16.32 5.91 6.53
CA MET A 93 -17.65 5.71 7.11
C MET A 93 -18.74 5.92 6.06
N THR A 94 -18.34 5.96 4.79
CA THR A 94 -19.29 6.16 3.70
C THR A 94 -19.28 4.97 2.75
N ASN A 95 -20.47 4.42 2.47
CA ASN A 95 -20.59 3.28 1.58
C ASN A 95 -21.82 3.42 0.68
N MET A 1 -14.62 5.86 -1.41
CA MET A 1 -14.85 4.40 -1.28
C MET A 1 -13.59 3.69 -0.78
N GLU A 2 -13.79 2.57 -0.10
CA GLU A 2 -12.67 1.79 0.44
C GLU A 2 -11.77 1.26 -0.68
N SER A 3 -12.39 0.63 -1.68
CA SER A 3 -11.64 0.08 -2.80
C SER A 3 -10.82 1.16 -3.50
N GLU A 4 -11.39 2.35 -3.60
CA GLU A 4 -10.72 3.48 -4.25
C GLU A 4 -9.65 4.05 -3.33
N TYR A 5 -9.87 3.94 -2.02
CA TYR A 5 -8.93 4.45 -1.03
C TYR A 5 -7.67 3.58 -0.93
N ARG A 6 -7.83 2.28 -1.10
CA ARG A 6 -6.70 1.36 -1.00
C ARG A 6 -5.86 1.37 -2.27
N GLU A 7 -6.51 1.32 -3.42
CA GLU A 7 -5.82 1.31 -4.70
C GLU A 7 -5.07 2.62 -4.95
N MET A 8 -5.77 3.73 -4.82
CA MET A 8 -5.18 5.05 -5.06
C MET A 8 -4.03 5.35 -4.09
N LEU A 9 -4.22 5.05 -2.81
CA LEU A 9 -3.20 5.33 -1.79
C LEU A 9 -1.95 4.46 -1.98
N LEU A 10 -2.15 3.19 -2.31
CA LEU A 10 -1.04 2.26 -2.46
C LEU A 10 -0.27 2.47 -3.77
N LEU A 11 -0.99 2.65 -4.88
CA LEU A 11 -0.35 2.84 -6.18
C LEU A 11 0.54 4.08 -6.18
N THR A 12 0.24 5.02 -5.30
CA THR A 12 1.01 6.26 -5.22
C THR A 12 2.48 5.98 -4.94
N GLY A 13 2.78 4.76 -4.48
CA GLY A 13 4.14 4.39 -4.18
C GLY A 13 4.76 3.48 -5.23
N LEU A 14 4.05 2.40 -5.58
CA LEU A 14 4.53 1.45 -6.57
C LEU A 14 4.82 2.14 -7.90
N ASP A 15 3.90 3.02 -8.30
CA ASP A 15 4.04 3.74 -9.56
C ASP A 15 5.00 4.92 -9.42
N HIS A 16 5.70 5.00 -8.30
CA HIS A 16 6.64 6.09 -8.05
C HIS A 16 7.97 5.56 -7.49
N ILE A 17 8.25 4.29 -7.76
CA ILE A 17 9.48 3.67 -7.29
C ILE A 17 10.11 2.80 -8.37
N THR A 18 11.41 2.56 -8.25
CA THR A 18 12.13 1.72 -9.21
C THR A 18 11.83 0.24 -9.01
N GLU A 19 12.30 -0.58 -9.93
CA GLU A 19 12.07 -2.02 -9.85
C GLU A 19 12.84 -2.63 -8.68
N GLU A 20 14.08 -2.21 -8.50
CA GLU A 20 14.91 -2.73 -7.42
C GLU A 20 14.26 -2.47 -6.06
N GLU A 21 13.72 -1.27 -5.89
CA GLU A 21 13.07 -0.89 -4.64
C GLU A 21 11.68 -1.51 -4.55
N LEU A 22 11.06 -1.74 -5.71
CA LEU A 22 9.72 -2.32 -5.76
C LEU A 22 9.66 -3.64 -5.00
N LYS A 23 10.60 -4.53 -5.29
CA LYS A 23 10.64 -5.83 -4.63
C LYS A 23 11.08 -5.70 -3.17
N ARG A 24 11.88 -4.68 -2.88
CA ARG A 24 12.39 -4.44 -1.54
C ARG A 24 11.23 -4.24 -0.55
N PHE A 25 10.22 -3.50 -0.98
CA PHE A 25 9.06 -3.23 -0.13
C PHE A 25 8.31 -4.51 0.22
N LYS A 26 7.90 -5.25 -0.81
CA LYS A 26 7.18 -6.50 -0.62
C LYS A 26 8.02 -7.55 0.10
N TYR A 27 9.35 -7.41 -0.01
CA TYR A 27 10.26 -8.36 0.64
C TYR A 27 10.15 -8.27 2.16
N PHE A 28 10.14 -7.06 2.68
CA PHE A 28 10.05 -6.86 4.13
C PHE A 28 8.62 -7.06 4.63
N ALA A 29 7.66 -6.45 3.94
CA ALA A 29 6.25 -6.59 4.33
C ALA A 29 5.77 -8.03 4.20
N LEU A 30 5.98 -8.60 3.01
CA LEU A 30 5.58 -9.98 2.76
C LEU A 30 6.77 -10.93 2.88
N THR A 31 6.97 -11.46 4.09
CA THR A 31 8.07 -12.38 4.33
C THR A 31 7.65 -13.83 4.14
N GLU A 32 6.55 -14.21 4.78
CA GLU A 32 6.05 -15.58 4.68
C GLU A 32 4.96 -15.72 3.63
N PHE A 33 4.52 -14.60 3.07
CA PHE A 33 3.47 -14.61 2.06
C PHE A 33 4.01 -15.01 0.68
N GLN A 34 5.32 -14.80 0.48
CA GLN A 34 5.96 -15.14 -0.80
C GLN A 34 5.10 -14.73 -1.99
N ILE A 35 4.95 -13.42 -2.19
CA ILE A 35 4.15 -12.91 -3.29
C ILE A 35 4.78 -13.27 -4.63
N ALA A 36 3.95 -13.33 -5.68
CA ALA A 36 4.42 -13.69 -7.02
C ALA A 36 5.06 -12.48 -7.73
N ARG A 37 6.28 -12.68 -8.23
CA ARG A 37 7.01 -11.63 -8.93
C ARG A 37 6.33 -11.28 -10.25
N SER A 38 5.51 -12.20 -10.76
CA SER A 38 4.82 -12.00 -12.02
C SER A 38 3.70 -10.97 -11.88
N THR A 39 3.06 -10.96 -10.72
CA THR A 39 1.97 -10.04 -10.45
C THR A 39 2.45 -8.60 -10.33
N LEU A 40 3.75 -8.43 -10.10
CA LEU A 40 4.36 -7.11 -9.96
C LEU A 40 3.96 -6.17 -11.09
N ASP A 41 3.50 -6.73 -12.20
CA ASP A 41 3.09 -5.93 -13.36
C ASP A 41 1.99 -4.95 -12.98
N VAL A 42 0.84 -5.48 -12.59
CA VAL A 42 -0.30 -4.66 -12.20
C VAL A 42 -0.53 -4.74 -10.69
N ALA A 43 0.46 -5.26 -9.98
CA ALA A 43 0.38 -5.41 -8.53
C ALA A 43 -0.05 -4.14 -7.84
N ASP A 44 0.41 -3.01 -8.33
CA ASP A 44 0.09 -1.74 -7.69
C ASP A 44 -1.42 -1.53 -7.58
N ARG A 45 -2.14 -1.63 -8.69
CA ARG A 45 -3.58 -1.42 -8.65
C ARG A 45 -4.40 -2.65 -8.17
N THR A 46 -4.32 -3.74 -8.92
CA THR A 46 -5.12 -4.94 -8.63
C THR A 46 -4.56 -5.95 -7.61
N GLU A 47 -3.39 -6.50 -7.90
CA GLU A 47 -2.81 -7.58 -7.07
C GLU A 47 -2.30 -7.18 -5.69
N LEU A 48 -1.30 -6.30 -5.62
CA LEU A 48 -0.73 -5.90 -4.34
C LEU A 48 -1.76 -5.32 -3.38
N ALA A 49 -2.53 -4.35 -3.86
CA ALA A 49 -3.54 -3.70 -3.03
C ALA A 49 -4.51 -4.71 -2.39
N ASP A 50 -5.11 -5.55 -3.23
CA ASP A 50 -6.07 -6.54 -2.76
C ASP A 50 -5.42 -7.64 -1.91
N HIS A 51 -4.18 -7.99 -2.26
CA HIS A 51 -3.47 -9.06 -1.55
C HIS A 51 -3.03 -8.65 -0.15
N LEU A 52 -2.25 -7.58 -0.03
CA LEU A 52 -1.74 -7.13 1.26
C LEU A 52 -2.87 -6.89 2.27
N ILE A 53 -3.98 -6.32 1.80
CA ILE A 53 -5.11 -6.03 2.68
C ILE A 53 -5.82 -7.31 3.13
N GLN A 54 -5.73 -8.35 2.31
CA GLN A 54 -6.37 -9.62 2.62
C GLN A 54 -5.86 -10.19 3.96
N SER A 55 -4.63 -9.83 4.31
CA SER A 55 -4.01 -10.32 5.54
C SER A 55 -4.85 -9.99 6.77
N ALA A 56 -5.13 -8.71 6.99
CA ALA A 56 -5.92 -8.29 8.14
C ALA A 56 -7.15 -7.49 7.72
N GLY A 57 -6.99 -6.69 6.67
CA GLY A 57 -8.10 -5.88 6.19
C GLY A 57 -7.63 -4.70 5.36
N ALA A 58 -8.57 -4.02 4.72
CA ALA A 58 -8.25 -2.86 3.88
C ALA A 58 -7.80 -1.68 4.73
N ALA A 59 -8.74 -1.11 5.49
CA ALA A 59 -8.45 0.06 6.33
C ALA A 59 -7.27 -0.19 7.25
N SER A 60 -7.09 -1.44 7.67
CA SER A 60 -5.99 -1.79 8.58
C SER A 60 -4.64 -1.83 7.88
N ALA A 61 -4.54 -2.63 6.82
CA ALA A 61 -3.28 -2.78 6.09
C ALA A 61 -2.89 -1.53 5.30
N VAL A 62 -3.86 -0.92 4.62
CA VAL A 62 -3.61 0.28 3.83
C VAL A 62 -3.02 1.41 4.67
N THR A 63 -3.39 1.46 5.95
CA THR A 63 -2.90 2.51 6.84
C THR A 63 -1.50 2.20 7.36
N LYS A 64 -1.32 1.00 7.89
CA LYS A 64 -0.02 0.59 8.43
C LYS A 64 1.04 0.54 7.34
N ALA A 65 0.61 0.26 6.11
CA ALA A 65 1.51 0.18 4.97
C ALA A 65 2.35 1.46 4.85
N ILE A 66 1.77 2.57 5.28
CA ILE A 66 2.46 3.86 5.21
C ILE A 66 3.73 3.86 6.05
N ASN A 67 3.65 3.29 7.24
CA ASN A 67 4.80 3.24 8.15
C ASN A 67 5.97 2.45 7.54
N ILE A 68 5.65 1.33 6.91
CA ILE A 68 6.68 0.48 6.31
C ILE A 68 7.28 1.12 5.06
N PHE A 69 6.41 1.53 4.13
CA PHE A 69 6.85 2.13 2.87
C PHE A 69 7.69 3.40 3.11
N GLN A 70 7.22 4.28 3.98
CA GLN A 70 7.92 5.52 4.26
C GLN A 70 9.35 5.27 4.74
N LYS A 71 9.49 4.45 5.78
CA LYS A 71 10.79 4.14 6.35
C LYS A 71 11.66 3.31 5.42
N LEU A 72 11.11 2.85 4.30
CA LEU A 72 11.90 2.00 3.40
C LEU A 72 12.33 2.67 2.09
N ASN A 73 11.45 3.45 1.47
CA ASN A 73 11.81 4.07 0.20
C ASN A 73 11.67 5.59 0.15
N TYR A 74 10.51 6.09 0.55
CA TYR A 74 10.23 7.53 0.45
C TYR A 74 9.53 8.11 1.68
N MET A 75 10.19 8.08 2.83
CA MET A 75 9.61 8.62 4.06
C MET A 75 9.08 10.04 3.84
N HIS A 76 9.56 10.70 2.80
CA HIS A 76 9.14 12.05 2.48
C HIS A 76 7.81 12.06 1.72
N ILE A 77 7.72 11.25 0.66
CA ILE A 77 6.52 11.16 -0.15
C ILE A 77 5.33 10.60 0.64
N ALA A 78 5.58 9.54 1.41
CA ALA A 78 4.54 8.91 2.20
C ALA A 78 3.84 9.91 3.11
N ASN A 79 4.57 10.93 3.56
CA ASN A 79 4.02 11.95 4.44
C ASN A 79 2.74 12.55 3.85
N ALA A 80 2.68 12.63 2.53
CA ALA A 80 1.51 13.17 1.85
C ALA A 80 0.32 12.23 1.93
N LEU A 81 0.61 10.92 1.88
CA LEU A 81 -0.44 9.90 1.94
C LEU A 81 -1.05 9.79 3.33
N GLU A 82 -0.20 9.73 4.35
CA GLU A 82 -0.66 9.59 5.73
C GLU A 82 -1.65 10.71 6.09
N GLU A 83 -1.49 11.87 5.47
CA GLU A 83 -2.36 13.00 5.73
C GLU A 83 -3.78 12.73 5.23
N LYS A 84 -3.87 12.04 4.08
CA LYS A 84 -5.16 11.71 3.50
C LYS A 84 -5.97 10.82 4.43
N LYS A 85 -5.26 10.01 5.23
CA LYS A 85 -5.92 9.11 6.17
C LYS A 85 -6.90 9.86 7.07
N LYS A 86 -6.54 11.09 7.43
CA LYS A 86 -7.39 11.90 8.28
C LYS A 86 -8.78 12.07 7.67
N GLU A 87 -8.81 12.22 6.35
CA GLU A 87 -10.07 12.39 5.63
C GLU A 87 -10.79 11.05 5.49
N ALA A 88 -10.02 9.97 5.45
CA ALA A 88 -10.58 8.63 5.34
C ALA A 88 -11.49 8.31 6.52
N GLU A 89 -11.20 8.93 7.66
CA GLU A 89 -11.98 8.72 8.87
C GLU A 89 -13.45 9.05 8.64
N ARG A 90 -13.72 10.27 8.17
CA ARG A 90 -15.09 10.70 7.92
C ARG A 90 -15.70 9.93 6.75
N LYS A 91 -14.85 9.38 5.88
CA LYS A 91 -15.32 8.63 4.74
C LYS A 91 -15.94 7.30 5.17
N LEU A 92 -15.24 6.59 6.04
CA LEU A 92 -15.72 5.30 6.54
C LEU A 92 -16.71 5.50 7.68
N MET A 93 -17.06 6.75 7.94
CA MET A 93 -18.01 7.08 9.01
C MET A 93 -19.44 6.76 8.57
N THR A 94 -19.72 6.98 7.29
CA THR A 94 -21.04 6.72 6.74
C THR A 94 -21.34 5.22 6.70
N ASN A 95 -22.62 4.89 6.62
CA ASN A 95 -23.04 3.49 6.58
C ASN A 95 -23.96 3.23 5.39
N MET A 1 -16.27 4.60 -1.54
CA MET A 1 -15.71 3.32 -2.01
C MET A 1 -14.41 3.00 -1.27
N GLU A 2 -14.44 1.97 -0.44
CA GLU A 2 -13.26 1.57 0.33
C GLU A 2 -12.16 1.04 -0.59
N SER A 3 -12.56 0.40 -1.69
CA SER A 3 -11.61 -0.16 -2.64
C SER A 3 -10.72 0.93 -3.24
N GLU A 4 -11.21 2.16 -3.25
CA GLU A 4 -10.47 3.28 -3.79
C GLU A 4 -9.36 3.73 -2.84
N TYR A 5 -9.69 3.84 -1.56
CA TYR A 5 -8.73 4.25 -0.55
C TYR A 5 -7.53 3.30 -0.48
N ARG A 6 -7.78 2.03 -0.81
CA ARG A 6 -6.74 1.01 -0.77
C ARG A 6 -5.89 1.03 -2.04
N GLU A 7 -6.55 0.87 -3.19
CA GLU A 7 -5.87 0.83 -4.47
C GLU A 7 -5.05 2.09 -4.74
N MET A 8 -5.68 3.25 -4.63
CA MET A 8 -5.01 4.52 -4.89
C MET A 8 -3.84 4.77 -3.94
N LEU A 9 -4.10 4.62 -2.65
CA LEU A 9 -3.08 4.86 -1.62
C LEU A 9 -1.85 3.97 -1.83
N LEU A 10 -2.06 2.77 -2.35
CA LEU A 10 -0.95 1.85 -2.57
C LEU A 10 -0.17 2.15 -3.86
N LEU A 11 -0.88 2.20 -4.98
CA LEU A 11 -0.25 2.46 -6.27
C LEU A 11 0.54 3.76 -6.26
N THR A 12 0.19 4.67 -5.36
CA THR A 12 0.87 5.96 -5.26
C THR A 12 2.37 5.77 -4.99
N GLY A 13 2.73 4.61 -4.45
CA GLY A 13 4.12 4.34 -4.15
C GLY A 13 4.75 3.34 -5.09
N LEU A 14 3.98 2.31 -5.47
CA LEU A 14 4.48 1.27 -6.38
C LEU A 14 4.94 1.88 -7.71
N ASP A 15 4.09 2.73 -8.28
CA ASP A 15 4.39 3.37 -9.56
C ASP A 15 5.31 4.58 -9.38
N HIS A 16 5.75 4.82 -8.15
CA HIS A 16 6.61 5.95 -7.87
C HIS A 16 7.96 5.50 -7.31
N ILE A 17 8.35 4.26 -7.63
CA ILE A 17 9.62 3.72 -7.17
C ILE A 17 10.33 2.96 -8.29
N THR A 18 11.65 2.98 -8.27
CA THR A 18 12.45 2.30 -9.28
C THR A 18 12.24 0.79 -9.22
N GLU A 19 12.93 0.07 -10.10
CA GLU A 19 12.82 -1.39 -10.15
C GLU A 19 13.43 -2.04 -8.92
N GLU A 20 14.63 -1.59 -8.54
CA GLU A 20 15.32 -2.13 -7.39
C GLU A 20 14.52 -1.94 -6.10
N GLU A 21 13.97 -0.73 -5.92
CA GLU A 21 13.18 -0.43 -4.74
C GLU A 21 11.86 -1.19 -4.77
N LEU A 22 11.38 -1.49 -5.96
CA LEU A 22 10.12 -2.21 -6.15
C LEU A 22 10.23 -3.63 -5.59
N LYS A 23 11.39 -4.25 -5.76
CA LYS A 23 11.61 -5.61 -5.28
C LYS A 23 11.82 -5.62 -3.77
N ARG A 24 12.36 -4.54 -3.22
CA ARG A 24 12.60 -4.44 -1.79
C ARG A 24 11.29 -4.42 -1.01
N PHE A 25 10.39 -3.53 -1.39
CA PHE A 25 9.09 -3.42 -0.71
C PHE A 25 8.37 -4.76 -0.69
N LYS A 26 8.48 -5.51 -1.77
CA LYS A 26 7.83 -6.81 -1.88
C LYS A 26 8.42 -7.81 -0.89
N TYR A 27 9.70 -7.67 -0.59
CA TYR A 27 10.39 -8.57 0.34
C TYR A 27 9.96 -8.32 1.78
N PHE A 28 10.02 -7.06 2.21
CA PHE A 28 9.67 -6.69 3.58
C PHE A 28 8.17 -6.85 3.84
N ALA A 29 7.35 -6.19 3.01
CA ALA A 29 5.90 -6.25 3.19
C ALA A 29 5.39 -7.69 3.10
N LEU A 30 5.75 -8.38 2.02
CA LEU A 30 5.32 -9.76 1.84
C LEU A 30 6.40 -10.75 2.25
N THR A 31 6.37 -11.16 3.51
CA THR A 31 7.36 -12.10 4.03
C THR A 31 6.86 -13.54 3.91
N GLU A 32 5.65 -13.79 4.39
CA GLU A 32 5.06 -15.12 4.34
C GLU A 32 4.14 -15.30 3.14
N PHE A 33 3.86 -14.21 2.42
CA PHE A 33 2.97 -14.27 1.26
C PHE A 33 3.71 -14.81 0.03
N GLN A 34 5.03 -14.66 0.03
CA GLN A 34 5.86 -15.14 -1.08
C GLN A 34 5.23 -14.86 -2.43
N ILE A 35 4.60 -13.69 -2.58
CA ILE A 35 3.96 -13.32 -3.84
C ILE A 35 4.96 -13.35 -4.99
N ALA A 36 4.51 -13.90 -6.13
CA ALA A 36 5.37 -14.00 -7.31
C ALA A 36 5.80 -12.63 -7.81
N ARG A 37 7.02 -12.57 -8.34
CA ARG A 37 7.59 -11.33 -8.88
C ARG A 37 6.81 -10.86 -10.11
N SER A 38 6.29 -11.83 -10.87
CA SER A 38 5.53 -11.52 -12.08
C SER A 38 4.28 -10.71 -11.75
N THR A 39 3.76 -10.91 -10.54
CA THR A 39 2.55 -10.21 -10.09
C THR A 39 2.73 -8.69 -10.18
N LEU A 40 3.98 -8.23 -10.21
CA LEU A 40 4.26 -6.79 -10.28
C LEU A 40 3.62 -6.14 -11.50
N ASP A 41 3.06 -6.95 -12.40
CA ASP A 41 2.42 -6.43 -13.60
C ASP A 41 1.38 -5.36 -13.25
N VAL A 42 0.42 -5.74 -12.43
CA VAL A 42 -0.64 -4.83 -12.01
C VAL A 42 -0.82 -4.86 -10.50
N ALA A 43 0.17 -5.45 -9.82
CA ALA A 43 0.15 -5.57 -8.37
C ALA A 43 -0.24 -4.28 -7.68
N ASP A 44 0.26 -3.17 -8.17
CA ASP A 44 -0.01 -1.89 -7.53
C ASP A 44 -1.51 -1.60 -7.41
N ARG A 45 -2.25 -1.69 -8.51
CA ARG A 45 -3.67 -1.40 -8.46
C ARG A 45 -4.55 -2.55 -7.92
N THR A 46 -4.57 -3.67 -8.66
CA THR A 46 -5.42 -4.81 -8.31
C THR A 46 -4.90 -5.82 -7.27
N GLU A 47 -3.75 -6.43 -7.55
CA GLU A 47 -3.21 -7.50 -6.70
C GLU A 47 -2.70 -7.10 -5.32
N LEU A 48 -1.71 -6.23 -5.27
CA LEU A 48 -1.13 -5.82 -3.98
C LEU A 48 -2.18 -5.21 -3.04
N ALA A 49 -2.92 -4.23 -3.53
CA ALA A 49 -3.93 -3.56 -2.72
C ALA A 49 -4.91 -4.54 -2.07
N ASP A 50 -5.54 -5.38 -2.89
CA ASP A 50 -6.52 -6.34 -2.39
C ASP A 50 -5.89 -7.44 -1.54
N HIS A 51 -4.71 -7.91 -1.94
CA HIS A 51 -4.03 -8.99 -1.23
C HIS A 51 -3.60 -8.57 0.18
N LEU A 52 -2.84 -7.49 0.28
CA LEU A 52 -2.34 -7.02 1.57
C LEU A 52 -3.46 -6.88 2.60
N ILE A 53 -4.67 -6.55 2.14
CA ILE A 53 -5.81 -6.40 3.04
C ILE A 53 -6.05 -7.67 3.85
N GLN A 54 -5.89 -8.82 3.22
CA GLN A 54 -6.10 -10.11 3.88
C GLN A 54 -5.18 -10.27 5.09
N SER A 55 -4.02 -9.60 5.05
CA SER A 55 -3.06 -9.71 6.15
C SER A 55 -3.67 -9.32 7.49
N ALA A 56 -4.17 -8.10 7.60
CA ALA A 56 -4.77 -7.64 8.85
C ALA A 56 -6.20 -7.14 8.65
N GLY A 57 -6.44 -6.51 7.50
CA GLY A 57 -7.77 -5.98 7.22
C GLY A 57 -7.72 -4.86 6.20
N ALA A 58 -8.86 -4.22 5.95
CA ALA A 58 -8.93 -3.14 4.98
C ALA A 58 -8.13 -1.92 5.43
N ALA A 59 -8.61 -1.24 6.47
CA ALA A 59 -7.94 -0.05 6.99
C ALA A 59 -6.60 -0.38 7.64
N SER A 60 -6.56 -1.43 8.44
CA SER A 60 -5.34 -1.84 9.13
C SER A 60 -4.18 -2.06 8.18
N ALA A 61 -4.38 -2.89 7.16
CA ALA A 61 -3.33 -3.21 6.20
C ALA A 61 -2.88 -1.97 5.42
N VAL A 62 -3.82 -1.12 5.05
CA VAL A 62 -3.50 0.09 4.28
C VAL A 62 -2.73 1.10 5.12
N THR A 63 -3.01 1.14 6.43
CA THR A 63 -2.34 2.07 7.32
C THR A 63 -0.90 1.65 7.61
N LYS A 64 -0.73 0.40 8.05
CA LYS A 64 0.60 -0.12 8.36
C LYS A 64 1.52 -0.05 7.14
N ALA A 65 0.94 -0.23 5.96
CA ALA A 65 1.72 -0.19 4.72
C ALA A 65 2.48 1.12 4.59
N ILE A 66 1.91 2.19 5.13
CA ILE A 66 2.54 3.51 5.07
C ILE A 66 3.83 3.54 5.88
N ASN A 67 3.80 2.98 7.08
CA ASN A 67 4.96 2.96 7.96
C ASN A 67 6.12 2.16 7.36
N ILE A 68 5.79 1.08 6.67
CA ILE A 68 6.80 0.22 6.06
C ILE A 68 7.42 0.88 4.83
N PHE A 69 6.57 1.32 3.91
CA PHE A 69 7.02 1.96 2.67
C PHE A 69 7.82 3.23 2.93
N GLN A 70 7.42 3.99 3.94
CA GLN A 70 8.11 5.24 4.27
C GLN A 70 9.50 4.99 4.84
N LYS A 71 9.56 4.20 5.89
CA LYS A 71 10.83 3.89 6.56
C LYS A 71 11.76 3.07 5.68
N LEU A 72 11.29 2.61 4.53
CA LEU A 72 12.12 1.77 3.67
C LEU A 72 12.61 2.43 2.38
N ASN A 73 11.75 3.19 1.73
CA ASN A 73 12.15 3.81 0.46
C ASN A 73 12.02 5.32 0.40
N TYR A 74 10.85 5.83 0.77
CA TYR A 74 10.60 7.27 0.68
C TYR A 74 9.85 7.84 1.89
N MET A 75 10.47 7.79 3.06
CA MET A 75 9.85 8.32 4.27
C MET A 75 9.35 9.75 4.06
N HIS A 76 9.90 10.43 3.06
CA HIS A 76 9.51 11.81 2.76
C HIS A 76 8.22 11.85 1.95
N ILE A 77 8.18 11.10 0.85
CA ILE A 77 7.01 11.06 -0.02
C ILE A 77 5.79 10.51 0.70
N ALA A 78 5.96 9.41 1.43
CA ALA A 78 4.87 8.78 2.15
C ALA A 78 4.16 9.77 3.08
N ASN A 79 4.91 10.75 3.59
CA ASN A 79 4.35 11.75 4.50
C ASN A 79 3.09 12.39 3.90
N ALA A 80 3.06 12.52 2.59
CA ALA A 80 1.90 13.10 1.90
C ALA A 80 0.72 12.15 1.91
N LEU A 81 1.01 10.85 1.80
CA LEU A 81 -0.03 9.83 1.78
C LEU A 81 -0.67 9.63 3.17
N GLU A 82 0.16 9.54 4.19
CA GLU A 82 -0.33 9.34 5.56
C GLU A 82 -1.34 10.41 5.95
N GLU A 83 -1.16 11.62 5.42
CA GLU A 83 -2.08 12.72 5.72
C GLU A 83 -3.48 12.43 5.20
N LYS A 84 -3.56 11.71 4.08
CA LYS A 84 -4.84 11.35 3.49
C LYS A 84 -5.69 10.55 4.46
N LYS A 85 -5.02 9.78 5.33
CA LYS A 85 -5.72 8.95 6.31
C LYS A 85 -6.68 9.80 7.15
N LYS A 86 -6.27 11.04 7.44
CA LYS A 86 -7.10 11.94 8.23
C LYS A 86 -8.49 12.08 7.62
N GLU A 87 -8.54 12.18 6.30
CA GLU A 87 -9.81 12.32 5.60
C GLU A 87 -10.56 10.99 5.57
N ALA A 88 -9.81 9.90 5.57
CA ALA A 88 -10.39 8.56 5.55
C ALA A 88 -11.29 8.33 6.75
N GLU A 89 -10.98 9.01 7.85
CA GLU A 89 -11.77 8.89 9.08
C GLU A 89 -13.25 9.13 8.82
N ARG A 90 -13.56 10.28 8.22
CA ARG A 90 -14.94 10.63 7.92
C ARG A 90 -15.48 9.82 6.75
N LYS A 91 -14.57 9.22 5.98
CA LYS A 91 -14.95 8.41 4.83
C LYS A 91 -15.52 7.06 5.28
N LEU A 92 -15.12 6.63 6.47
CA LEU A 92 -15.59 5.36 7.03
C LEU A 92 -16.75 5.59 7.99
N MET A 93 -17.20 6.83 8.09
CA MET A 93 -18.30 7.17 8.98
C MET A 93 -19.65 6.85 8.32
N THR A 94 -19.63 6.74 6.99
CA THR A 94 -20.84 6.44 6.24
C THR A 94 -20.53 5.54 5.03
N ASN A 95 -21.50 4.73 4.65
CA ASN A 95 -21.33 3.82 3.51
C ASN A 95 -21.76 4.48 2.21
N MET A 1 -15.64 4.51 -2.39
CA MET A 1 -15.48 3.09 -1.98
C MET A 1 -14.10 2.85 -1.39
N GLU A 2 -14.00 1.86 -0.51
CA GLU A 2 -12.74 1.52 0.12
C GLU A 2 -11.73 1.02 -0.92
N SER A 3 -12.24 0.38 -1.96
CA SER A 3 -11.40 -0.15 -3.02
C SER A 3 -10.59 0.98 -3.68
N GLU A 4 -11.21 2.15 -3.79
CA GLU A 4 -10.56 3.30 -4.41
C GLU A 4 -9.49 3.89 -3.49
N TYR A 5 -9.72 3.75 -2.18
CA TYR A 5 -8.78 4.27 -1.19
C TYR A 5 -7.50 3.42 -1.10
N ARG A 6 -7.67 2.11 -1.18
CA ARG A 6 -6.52 1.20 -1.09
C ARG A 6 -5.80 1.07 -2.43
N GLU A 7 -6.56 1.13 -3.52
CA GLU A 7 -5.98 1.02 -4.86
C GLU A 7 -5.14 2.24 -5.21
N MET A 8 -5.67 3.41 -4.94
CA MET A 8 -4.98 4.66 -5.24
C MET A 8 -3.78 4.87 -4.30
N LEU A 9 -4.00 4.66 -3.02
CA LEU A 9 -2.94 4.84 -2.02
C LEU A 9 -1.72 3.99 -2.34
N LEU A 10 -1.94 2.83 -2.94
CA LEU A 10 -0.85 1.91 -3.27
C LEU A 10 -0.16 2.31 -4.57
N LEU A 11 -0.92 2.37 -5.65
CA LEU A 11 -0.37 2.71 -6.97
C LEU A 11 0.37 4.06 -6.95
N THR A 12 0.01 4.92 -6.00
CA THR A 12 0.65 6.23 -5.90
C THR A 12 2.15 6.08 -5.63
N GLY A 13 2.52 4.97 -5.01
CA GLY A 13 3.92 4.71 -4.70
C GLY A 13 4.55 3.71 -5.65
N LEU A 14 3.83 2.63 -5.96
CA LEU A 14 4.33 1.59 -6.86
C LEU A 14 4.76 2.17 -8.19
N ASP A 15 3.93 3.05 -8.76
CA ASP A 15 4.21 3.66 -10.05
C ASP A 15 5.18 4.83 -9.91
N HIS A 16 5.56 5.16 -8.67
CA HIS A 16 6.48 6.25 -8.42
C HIS A 16 7.81 5.76 -7.85
N ILE A 17 8.08 4.48 -8.03
CA ILE A 17 9.32 3.88 -7.53
C ILE A 17 10.00 3.03 -8.60
N THR A 18 11.16 2.49 -8.26
CA THR A 18 11.93 1.66 -9.19
C THR A 18 11.64 0.18 -8.98
N GLU A 19 12.17 -0.65 -9.87
CA GLU A 19 11.96 -2.10 -9.80
C GLU A 19 12.67 -2.72 -8.60
N GLU A 20 13.94 -2.35 -8.42
CA GLU A 20 14.74 -2.89 -7.32
C GLU A 20 14.07 -2.64 -5.97
N GLU A 21 13.34 -1.52 -5.87
CA GLU A 21 12.65 -1.17 -4.62
C GLU A 21 11.42 -2.04 -4.42
N LEU A 22 10.83 -2.50 -5.52
CA LEU A 22 9.63 -3.34 -5.45
C LEU A 22 9.88 -4.58 -4.59
N LYS A 23 10.97 -5.28 -4.85
CA LYS A 23 11.31 -6.49 -4.11
C LYS A 23 11.66 -6.18 -2.64
N ARG A 24 12.20 -5.00 -2.40
CA ARG A 24 12.59 -4.60 -1.05
C ARG A 24 11.38 -4.35 -0.15
N PHE A 25 10.46 -3.52 -0.63
CA PHE A 25 9.26 -3.19 0.13
C PHE A 25 8.46 -4.45 0.49
N LYS A 26 8.12 -5.24 -0.52
CA LYS A 26 7.35 -6.46 -0.33
C LYS A 26 8.11 -7.47 0.54
N TYR A 27 9.43 -7.37 0.55
CA TYR A 27 10.25 -8.29 1.34
C TYR A 27 9.98 -8.14 2.83
N PHE A 28 9.87 -6.90 3.29
CA PHE A 28 9.61 -6.64 4.71
C PHE A 28 8.16 -6.90 5.08
N ALA A 29 7.23 -6.26 4.37
CA ALA A 29 5.81 -6.41 4.66
C ALA A 29 5.36 -7.85 4.39
N LEU A 30 5.64 -8.34 3.20
CA LEU A 30 5.27 -9.70 2.82
C LEU A 30 6.43 -10.67 2.97
N THR A 31 6.56 -11.27 4.15
CA THR A 31 7.65 -12.21 4.40
C THR A 31 7.22 -13.63 4.08
N GLU A 32 6.08 -14.05 4.62
CA GLU A 32 5.55 -15.38 4.39
C GLU A 32 4.53 -15.40 3.26
N PHE A 33 4.14 -14.22 2.78
CA PHE A 33 3.15 -14.12 1.72
C PHE A 33 3.78 -14.41 0.35
N GLN A 34 5.09 -14.21 0.25
CA GLN A 34 5.82 -14.45 -1.00
C GLN A 34 5.07 -13.87 -2.20
N ILE A 35 5.00 -12.55 -2.27
CA ILE A 35 4.32 -11.87 -3.36
C ILE A 35 4.88 -12.31 -4.73
N ALA A 36 4.08 -12.14 -5.77
CA ALA A 36 4.50 -12.51 -7.13
C ALA A 36 5.29 -11.39 -7.79
N ARG A 37 6.54 -11.68 -8.14
CA ARG A 37 7.41 -10.70 -8.77
C ARG A 37 6.93 -10.32 -10.17
N SER A 38 6.35 -11.28 -10.88
CA SER A 38 5.86 -11.03 -12.24
C SER A 38 4.65 -10.11 -12.24
N THR A 39 3.81 -10.23 -11.21
CA THR A 39 2.61 -9.41 -11.09
C THR A 39 2.95 -7.96 -10.74
N LEU A 40 4.16 -7.75 -10.22
CA LEU A 40 4.60 -6.40 -9.82
C LEU A 40 4.18 -5.33 -10.83
N ASP A 41 4.03 -5.73 -12.08
CA ASP A 41 3.62 -4.80 -13.13
C ASP A 41 2.31 -4.11 -12.77
N VAL A 42 1.24 -4.90 -12.69
CA VAL A 42 -0.08 -4.37 -12.34
C VAL A 42 -0.41 -4.61 -10.88
N ALA A 43 0.58 -5.08 -10.13
CA ALA A 43 0.40 -5.37 -8.72
C ALA A 43 -0.12 -4.18 -7.94
N ASP A 44 0.22 -2.99 -8.40
CA ASP A 44 -0.19 -1.79 -7.69
C ASP A 44 -1.70 -1.70 -7.51
N ARG A 45 -2.46 -1.80 -8.60
CA ARG A 45 -3.91 -1.70 -8.50
C ARG A 45 -4.63 -2.99 -8.07
N THR A 46 -4.49 -4.04 -8.86
CA THR A 46 -5.19 -5.31 -8.62
C THR A 46 -4.55 -6.28 -7.63
N GLU A 47 -3.30 -6.68 -7.89
CA GLU A 47 -2.64 -7.71 -7.08
C GLU A 47 -2.31 -7.31 -5.64
N LEU A 48 -1.49 -6.29 -5.46
CA LEU A 48 -1.11 -5.86 -4.11
C LEU A 48 -2.32 -5.54 -3.25
N ALA A 49 -3.28 -4.83 -3.82
CA ALA A 49 -4.48 -4.44 -3.08
C ALA A 49 -5.19 -5.66 -2.48
N ASP A 50 -5.54 -6.61 -3.32
CA ASP A 50 -6.24 -7.82 -2.88
C ASP A 50 -5.35 -8.73 -2.03
N HIS A 51 -4.06 -8.74 -2.33
CA HIS A 51 -3.11 -9.61 -1.65
C HIS A 51 -2.80 -9.14 -0.21
N LEU A 52 -2.32 -7.91 -0.06
CA LEU A 52 -1.96 -7.41 1.26
C LEU A 52 -3.17 -7.16 2.17
N ILE A 53 -4.30 -6.78 1.59
CA ILE A 53 -5.50 -6.51 2.38
C ILE A 53 -6.04 -7.74 3.10
N GLN A 54 -6.17 -8.85 2.38
CA GLN A 54 -6.69 -10.09 2.96
C GLN A 54 -5.94 -10.49 4.22
N SER A 55 -4.67 -10.07 4.32
CA SER A 55 -3.84 -10.42 5.47
C SER A 55 -4.47 -9.98 6.79
N ALA A 56 -4.77 -8.69 6.92
CA ALA A 56 -5.36 -8.16 8.15
C ALA A 56 -6.69 -7.46 7.89
N GLY A 57 -6.79 -6.79 6.74
CA GLY A 57 -8.02 -6.08 6.41
C GLY A 57 -7.78 -4.89 5.50
N ALA A 58 -8.87 -4.27 5.05
CA ALA A 58 -8.78 -3.13 4.16
C ALA A 58 -8.16 -1.91 4.84
N ALA A 59 -8.89 -1.33 5.80
CA ALA A 59 -8.42 -0.15 6.52
C ALA A 59 -7.20 -0.46 7.38
N SER A 60 -7.16 -1.66 7.93
CA SER A 60 -6.05 -2.07 8.80
C SER A 60 -4.71 -2.09 8.05
N ALA A 61 -4.70 -2.75 6.89
CA ALA A 61 -3.48 -2.87 6.10
C ALA A 61 -3.08 -1.56 5.41
N VAL A 62 -4.04 -0.87 4.80
CA VAL A 62 -3.75 0.38 4.11
C VAL A 62 -3.11 1.43 5.02
N THR A 63 -3.46 1.39 6.30
CA THR A 63 -2.92 2.35 7.26
C THR A 63 -1.49 2.01 7.67
N LYS A 64 -1.27 0.76 8.07
CA LYS A 64 0.06 0.32 8.49
C LYS A 64 1.04 0.30 7.32
N ALA A 65 0.53 0.02 6.13
CA ALA A 65 1.34 -0.02 4.93
C ALA A 65 2.15 1.27 4.76
N ILE A 66 1.56 2.36 5.23
CA ILE A 66 2.21 3.67 5.13
C ILE A 66 3.51 3.73 5.94
N ASN A 67 3.44 3.25 7.18
CA ASN A 67 4.62 3.26 8.06
C ASN A 67 5.79 2.48 7.48
N ILE A 68 5.49 1.36 6.83
CA ILE A 68 6.53 0.52 6.25
C ILE A 68 7.10 1.12 4.96
N PHE A 69 6.21 1.46 4.03
CA PHE A 69 6.62 2.02 2.74
C PHE A 69 7.41 3.32 2.90
N GLN A 70 7.06 4.11 3.91
CA GLN A 70 7.73 5.38 4.15
C GLN A 70 9.14 5.18 4.69
N LYS A 71 9.25 4.47 5.81
CA LYS A 71 10.54 4.22 6.45
C LYS A 71 11.46 3.36 5.60
N LEU A 72 10.96 2.82 4.50
CA LEU A 72 11.77 1.93 3.68
C LEU A 72 12.30 2.57 2.39
N ASN A 73 11.48 3.34 1.69
CA ASN A 73 11.93 3.94 0.44
C ASN A 73 11.80 5.46 0.37
N TYR A 74 10.63 5.98 0.69
CA TYR A 74 10.38 7.42 0.58
C TYR A 74 9.61 8.00 1.76
N MET A 75 10.20 7.93 2.96
CA MET A 75 9.56 8.47 4.16
C MET A 75 9.11 9.92 3.95
N HIS A 76 9.69 10.58 2.94
CA HIS A 76 9.35 11.96 2.63
C HIS A 76 8.06 12.04 1.81
N ILE A 77 8.01 11.28 0.72
CA ILE A 77 6.85 11.26 -0.17
C ILE A 77 5.61 10.72 0.54
N ALA A 78 5.75 9.57 1.19
CA ALA A 78 4.64 8.95 1.89
C ALA A 78 4.02 9.89 2.91
N ASN A 79 4.84 10.77 3.48
CA ASN A 79 4.36 11.73 4.47
C ASN A 79 3.17 12.51 3.95
N ALA A 80 3.19 12.82 2.66
CA ALA A 80 2.10 13.56 2.03
C ALA A 80 0.86 12.69 1.87
N LEU A 81 1.06 11.40 1.65
CA LEU A 81 -0.03 10.46 1.46
C LEU A 81 -0.81 10.21 2.76
N GLU A 82 -0.09 9.96 3.84
CA GLU A 82 -0.72 9.69 5.14
C GLU A 82 -1.68 10.80 5.54
N GLU A 83 -1.44 12.01 5.03
CA GLU A 83 -2.29 13.15 5.35
C GLU A 83 -3.74 12.90 4.94
N LYS A 84 -3.91 12.15 3.86
CA LYS A 84 -5.24 11.81 3.34
C LYS A 84 -6.00 10.94 4.33
N LYS A 85 -5.26 10.15 5.11
CA LYS A 85 -5.86 9.25 6.10
C LYS A 85 -6.86 9.98 6.99
N LYS A 86 -6.54 11.22 7.35
CA LYS A 86 -7.43 12.02 8.20
C LYS A 86 -8.82 12.14 7.58
N GLU A 87 -8.86 12.25 6.25
CA GLU A 87 -10.11 12.37 5.53
C GLU A 87 -10.81 11.01 5.43
N ALA A 88 -10.02 9.94 5.42
CA ALA A 88 -10.54 8.59 5.32
C ALA A 88 -11.37 8.24 6.56
N GLU A 89 -11.02 8.85 7.69
CA GLU A 89 -11.73 8.60 8.94
C GLU A 89 -13.24 8.76 8.78
N ARG A 90 -13.67 9.89 8.23
CA ARG A 90 -15.08 10.16 8.03
C ARG A 90 -15.66 9.29 6.91
N LYS A 91 -14.80 8.82 6.02
CA LYS A 91 -15.24 7.98 4.91
C LYS A 91 -15.74 6.63 5.40
N LEU A 92 -15.21 6.17 6.53
CA LEU A 92 -15.61 4.90 7.10
C LEU A 92 -16.52 5.10 8.32
N MET A 93 -16.67 6.35 8.74
CA MET A 93 -17.52 6.68 9.88
C MET A 93 -18.79 7.40 9.44
N THR A 94 -18.98 7.48 8.13
CA THR A 94 -20.16 8.15 7.57
C THR A 94 -21.44 7.43 7.96
N ASN A 95 -22.50 8.18 8.21
CA ASN A 95 -23.79 7.61 8.59
C ASN A 95 -24.42 6.87 7.42
N MET A 1 -14.99 5.55 -1.69
CA MET A 1 -15.17 4.15 -1.23
C MET A 1 -13.86 3.60 -0.67
N GLU A 2 -13.97 2.52 0.10
CA GLU A 2 -12.80 1.89 0.71
C GLU A 2 -11.94 1.20 -0.35
N SER A 3 -12.59 0.65 -1.37
CA SER A 3 -11.87 -0.04 -2.45
C SER A 3 -10.87 0.90 -3.12
N GLU A 4 -11.30 2.14 -3.36
CA GLU A 4 -10.45 3.13 -4.00
C GLU A 4 -9.40 3.66 -3.02
N TYR A 5 -9.76 3.70 -1.74
CA TYR A 5 -8.85 4.20 -0.71
C TYR A 5 -7.57 3.39 -0.65
N ARG A 6 -7.69 2.07 -0.73
CA ARG A 6 -6.53 1.18 -0.68
C ARG A 6 -5.83 1.09 -2.02
N GLU A 7 -6.61 1.14 -3.09
CA GLU A 7 -6.06 1.05 -4.45
C GLU A 7 -5.15 2.23 -4.79
N MET A 8 -5.61 3.44 -4.48
CA MET A 8 -4.83 4.64 -4.79
C MET A 8 -3.64 4.80 -3.84
N LEU A 9 -3.85 4.55 -2.56
CA LEU A 9 -2.80 4.68 -1.56
C LEU A 9 -1.57 3.82 -1.93
N LEU A 10 -1.82 2.69 -2.57
CA LEU A 10 -0.74 1.79 -2.96
C LEU A 10 -0.08 2.24 -4.26
N LEU A 11 -0.88 2.40 -5.31
CA LEU A 11 -0.37 2.80 -6.62
C LEU A 11 0.37 4.15 -6.56
N THR A 12 0.02 4.97 -5.57
CA THR A 12 0.68 6.27 -5.42
C THR A 12 2.14 6.11 -5.00
N GLY A 13 2.53 4.87 -4.73
CA GLY A 13 3.90 4.61 -4.32
C GLY A 13 4.59 3.60 -5.23
N LEU A 14 3.87 2.55 -5.60
CA LEU A 14 4.41 1.51 -6.47
C LEU A 14 4.88 2.09 -7.80
N ASP A 15 4.03 2.90 -8.41
CA ASP A 15 4.33 3.52 -9.70
C ASP A 15 5.23 4.74 -9.54
N HIS A 16 5.76 4.94 -8.34
CA HIS A 16 6.61 6.10 -8.07
C HIS A 16 8.01 5.67 -7.59
N ILE A 17 8.16 4.39 -7.27
CA ILE A 17 9.45 3.88 -6.81
C ILE A 17 10.20 3.16 -7.93
N THR A 18 11.43 2.75 -7.63
CA THR A 18 12.26 2.05 -8.60
C THR A 18 11.94 0.56 -8.64
N GLU A 19 12.24 -0.08 -9.76
CA GLU A 19 11.98 -1.50 -9.94
C GLU A 19 12.67 -2.31 -8.84
N GLU A 20 13.90 -1.95 -8.52
CA GLU A 20 14.66 -2.65 -7.49
C GLU A 20 14.01 -2.49 -6.11
N GLU A 21 13.36 -1.35 -5.92
CA GLU A 21 12.69 -1.07 -4.64
C GLU A 21 11.43 -1.91 -4.48
N LEU A 22 10.83 -2.28 -5.61
CA LEU A 22 9.61 -3.09 -5.60
C LEU A 22 9.79 -4.36 -4.78
N LYS A 23 10.87 -5.08 -5.04
CA LYS A 23 11.16 -6.33 -4.34
C LYS A 23 11.42 -6.08 -2.85
N ARG A 24 12.06 -4.95 -2.55
CA ARG A 24 12.37 -4.60 -1.17
C ARG A 24 11.11 -4.42 -0.34
N PHE A 25 10.06 -3.89 -0.96
CA PHE A 25 8.79 -3.66 -0.28
C PHE A 25 8.06 -4.97 0.01
N LYS A 26 7.83 -5.76 -1.03
CA LYS A 26 7.12 -7.02 -0.89
C LYS A 26 7.87 -8.00 0.01
N TYR A 27 9.19 -7.97 -0.06
CA TYR A 27 10.02 -8.86 0.75
C TYR A 27 9.93 -8.52 2.23
N PHE A 28 9.71 -7.24 2.54
CA PHE A 28 9.63 -6.79 3.91
C PHE A 28 8.25 -7.09 4.51
N ALA A 29 7.20 -6.61 3.87
CA ALA A 29 5.83 -6.84 4.34
C ALA A 29 5.41 -8.28 4.15
N LEU A 30 5.56 -8.78 2.93
CA LEU A 30 5.20 -10.16 2.61
C LEU A 30 6.42 -11.07 2.65
N THR A 31 6.69 -11.65 3.81
CA THR A 31 7.83 -12.53 3.98
C THR A 31 7.49 -13.98 3.68
N GLU A 32 6.37 -14.45 4.21
CA GLU A 32 5.93 -15.83 4.00
C GLU A 32 4.97 -15.95 2.83
N PHE A 33 4.42 -14.81 2.38
CA PHE A 33 3.47 -14.82 1.27
C PHE A 33 4.19 -14.91 -0.07
N GLN A 34 5.45 -14.47 -0.09
CA GLN A 34 6.26 -14.50 -1.31
C GLN A 34 5.46 -14.10 -2.55
N ILE A 35 5.07 -12.83 -2.63
CA ILE A 35 4.31 -12.33 -3.77
C ILE A 35 5.10 -12.49 -5.07
N ALA A 36 4.41 -12.94 -6.11
CA ALA A 36 5.03 -13.14 -7.42
C ALA A 36 5.59 -11.83 -7.97
N ARG A 37 6.80 -11.88 -8.50
CA ARG A 37 7.45 -10.72 -9.08
C ARG A 37 6.74 -10.25 -10.35
N SER A 38 6.13 -11.20 -11.06
CA SER A 38 5.44 -10.89 -12.30
C SER A 38 4.19 -10.03 -12.06
N THR A 39 3.48 -10.31 -10.97
CA THR A 39 2.27 -9.58 -10.64
C THR A 39 2.52 -8.09 -10.47
N LEU A 40 3.77 -7.71 -10.27
CA LEU A 40 4.14 -6.31 -10.08
C LEU A 40 3.66 -5.45 -11.26
N ASP A 41 3.24 -6.10 -12.34
CA ASP A 41 2.75 -5.38 -13.52
C ASP A 41 1.58 -4.48 -13.16
N VAL A 42 0.66 -5.01 -12.35
CA VAL A 42 -0.51 -4.25 -11.92
C VAL A 42 -0.79 -4.45 -10.44
N ALA A 43 0.20 -5.01 -9.74
CA ALA A 43 0.07 -5.28 -8.31
C ALA A 43 -0.41 -4.05 -7.55
N ASP A 44 -0.07 -2.88 -8.04
CA ASP A 44 -0.45 -1.66 -7.35
C ASP A 44 -1.96 -1.55 -7.18
N ARG A 45 -2.72 -1.70 -8.26
CA ARG A 45 -4.18 -1.58 -8.18
C ARG A 45 -4.88 -2.84 -7.66
N THR A 46 -4.79 -3.93 -8.42
CA THR A 46 -5.50 -5.19 -8.10
C THR A 46 -4.83 -6.14 -7.09
N GLU A 47 -3.61 -6.57 -7.40
CA GLU A 47 -2.92 -7.59 -6.59
C GLU A 47 -2.60 -7.18 -5.15
N LEU A 48 -1.83 -6.12 -4.98
CA LEU A 48 -1.44 -5.67 -3.63
C LEU A 48 -2.65 -5.33 -2.79
N ALA A 49 -3.59 -4.59 -3.36
CA ALA A 49 -4.77 -4.17 -2.62
C ALA A 49 -5.49 -5.34 -1.97
N ASP A 50 -5.85 -6.33 -2.77
CA ASP A 50 -6.56 -7.52 -2.27
C ASP A 50 -5.68 -8.39 -1.36
N HIS A 51 -4.39 -8.44 -1.67
CA HIS A 51 -3.47 -9.30 -0.92
C HIS A 51 -3.19 -8.81 0.51
N LEU A 52 -2.68 -7.59 0.65
CA LEU A 52 -2.33 -7.05 1.97
C LEU A 52 -3.55 -6.87 2.88
N ILE A 53 -4.70 -6.53 2.31
CA ILE A 53 -5.90 -6.35 3.12
C ILE A 53 -6.25 -7.62 3.89
N GLN A 54 -5.99 -8.77 3.28
CA GLN A 54 -6.28 -10.05 3.90
C GLN A 54 -5.32 -10.33 5.05
N SER A 55 -4.13 -9.75 4.98
CA SER A 55 -3.11 -9.96 6.00
C SER A 55 -3.60 -9.52 7.38
N ALA A 56 -4.00 -8.26 7.52
CA ALA A 56 -4.48 -7.74 8.79
C ALA A 56 -5.89 -7.17 8.71
N GLY A 57 -6.23 -6.57 7.58
CA GLY A 57 -7.56 -6.00 7.41
C GLY A 57 -7.56 -4.86 6.42
N ALA A 58 -8.75 -4.36 6.09
CA ALA A 58 -8.90 -3.26 5.15
C ALA A 58 -8.20 -2.01 5.65
N ALA A 59 -8.75 -1.40 6.69
CA ALA A 59 -8.19 -0.18 7.26
C ALA A 59 -6.85 -0.44 7.96
N SER A 60 -6.70 -1.62 8.54
CA SER A 60 -5.47 -1.98 9.26
C SER A 60 -4.27 -2.09 8.34
N ALA A 61 -4.42 -2.79 7.22
CA ALA A 61 -3.32 -2.98 6.27
C ALA A 61 -2.96 -1.70 5.52
N VAL A 62 -3.97 -0.90 5.18
CA VAL A 62 -3.73 0.34 4.43
C VAL A 62 -3.00 1.38 5.28
N THR A 63 -3.26 1.39 6.58
CA THR A 63 -2.62 2.35 7.47
C THR A 63 -1.20 1.93 7.84
N LYS A 64 -1.01 0.63 8.09
CA LYS A 64 0.30 0.11 8.47
C LYS A 64 1.26 0.12 7.28
N ALA A 65 0.70 -0.07 6.08
CA ALA A 65 1.50 -0.09 4.86
C ALA A 65 2.34 1.17 4.72
N ILE A 66 1.82 2.28 5.24
CA ILE A 66 2.51 3.56 5.17
C ILE A 66 3.79 3.55 6.00
N ASN A 67 3.71 2.98 7.20
CA ASN A 67 4.86 2.92 8.10
C ASN A 67 6.04 2.17 7.47
N ILE A 68 5.72 1.07 6.78
CA ILE A 68 6.75 0.25 6.14
C ILE A 68 7.28 0.92 4.88
N PHE A 69 6.37 1.29 3.98
CA PHE A 69 6.73 1.91 2.71
C PHE A 69 7.53 3.20 2.89
N GLN A 70 7.31 3.90 4.01
CA GLN A 70 8.02 5.15 4.25
C GLN A 70 9.43 4.90 4.78
N LYS A 71 9.54 4.14 5.85
CA LYS A 71 10.82 3.85 6.48
C LYS A 71 11.72 2.98 5.60
N LEU A 72 11.19 2.48 4.50
CA LEU A 72 11.99 1.59 3.64
C LEU A 72 12.54 2.25 2.38
N ASN A 73 11.74 3.07 1.71
CA ASN A 73 12.20 3.69 0.47
C ASN A 73 12.12 5.20 0.44
N TYR A 74 10.96 5.76 0.77
CA TYR A 74 10.76 7.20 0.69
C TYR A 74 10.01 7.79 1.88
N MET A 75 10.57 7.70 3.08
CA MET A 75 9.94 8.25 4.26
C MET A 75 9.52 9.70 4.05
N HIS A 76 10.11 10.34 3.02
CA HIS A 76 9.80 11.72 2.70
C HIS A 76 8.51 11.82 1.89
N ILE A 77 8.41 11.04 0.82
CA ILE A 77 7.23 11.05 -0.04
C ILE A 77 5.98 10.55 0.69
N ALA A 78 6.10 9.40 1.35
CA ALA A 78 4.98 8.82 2.07
C ALA A 78 4.38 9.80 3.08
N ASN A 79 5.23 10.68 3.62
CA ASN A 79 4.77 11.67 4.59
C ASN A 79 3.57 12.46 4.06
N ALA A 80 3.58 12.71 2.76
CA ALA A 80 2.50 13.46 2.12
C ALA A 80 1.23 12.61 2.00
N LEU A 81 1.41 11.31 1.79
CA LEU A 81 0.28 10.39 1.64
C LEU A 81 -0.45 10.15 2.97
N GLU A 82 0.31 9.89 4.03
CA GLU A 82 -0.28 9.62 5.34
C GLU A 82 -1.21 10.74 5.78
N GLU A 83 -0.98 11.95 5.27
CA GLU A 83 -1.81 13.10 5.61
C GLU A 83 -3.26 12.88 5.16
N LYS A 84 -3.42 12.22 4.03
CA LYS A 84 -4.74 11.93 3.47
C LYS A 84 -5.62 11.17 4.46
N LYS A 85 -4.98 10.39 5.34
CA LYS A 85 -5.71 9.59 6.32
C LYS A 85 -6.73 10.41 7.10
N LYS A 86 -6.42 11.68 7.38
CA LYS A 86 -7.34 12.54 8.12
C LYS A 86 -8.70 12.62 7.41
N GLU A 87 -8.68 12.66 6.09
CA GLU A 87 -9.90 12.74 5.30
C GLU A 87 -10.58 11.37 5.22
N ALA A 88 -9.78 10.31 5.30
CA ALA A 88 -10.30 8.95 5.23
C ALA A 88 -11.26 8.67 6.38
N GLU A 89 -11.05 9.36 7.50
CA GLU A 89 -11.89 9.17 8.68
C GLU A 89 -13.37 9.31 8.33
N ARG A 90 -13.73 10.41 7.69
CA ARG A 90 -15.12 10.65 7.30
C ARG A 90 -15.55 9.72 6.17
N LYS A 91 -14.57 9.12 5.50
CA LYS A 91 -14.85 8.19 4.40
C LYS A 91 -15.18 6.80 4.94
N LEU A 92 -14.68 6.49 6.12
CA LEU A 92 -14.91 5.19 6.74
C LEU A 92 -16.10 5.24 7.70
N MET A 93 -16.74 6.41 7.78
CA MET A 93 -17.88 6.59 8.67
C MET A 93 -19.16 6.05 8.01
N THR A 94 -19.15 5.95 6.69
CA THR A 94 -20.30 5.45 5.94
C THR A 94 -19.87 4.58 4.76
N ASN A 95 -20.80 3.78 4.26
CA ASN A 95 -20.52 2.90 3.13
C ASN A 95 -21.52 3.13 2.00
N MET A 1 -15.46 4.87 -1.62
CA MET A 1 -15.38 3.45 -1.20
C MET A 1 -13.96 3.10 -0.76
N GLU A 2 -13.85 2.06 0.06
CA GLU A 2 -12.55 1.62 0.56
C GLU A 2 -11.65 1.16 -0.57
N SER A 3 -12.27 0.65 -1.63
CA SER A 3 -11.53 0.17 -2.80
C SER A 3 -10.71 1.30 -3.43
N GLU A 4 -11.29 2.49 -3.47
CA GLU A 4 -10.62 3.65 -4.05
C GLU A 4 -9.54 4.19 -3.12
N TYR A 5 -9.77 4.03 -1.82
CA TYR A 5 -8.82 4.51 -0.81
C TYR A 5 -7.56 3.66 -0.80
N ARG A 6 -7.71 2.35 -1.00
CA ARG A 6 -6.58 1.44 -1.00
C ARG A 6 -5.87 1.43 -2.36
N GLU A 7 -6.62 1.69 -3.43
CA GLU A 7 -6.07 1.68 -4.77
C GLU A 7 -5.13 2.86 -5.02
N MET A 8 -5.62 4.08 -4.76
CA MET A 8 -4.82 5.28 -4.98
C MET A 8 -3.67 5.40 -3.99
N LEU A 9 -3.95 5.16 -2.72
CA LEU A 9 -2.93 5.26 -1.67
C LEU A 9 -1.72 4.37 -1.96
N LEU A 10 -1.96 3.22 -2.58
CA LEU A 10 -0.88 2.29 -2.89
C LEU A 10 -0.14 2.64 -4.17
N LEU A 11 -0.87 2.70 -5.29
CA LEU A 11 -0.29 2.99 -6.59
C LEU A 11 0.57 4.28 -6.55
N THR A 12 0.27 5.17 -5.62
CA THR A 12 1.01 6.41 -5.49
C THR A 12 2.51 6.14 -5.36
N GLY A 13 2.84 5.04 -4.69
CA GLY A 13 4.23 4.68 -4.49
C GLY A 13 4.73 3.66 -5.50
N LEU A 14 3.93 2.63 -5.76
CA LEU A 14 4.30 1.59 -6.70
C LEU A 14 4.64 2.16 -8.07
N ASP A 15 3.71 2.93 -8.63
CA ASP A 15 3.91 3.54 -9.94
C ASP A 15 4.87 4.72 -9.89
N HIS A 16 5.55 4.89 -8.76
CA HIS A 16 6.50 5.98 -8.60
C HIS A 16 7.90 5.47 -8.27
N ILE A 17 7.97 4.27 -7.69
CA ILE A 17 9.26 3.69 -7.33
C ILE A 17 9.82 2.83 -8.46
N THR A 18 11.11 2.49 -8.34
CA THR A 18 11.77 1.67 -9.35
C THR A 18 11.51 0.19 -9.10
N GLU A 19 11.65 -0.61 -10.15
CA GLU A 19 11.44 -2.05 -10.04
C GLU A 19 12.43 -2.69 -9.07
N GLU A 20 13.63 -2.13 -9.00
CA GLU A 20 14.67 -2.63 -8.12
C GLU A 20 14.26 -2.53 -6.66
N GLU A 21 13.66 -1.40 -6.29
CA GLU A 21 13.21 -1.18 -4.92
C GLU A 21 11.92 -1.94 -4.63
N LEU A 22 11.13 -2.16 -5.68
CA LEU A 22 9.87 -2.88 -5.54
C LEU A 22 10.09 -4.29 -4.99
N LYS A 23 11.25 -4.86 -5.31
CA LYS A 23 11.59 -6.22 -4.86
C LYS A 23 11.86 -6.26 -3.36
N ARG A 24 12.68 -5.34 -2.88
CA ARG A 24 13.02 -5.31 -1.46
C ARG A 24 11.81 -4.99 -0.60
N PHE A 25 10.92 -4.14 -1.12
CA PHE A 25 9.73 -3.76 -0.38
C PHE A 25 8.83 -4.97 -0.12
N LYS A 26 8.46 -5.67 -1.19
CA LYS A 26 7.61 -6.85 -1.08
C LYS A 26 8.24 -7.90 -0.17
N TYR A 27 9.56 -7.86 -0.06
CA TYR A 27 10.29 -8.81 0.77
C TYR A 27 10.05 -8.54 2.25
N PHE A 28 9.93 -7.26 2.61
CA PHE A 28 9.71 -6.87 4.00
C PHE A 28 8.24 -7.03 4.39
N ALA A 29 7.33 -6.46 3.60
CA ALA A 29 5.92 -6.56 3.89
C ALA A 29 5.43 -8.00 3.80
N LEU A 30 5.72 -8.65 2.68
CA LEU A 30 5.32 -10.03 2.49
C LEU A 30 6.49 -10.97 2.78
N THR A 31 6.59 -11.41 4.04
CA THR A 31 7.66 -12.31 4.43
C THR A 31 7.25 -13.77 4.29
N GLU A 32 6.10 -14.10 4.86
CA GLU A 32 5.58 -15.47 4.80
C GLU A 32 4.58 -15.63 3.67
N PHE A 33 4.14 -14.50 3.11
CA PHE A 33 3.17 -14.52 2.02
C PHE A 33 3.84 -14.77 0.68
N GLN A 34 5.13 -14.45 0.59
CA GLN A 34 5.89 -14.64 -0.64
C GLN A 34 5.12 -14.16 -1.87
N ILE A 35 4.95 -12.83 -1.96
CA ILE A 35 4.23 -12.23 -3.08
C ILE A 35 4.74 -12.77 -4.42
N ALA A 36 3.89 -12.75 -5.43
CA ALA A 36 4.27 -13.25 -6.75
C ALA A 36 5.05 -12.21 -7.54
N ARG A 37 6.08 -12.67 -8.24
CA ARG A 37 6.93 -11.79 -9.05
C ARG A 37 6.16 -11.19 -10.23
N SER A 38 5.49 -12.06 -10.98
CA SER A 38 4.71 -11.62 -12.14
C SER A 38 3.61 -10.65 -11.74
N THR A 39 3.12 -10.81 -10.51
CA THR A 39 2.06 -9.96 -9.99
C THR A 39 2.48 -8.48 -9.98
N LEU A 40 3.79 -8.23 -9.88
CA LEU A 40 4.32 -6.87 -9.84
C LEU A 40 3.92 -6.07 -11.07
N ASP A 41 3.29 -6.73 -12.05
CA ASP A 41 2.86 -6.05 -13.27
C ASP A 41 1.82 -4.98 -12.97
N VAL A 42 0.65 -5.41 -12.50
CA VAL A 42 -0.43 -4.48 -12.17
C VAL A 42 -0.74 -4.50 -10.66
N ALA A 43 0.17 -5.08 -9.90
CA ALA A 43 0.01 -5.18 -8.45
C ALA A 43 -0.47 -3.88 -7.81
N ASP A 44 0.00 -2.76 -8.32
CA ASP A 44 -0.34 -1.48 -7.72
C ASP A 44 -1.86 -1.26 -7.63
N ARG A 45 -2.57 -1.39 -8.75
CA ARG A 45 -4.02 -1.17 -8.71
C ARG A 45 -4.86 -2.34 -8.19
N THR A 46 -4.81 -3.48 -8.89
CA THR A 46 -5.63 -4.65 -8.55
C THR A 46 -5.08 -5.62 -7.49
N GLU A 47 -3.90 -6.17 -7.74
CA GLU A 47 -3.33 -7.21 -6.89
C GLU A 47 -2.85 -6.76 -5.50
N LEU A 48 -1.91 -5.84 -5.43
CA LEU A 48 -1.37 -5.40 -4.15
C LEU A 48 -2.47 -4.96 -3.17
N ALA A 49 -3.50 -4.30 -3.70
CA ALA A 49 -4.60 -3.84 -2.86
C ALA A 49 -5.37 -4.98 -2.21
N ASP A 50 -5.86 -5.90 -3.04
CA ASP A 50 -6.63 -7.04 -2.55
C ASP A 50 -5.79 -8.03 -1.74
N HIS A 51 -4.53 -8.20 -2.12
CA HIS A 51 -3.64 -9.14 -1.45
C HIS A 51 -3.41 -8.79 0.02
N LEU A 52 -2.88 -7.60 0.27
CA LEU A 52 -2.58 -7.17 1.63
C LEU A 52 -3.79 -7.27 2.56
N ILE A 53 -4.99 -7.07 2.00
CA ILE A 53 -6.22 -7.14 2.78
C ILE A 53 -6.32 -8.46 3.55
N GLN A 54 -5.83 -9.54 2.93
CA GLN A 54 -5.87 -10.86 3.56
C GLN A 54 -4.92 -10.94 4.76
N SER A 55 -3.85 -10.14 4.73
CA SER A 55 -2.87 -10.14 5.80
C SER A 55 -3.43 -9.53 7.09
N ALA A 56 -3.87 -8.28 7.01
CA ALA A 56 -4.41 -7.60 8.18
C ALA A 56 -5.83 -7.08 7.95
N GLY A 57 -6.08 -6.65 6.72
CA GLY A 57 -7.40 -6.12 6.38
C GLY A 57 -7.32 -4.96 5.41
N ALA A 58 -8.46 -4.35 5.12
CA ALA A 58 -8.50 -3.22 4.19
C ALA A 58 -7.90 -1.97 4.82
N ALA A 59 -8.59 -1.40 5.81
CA ALA A 59 -8.13 -0.19 6.48
C ALA A 59 -6.88 -0.44 7.32
N SER A 60 -6.77 -1.64 7.88
CA SER A 60 -5.64 -1.99 8.73
C SER A 60 -4.33 -2.06 7.94
N ALA A 61 -4.34 -2.79 6.83
CA ALA A 61 -3.14 -2.95 6.01
C ALA A 61 -2.77 -1.67 5.26
N VAL A 62 -3.76 -0.99 4.69
CA VAL A 62 -3.52 0.24 3.95
C VAL A 62 -2.85 1.30 4.82
N THR A 63 -3.15 1.29 6.12
CA THR A 63 -2.58 2.27 7.04
C THR A 63 -1.16 1.89 7.46
N LYS A 64 -0.96 0.63 7.82
CA LYS A 64 0.36 0.17 8.25
C LYS A 64 1.35 0.19 7.08
N ALA A 65 0.85 -0.09 5.88
CA ALA A 65 1.70 -0.09 4.69
C ALA A 65 2.45 1.22 4.56
N ILE A 66 1.84 2.29 5.05
CA ILE A 66 2.44 3.61 5.00
C ILE A 66 3.70 3.68 5.86
N ASN A 67 3.64 3.05 7.03
CA ASN A 67 4.77 3.04 7.95
C ASN A 67 5.96 2.26 7.40
N ILE A 68 5.68 1.14 6.74
CA ILE A 68 6.74 0.31 6.17
C ILE A 68 7.32 0.93 4.90
N PHE A 69 6.44 1.29 3.97
CA PHE A 69 6.86 1.88 2.70
C PHE A 69 7.65 3.17 2.89
N GLN A 70 7.29 3.96 3.88
CA GLN A 70 7.96 5.23 4.13
C GLN A 70 9.40 5.03 4.63
N LYS A 71 9.55 4.29 5.72
CA LYS A 71 10.85 4.04 6.32
C LYS A 71 11.75 3.19 5.40
N LEU A 72 11.19 2.67 4.32
CA LEU A 72 11.98 1.80 3.44
C LEU A 72 12.45 2.48 2.15
N ASN A 73 11.60 3.28 1.53
CA ASN A 73 11.99 3.92 0.27
C ASN A 73 11.87 5.44 0.27
N TYR A 74 10.72 5.95 0.68
CA TYR A 74 10.47 7.40 0.63
C TYR A 74 9.78 7.94 1.87
N MET A 75 10.42 7.84 3.02
CA MET A 75 9.84 8.35 4.26
C MET A 75 9.39 9.80 4.09
N HIS A 76 9.94 10.47 3.08
CA HIS A 76 9.60 11.86 2.79
C HIS A 76 8.29 11.96 2.00
N ILE A 77 8.19 11.19 0.92
CA ILE A 77 7.00 11.20 0.08
C ILE A 77 5.78 10.64 0.81
N ALA A 78 5.93 9.46 1.40
CA ALA A 78 4.84 8.81 2.12
C ALA A 78 4.27 9.72 3.21
N ASN A 79 5.12 10.56 3.78
CA ASN A 79 4.70 11.49 4.84
C ASN A 79 3.49 12.30 4.39
N ALA A 80 3.43 12.59 3.09
CA ALA A 80 2.32 13.35 2.54
C ALA A 80 1.03 12.53 2.48
N LEU A 81 1.19 11.23 2.24
CA LEU A 81 0.03 10.33 2.14
C LEU A 81 -0.59 10.07 3.50
N GLU A 82 0.23 9.79 4.50
CA GLU A 82 -0.26 9.51 5.85
C GLU A 82 -1.18 10.62 6.36
N GLU A 83 -0.95 11.84 5.86
CA GLU A 83 -1.76 12.98 6.27
C GLU A 83 -3.19 12.85 5.76
N LYS A 84 -3.33 12.30 4.55
CA LYS A 84 -4.64 12.11 3.94
C LYS A 84 -5.54 11.26 4.83
N LYS A 85 -4.92 10.38 5.62
CA LYS A 85 -5.66 9.50 6.52
C LYS A 85 -6.64 10.27 7.39
N LYS A 86 -6.27 11.49 7.79
CA LYS A 86 -7.13 12.31 8.63
C LYS A 86 -8.53 12.45 8.01
N GLU A 87 -8.57 12.62 6.70
CA GLU A 87 -9.83 12.76 5.98
C GLU A 87 -10.51 11.40 5.81
N ALA A 88 -9.71 10.35 5.75
CA ALA A 88 -10.22 8.99 5.58
C ALA A 88 -11.17 8.62 6.72
N GLU A 89 -10.98 9.23 7.88
CA GLU A 89 -11.82 8.95 9.04
C GLU A 89 -13.31 9.04 8.70
N ARG A 90 -13.71 10.14 8.07
CA ARG A 90 -15.11 10.33 7.70
C ARG A 90 -15.52 9.42 6.54
N LYS A 91 -14.53 8.90 5.83
CA LYS A 91 -14.80 8.02 4.69
C LYS A 91 -15.17 6.61 5.16
N LEU A 92 -14.86 6.31 6.41
CA LEU A 92 -15.17 4.99 6.98
C LEU A 92 -16.35 5.07 7.94
N MET A 93 -17.02 6.23 7.98
CA MET A 93 -18.17 6.43 8.85
C MET A 93 -19.47 6.17 8.10
N THR A 94 -19.38 6.07 6.78
CA THR A 94 -20.55 5.82 5.95
C THR A 94 -20.18 5.03 4.70
N ASN A 95 -21.14 4.26 4.19
CA ASN A 95 -20.91 3.46 3.00
C ASN A 95 -21.03 4.31 1.74
#